data_5UZM
# 
_entry.id   5UZM 
# 
_audit_conform.dict_name       mmcif_pdbx.dic 
_audit_conform.dict_version    5.379 
_audit_conform.dict_location   http://mmcif.pdb.org/dictionaries/ascii/mmcif_pdbx.dic 
# 
loop_
_database_2.database_id 
_database_2.database_code 
_database_2.pdbx_database_accession 
_database_2.pdbx_DOI 
PDB   5UZM         pdb_00005uzm 10.2210/pdb5uzm/pdb 
WWPDB D_1000226671 ?            ?                   
# 
loop_
_pdbx_database_related.db_name 
_pdbx_database_related.details 
_pdbx_database_related.db_id 
_pdbx_database_related.content_type 
PDB '5UZG is same protein but different domain (region).' 5UZG unspecified 
PDB .                                                     5UZN unspecified 
# 
_pdbx_database_status.status_code                     REL 
_pdbx_database_status.status_code_sf                  REL 
_pdbx_database_status.status_code_mr                  ? 
_pdbx_database_status.entry_id                        5UZM 
_pdbx_database_status.recvd_initial_deposition_date   2017-02-27 
_pdbx_database_status.SG_entry                        N 
_pdbx_database_status.deposit_site                    RCSB 
_pdbx_database_status.process_site                    RCSB 
_pdbx_database_status.status_code_cs                  ? 
_pdbx_database_status.methods_development_category    ? 
_pdbx_database_status.pdb_format_compatible           Y 
_pdbx_database_status.status_code_nmr_data            ? 
# 
loop_
_audit_author.name 
_audit_author.pdbx_ordinal 
_audit_author.identifier_ORCID 
'Teramoto, T.' 1 ? 
'Hall, T.M.T.' 2 ? 
# 
_citation.abstract                  ? 
_citation.abstract_id_CAS           ? 
_citation.book_id_ISBN              ? 
_citation.book_publisher            ? 
_citation.book_publisher_city       ? 
_citation.book_title                ? 
_citation.coordinate_linkage        ? 
_citation.country                   US 
_citation.database_id_Medline       ? 
_citation.details                   ? 
_citation.id                        primary 
_citation.journal_abbrev            'Cell Rep' 
_citation.journal_id_ASTM           ? 
_citation.journal_id_CSD            ? 
_citation.journal_id_ISSN           2211-1247 
_citation.journal_full              ? 
_citation.journal_issue             ? 
_citation.journal_volume            19 
_citation.language                  ? 
_citation.page_first                150 
_citation.page_last                 161 
_citation.title                     
'The Drosophila hnRNP F/H Homolog Glorund Uses Two Distinct RNA-Binding Modes to Diversify Target Recognition.' 
_citation.year                      2017 
_citation.database_id_CSD           ? 
_citation.pdbx_database_id_DOI      10.1016/j.celrep.2017.03.022 
_citation.pdbx_database_id_PubMed   28380354 
_citation.unpublished_flag          ? 
# 
loop_
_citation_author.citation_id 
_citation_author.name 
_citation_author.ordinal 
_citation_author.identifier_ORCID 
primary 'Tamayo, J.V.'   1 ? 
primary 'Teramoto, T.'   2 ? 
primary 'Chatterjee, S.' 3 ? 
primary 'Hall, T.M.'     4 ? 
primary 'Gavis, E.R.'    5 ? 
# 
_cell.angle_alpha                  90.00 
_cell.angle_alpha_esd              ? 
_cell.angle_beta                   106.77 
_cell.angle_beta_esd               ? 
_cell.angle_gamma                  90.00 
_cell.angle_gamma_esd              ? 
_cell.entry_id                     5UZM 
_cell.details                      ? 
_cell.formula_units_Z              ? 
_cell.length_a                     45.770 
_cell.length_a_esd                 ? 
_cell.length_b                     28.969 
_cell.length_b_esd                 ? 
_cell.length_c                     69.520 
_cell.length_c_esd                 ? 
_cell.volume                       ? 
_cell.volume_esd                   ? 
_cell.Z_PDB                        4 
_cell.reciprocal_angle_alpha       ? 
_cell.reciprocal_angle_beta        ? 
_cell.reciprocal_angle_gamma       ? 
_cell.reciprocal_angle_alpha_esd   ? 
_cell.reciprocal_angle_beta_esd    ? 
_cell.reciprocal_angle_gamma_esd   ? 
_cell.reciprocal_length_a          ? 
_cell.reciprocal_length_b          ? 
_cell.reciprocal_length_c          ? 
_cell.reciprocal_length_a_esd      ? 
_cell.reciprocal_length_b_esd      ? 
_cell.reciprocal_length_c_esd      ? 
_cell.pdbx_unique_axis             ? 
# 
_symmetry.entry_id                         5UZM 
_symmetry.cell_setting                     ? 
_symmetry.Int_Tables_number                4 
_symmetry.space_group_name_Hall            ? 
_symmetry.space_group_name_H-M             'P 1 21 1' 
_symmetry.pdbx_full_space_group_name_H-M   ? 
# 
loop_
_entity.id 
_entity.type 
_entity.src_method 
_entity.pdbx_description 
_entity.formula_weight 
_entity.pdbx_number_of_molecules 
_entity.pdbx_ec 
_entity.pdbx_mutation 
_entity.pdbx_fragment 
_entity.details 
1 polymer man AT27789p 11024.400 2   ? ? 'residues 142-234' ? 
2 water   nat water    18.015    127 ? ? ?                  ? 
# 
_entity_name_com.entity_id   1 
_entity_name_com.name        'Glorund,isoform A,isoform B' 
# 
_entity_poly.entity_id                      1 
_entity_poly.type                           'polypeptide(L)' 
_entity_poly.nstd_linkage                   no 
_entity_poly.nstd_monomer                   no 
_entity_poly.pdbx_seq_one_letter_code       
;GSHMHGTAFVVKLRGLPYAVTEQQIEEFFSGLDIKTDREGILFVMDRRGRATGEAFVQFESQDDTEQALGRNREKIGHRY
IEIFRSSIAEMKRATGA
;
_entity_poly.pdbx_seq_one_letter_code_can   
;GSHMHGTAFVVKLRGLPYAVTEQQIEEFFSGLDIKTDREGILFVMDRRGRATGEAFVQFESQDDTEQALGRNREKIGHRY
IEIFRSSIAEMKRATGA
;
_entity_poly.pdbx_strand_id                 A,B 
_entity_poly.pdbx_target_identifier         ? 
# 
loop_
_entity_poly_seq.entity_id 
_entity_poly_seq.num 
_entity_poly_seq.mon_id 
_entity_poly_seq.hetero 
1 1  GLY n 
1 2  SER n 
1 3  HIS n 
1 4  MET n 
1 5  HIS n 
1 6  GLY n 
1 7  THR n 
1 8  ALA n 
1 9  PHE n 
1 10 VAL n 
1 11 VAL n 
1 12 LYS n 
1 13 LEU n 
1 14 ARG n 
1 15 GLY n 
1 16 LEU n 
1 17 PRO n 
1 18 TYR n 
1 19 ALA n 
1 20 VAL n 
1 21 THR n 
1 22 GLU n 
1 23 GLN n 
1 24 GLN n 
1 25 ILE n 
1 26 GLU n 
1 27 GLU n 
1 28 PHE n 
1 29 PHE n 
1 30 SER n 
1 31 GLY n 
1 32 LEU n 
1 33 ASP n 
1 34 ILE n 
1 35 LYS n 
1 36 THR n 
1 37 ASP n 
1 38 ARG n 
1 39 GLU n 
1 40 GLY n 
1 41 ILE n 
1 42 LEU n 
1 43 PHE n 
1 44 VAL n 
1 45 MET n 
1 46 ASP n 
1 47 ARG n 
1 48 ARG n 
1 49 GLY n 
1 50 ARG n 
1 51 ALA n 
1 52 THR n 
1 53 GLY n 
1 54 GLU n 
1 55 ALA n 
1 56 PHE n 
1 57 VAL n 
1 58 GLN n 
1 59 PHE n 
1 60 GLU n 
1 61 SER n 
1 62 GLN n 
1 63 ASP n 
1 64 ASP n 
1 65 THR n 
1 66 GLU n 
1 67 GLN n 
1 68 ALA n 
1 69 LEU n 
1 70 GLY n 
1 71 ARG n 
1 72 ASN n 
1 73 ARG n 
1 74 GLU n 
1 75 LYS n 
1 76 ILE n 
1 77 GLY n 
1 78 HIS n 
1 79 ARG n 
1 80 TYR n 
1 81 ILE n 
1 82 GLU n 
1 83 ILE n 
1 84 PHE n 
1 85 ARG n 
1 86 SER n 
1 87 SER n 
1 88 ILE n 
1 89 ALA n 
1 90 GLU n 
1 91 MET n 
1 92 LYS n 
1 93 ARG n 
1 94 ALA n 
1 95 THR n 
1 96 GLY n 
1 97 ALA n 
# 
_entity_src_gen.entity_id                          1 
_entity_src_gen.pdbx_src_id                        1 
_entity_src_gen.pdbx_alt_source_flag               sample 
_entity_src_gen.pdbx_seq_type                      'Biological sequence' 
_entity_src_gen.pdbx_beg_seq_num                   1 
_entity_src_gen.pdbx_end_seq_num                   97 
_entity_src_gen.gene_src_common_name               'Fruit fly' 
_entity_src_gen.gene_src_genus                     ? 
_entity_src_gen.pdbx_gene_src_gene                 'glo, CG6946, Dmel_CG6946' 
_entity_src_gen.gene_src_species                   ? 
_entity_src_gen.gene_src_strain                    ? 
_entity_src_gen.gene_src_tissue                    ? 
_entity_src_gen.gene_src_tissue_fraction           ? 
_entity_src_gen.gene_src_details                   ? 
_entity_src_gen.pdbx_gene_src_fragment             ? 
_entity_src_gen.pdbx_gene_src_scientific_name      'Drosophila melanogaster' 
_entity_src_gen.pdbx_gene_src_ncbi_taxonomy_id     7227 
_entity_src_gen.pdbx_gene_src_variant              ? 
_entity_src_gen.pdbx_gene_src_cell_line            ? 
_entity_src_gen.pdbx_gene_src_atcc                 ? 
_entity_src_gen.pdbx_gene_src_organ                ? 
_entity_src_gen.pdbx_gene_src_organelle            ? 
_entity_src_gen.pdbx_gene_src_cell                 ? 
_entity_src_gen.pdbx_gene_src_cellular_location    ? 
_entity_src_gen.host_org_common_name               ? 
_entity_src_gen.pdbx_host_org_scientific_name      'Escherichia coli' 
_entity_src_gen.pdbx_host_org_ncbi_taxonomy_id     562 
_entity_src_gen.host_org_genus                     ? 
_entity_src_gen.pdbx_host_org_gene                 ? 
_entity_src_gen.pdbx_host_org_organ                ? 
_entity_src_gen.host_org_species                   ? 
_entity_src_gen.pdbx_host_org_tissue               ? 
_entity_src_gen.pdbx_host_org_tissue_fraction      ? 
_entity_src_gen.pdbx_host_org_strain               ? 
_entity_src_gen.pdbx_host_org_variant              ? 
_entity_src_gen.pdbx_host_org_cell_line            ? 
_entity_src_gen.pdbx_host_org_atcc                 ? 
_entity_src_gen.pdbx_host_org_culture_collection   ? 
_entity_src_gen.pdbx_host_org_cell                 ? 
_entity_src_gen.pdbx_host_org_organelle            ? 
_entity_src_gen.pdbx_host_org_cellular_location    ? 
_entity_src_gen.pdbx_host_org_vector_type          ? 
_entity_src_gen.pdbx_host_org_vector               ? 
_entity_src_gen.host_org_details                   ? 
_entity_src_gen.expression_system_id               ? 
_entity_src_gen.plasmid_name                       ? 
_entity_src_gen.plasmid_details                    ? 
_entity_src_gen.pdbx_description                   ? 
# 
_struct_ref.id                         1 
_struct_ref.db_name                    UNP 
_struct_ref.db_code                    Q9VGH5_DROME 
_struct_ref.pdbx_db_accession          Q9VGH5 
_struct_ref.pdbx_db_isoform            ? 
_struct_ref.entity_id                  1 
_struct_ref.pdbx_seq_one_letter_code   
;HGTAFVVKLRGLPYAVTEQQIEEFFSGLDIKTDREGILFVMDRRGRATGEAFVQFESQDDTEQALGRNREKIGHRYIEIF
RSSIAEMKRATGA
;
_struct_ref.pdbx_align_begin           142 
# 
loop_
_struct_ref_seq.align_id 
_struct_ref_seq.ref_id 
_struct_ref_seq.pdbx_PDB_id_code 
_struct_ref_seq.pdbx_strand_id 
_struct_ref_seq.seq_align_beg 
_struct_ref_seq.pdbx_seq_align_beg_ins_code 
_struct_ref_seq.seq_align_end 
_struct_ref_seq.pdbx_seq_align_end_ins_code 
_struct_ref_seq.pdbx_db_accession 
_struct_ref_seq.db_align_beg 
_struct_ref_seq.pdbx_db_align_beg_ins_code 
_struct_ref_seq.db_align_end 
_struct_ref_seq.pdbx_db_align_end_ins_code 
_struct_ref_seq.pdbx_auth_seq_align_beg 
_struct_ref_seq.pdbx_auth_seq_align_end 
1 1 5UZM A 5 ? 97 ? Q9VGH5 142 ? 234 ? 142 234 
2 1 5UZM B 5 ? 97 ? Q9VGH5 142 ? 234 ? 142 234 
# 
loop_
_struct_ref_seq_dif.align_id 
_struct_ref_seq_dif.pdbx_pdb_id_code 
_struct_ref_seq_dif.mon_id 
_struct_ref_seq_dif.pdbx_pdb_strand_id 
_struct_ref_seq_dif.seq_num 
_struct_ref_seq_dif.pdbx_pdb_ins_code 
_struct_ref_seq_dif.pdbx_seq_db_name 
_struct_ref_seq_dif.pdbx_seq_db_accession_code 
_struct_ref_seq_dif.db_mon_id 
_struct_ref_seq_dif.pdbx_seq_db_seq_num 
_struct_ref_seq_dif.details 
_struct_ref_seq_dif.pdbx_auth_seq_num 
_struct_ref_seq_dif.pdbx_ordinal 
1 5UZM GLY A 1 ? UNP Q9VGH5 ? ? 'expression tag' 138 1 
1 5UZM SER A 2 ? UNP Q9VGH5 ? ? 'expression tag' 139 2 
1 5UZM HIS A 3 ? UNP Q9VGH5 ? ? 'expression tag' 140 3 
1 5UZM MET A 4 ? UNP Q9VGH5 ? ? 'expression tag' 141 4 
2 5UZM GLY B 1 ? UNP Q9VGH5 ? ? 'expression tag' 138 5 
2 5UZM SER B 2 ? UNP Q9VGH5 ? ? 'expression tag' 139 6 
2 5UZM HIS B 3 ? UNP Q9VGH5 ? ? 'expression tag' 140 7 
2 5UZM MET B 4 ? UNP Q9VGH5 ? ? 'expression tag' 141 8 
# 
loop_
_chem_comp.id 
_chem_comp.type 
_chem_comp.mon_nstd_flag 
_chem_comp.name 
_chem_comp.pdbx_synonyms 
_chem_comp.formula 
_chem_comp.formula_weight 
ALA 'L-peptide linking' y ALANINE         ? 'C3 H7 N O2'     89.093  
ARG 'L-peptide linking' y ARGININE        ? 'C6 H15 N4 O2 1' 175.209 
ASN 'L-peptide linking' y ASPARAGINE      ? 'C4 H8 N2 O3'    132.118 
ASP 'L-peptide linking' y 'ASPARTIC ACID' ? 'C4 H7 N O4'     133.103 
GLN 'L-peptide linking' y GLUTAMINE       ? 'C5 H10 N2 O3'   146.144 
GLU 'L-peptide linking' y 'GLUTAMIC ACID' ? 'C5 H9 N O4'     147.129 
GLY 'peptide linking'   y GLYCINE         ? 'C2 H5 N O2'     75.067  
HIS 'L-peptide linking' y HISTIDINE       ? 'C6 H10 N3 O2 1' 156.162 
HOH non-polymer         . WATER           ? 'H2 O'           18.015  
ILE 'L-peptide linking' y ISOLEUCINE      ? 'C6 H13 N O2'    131.173 
LEU 'L-peptide linking' y LEUCINE         ? 'C6 H13 N O2'    131.173 
LYS 'L-peptide linking' y LYSINE          ? 'C6 H15 N2 O2 1' 147.195 
MET 'L-peptide linking' y METHIONINE      ? 'C5 H11 N O2 S'  149.211 
PHE 'L-peptide linking' y PHENYLALANINE   ? 'C9 H11 N O2'    165.189 
PRO 'L-peptide linking' y PROLINE         ? 'C5 H9 N O2'     115.130 
SER 'L-peptide linking' y SERINE          ? 'C3 H7 N O3'     105.093 
THR 'L-peptide linking' y THREONINE       ? 'C4 H9 N O3'     119.119 
TYR 'L-peptide linking' y TYROSINE        ? 'C9 H11 N O3'    181.189 
VAL 'L-peptide linking' y VALINE          ? 'C5 H11 N O2'    117.146 
# 
_exptl.absorpt_coefficient_mu     ? 
_exptl.absorpt_correction_T_max   ? 
_exptl.absorpt_correction_T_min   ? 
_exptl.absorpt_correction_type    ? 
_exptl.absorpt_process_details    ? 
_exptl.entry_id                   5UZM 
_exptl.crystals_number            1 
_exptl.details                    ? 
_exptl.method                     'X-RAY DIFFRACTION' 
_exptl.method_details             ? 
# 
_exptl_crystal.colour                      ? 
_exptl_crystal.density_diffrn              ? 
_exptl_crystal.density_Matthews            2.08 
_exptl_crystal.density_method              ? 
_exptl_crystal.density_percent_sol         40.85 
_exptl_crystal.description                 ? 
_exptl_crystal.F_000                       ? 
_exptl_crystal.id                          1 
_exptl_crystal.preparation                 ? 
_exptl_crystal.size_max                    ? 
_exptl_crystal.size_mid                    ? 
_exptl_crystal.size_min                    ? 
_exptl_crystal.size_rad                    ? 
_exptl_crystal.colour_lustre               ? 
_exptl_crystal.colour_modifier             ? 
_exptl_crystal.colour_primary              ? 
_exptl_crystal.density_meas                ? 
_exptl_crystal.density_meas_esd            ? 
_exptl_crystal.density_meas_gt             ? 
_exptl_crystal.density_meas_lt             ? 
_exptl_crystal.density_meas_temp           ? 
_exptl_crystal.density_meas_temp_esd       ? 
_exptl_crystal.density_meas_temp_gt        ? 
_exptl_crystal.density_meas_temp_lt        ? 
_exptl_crystal.pdbx_crystal_image_url      ? 
_exptl_crystal.pdbx_crystal_image_format   ? 
_exptl_crystal.pdbx_mosaicity              ? 
_exptl_crystal.pdbx_mosaicity_esd          ? 
# 
_exptl_crystal_grow.apparatus       ? 
_exptl_crystal_grow.atmosphere      ? 
_exptl_crystal_grow.crystal_id      1 
_exptl_crystal_grow.details         ? 
_exptl_crystal_grow.method          'VAPOR DIFFUSION, HANGING DROP' 
_exptl_crystal_grow.method_ref      ? 
_exptl_crystal_grow.pH              ? 
_exptl_crystal_grow.pressure        ? 
_exptl_crystal_grow.pressure_esd    ? 
_exptl_crystal_grow.seeding         ? 
_exptl_crystal_grow.seeding_ref     ? 
_exptl_crystal_grow.temp            293 
_exptl_crystal_grow.temp_details    ? 
_exptl_crystal_grow.temp_esd        ? 
_exptl_crystal_grow.time            ? 
_exptl_crystal_grow.pdbx_details    '0.2 M ammonium acetate, 20% v/v PEG 3350' 
_exptl_crystal_grow.pdbx_pH_range   ? 
# 
_diffrn.ambient_environment    ? 
_diffrn.ambient_temp           100 
_diffrn.ambient_temp_details   ? 
_diffrn.ambient_temp_esd       ? 
_diffrn.crystal_id             1 
_diffrn.crystal_support        ? 
_diffrn.crystal_treatment      ? 
_diffrn.details                ? 
_diffrn.id                     1 
_diffrn.ambient_pressure       ? 
_diffrn.ambient_pressure_esd   ? 
_diffrn.ambient_pressure_gt    ? 
_diffrn.ambient_pressure_lt    ? 
_diffrn.ambient_temp_gt        ? 
_diffrn.ambient_temp_lt        ? 
# 
_diffrn_detector.details                      ? 
_diffrn_detector.detector                     CCD 
_diffrn_detector.diffrn_id                    1 
_diffrn_detector.type                         'MARMOSAIC 300 mm CCD' 
_diffrn_detector.area_resol_mean              ? 
_diffrn_detector.dtime                        ? 
_diffrn_detector.pdbx_frames_total            ? 
_diffrn_detector.pdbx_collection_time_total   ? 
_diffrn_detector.pdbx_collection_date         2012-02-24 
# 
_diffrn_radiation.collimation                      ? 
_diffrn_radiation.diffrn_id                        1 
_diffrn_radiation.filter_edge                      ? 
_diffrn_radiation.inhomogeneity                    ? 
_diffrn_radiation.monochromator                    ? 
_diffrn_radiation.polarisn_norm                    ? 
_diffrn_radiation.polarisn_ratio                   ? 
_diffrn_radiation.probe                            ? 
_diffrn_radiation.type                             ? 
_diffrn_radiation.xray_symbol                      ? 
_diffrn_radiation.wavelength_id                    1 
_diffrn_radiation.pdbx_monochromatic_or_laue_m_l   M 
_diffrn_radiation.pdbx_wavelength_list             ? 
_diffrn_radiation.pdbx_wavelength                  ? 
_diffrn_radiation.pdbx_diffrn_protocol             'SINGLE WAVELENGTH' 
_diffrn_radiation.pdbx_analyzer                    ? 
_diffrn_radiation.pdbx_scattering_type             x-ray 
# 
_diffrn_radiation_wavelength.id           1 
_diffrn_radiation_wavelength.wavelength   1 
_diffrn_radiation_wavelength.wt           1.0 
# 
_diffrn_source.current                     ? 
_diffrn_source.details                     ? 
_diffrn_source.diffrn_id                   1 
_diffrn_source.power                       ? 
_diffrn_source.size                        ? 
_diffrn_source.source                      SYNCHROTRON 
_diffrn_source.target                      ? 
_diffrn_source.type                        'APS BEAMLINE 22-ID' 
_diffrn_source.voltage                     ? 
_diffrn_source.take-off_angle              ? 
_diffrn_source.pdbx_wavelength_list        1 
_diffrn_source.pdbx_wavelength             ? 
_diffrn_source.pdbx_synchrotron_beamline   22-ID 
_diffrn_source.pdbx_synchrotron_site       APS 
# 
_reflns.B_iso_Wilson_estimate            ? 
_reflns.entry_id                         5UZM 
_reflns.data_reduction_details           ? 
_reflns.data_reduction_method            ? 
_reflns.d_resolution_high                1.55 
_reflns.d_resolution_low                 50 
_reflns.details                          ? 
_reflns.limit_h_max                      ? 
_reflns.limit_h_min                      ? 
_reflns.limit_k_max                      ? 
_reflns.limit_k_min                      ? 
_reflns.limit_l_max                      ? 
_reflns.limit_l_min                      ? 
_reflns.number_all                       ? 
_reflns.number_obs                       23996 
_reflns.observed_criterion               ? 
_reflns.observed_criterion_F_max         ? 
_reflns.observed_criterion_F_min         ? 
_reflns.observed_criterion_I_max         ? 
_reflns.observed_criterion_I_min         ? 
_reflns.observed_criterion_sigma_F       ? 
_reflns.observed_criterion_sigma_I       ? 
_reflns.percent_possible_obs             93.4 
_reflns.R_free_details                   ? 
_reflns.Rmerge_F_all                     ? 
_reflns.Rmerge_F_obs                     ? 
_reflns.Friedel_coverage                 ? 
_reflns.number_gt                        ? 
_reflns.threshold_expression             ? 
_reflns.pdbx_redundancy                  3.4 
_reflns.pdbx_Rmerge_I_obs                0.05 
_reflns.pdbx_Rmerge_I_all                ? 
_reflns.pdbx_Rsym_value                  ? 
_reflns.pdbx_netI_over_av_sigmaI         ? 
_reflns.pdbx_netI_over_sigmaI            34.6 
_reflns.pdbx_res_netI_over_av_sigmaI_2   ? 
_reflns.pdbx_res_netI_over_sigmaI_2      ? 
_reflns.pdbx_chi_squared                 ? 
_reflns.pdbx_scaling_rejects             ? 
_reflns.pdbx_d_res_high_opt              ? 
_reflns.pdbx_d_res_low_opt               ? 
_reflns.pdbx_d_res_opt_method            ? 
_reflns.phase_calculation_details        ? 
_reflns.pdbx_Rrim_I_all                  ? 
_reflns.pdbx_Rpim_I_all                  ? 
_reflns.pdbx_d_opt                       ? 
_reflns.pdbx_number_measured_all         ? 
_reflns.pdbx_diffrn_id                   1 
_reflns.pdbx_ordinal                     1 
_reflns.pdbx_CC_half                     ? 
_reflns.pdbx_R_split                     ? 
# 
_reflns_shell.d_res_high                  . 
_reflns_shell.d_res_low                   ? 
_reflns_shell.meanI_over_sigI_all         ? 
_reflns_shell.meanI_over_sigI_obs         ? 
_reflns_shell.number_measured_all         ? 
_reflns_shell.number_measured_obs         ? 
_reflns_shell.number_possible             ? 
_reflns_shell.number_unique_all           ? 
_reflns_shell.number_unique_obs           ? 
_reflns_shell.percent_possible_all        ? 
_reflns_shell.percent_possible_obs        ? 
_reflns_shell.Rmerge_F_all                ? 
_reflns_shell.Rmerge_F_obs                ? 
_reflns_shell.Rmerge_I_all                ? 
_reflns_shell.Rmerge_I_obs                ? 
_reflns_shell.meanI_over_sigI_gt          ? 
_reflns_shell.meanI_over_uI_all           ? 
_reflns_shell.meanI_over_uI_gt            ? 
_reflns_shell.number_measured_gt          ? 
_reflns_shell.number_unique_gt            ? 
_reflns_shell.percent_possible_gt         ? 
_reflns_shell.Rmerge_F_gt                 ? 
_reflns_shell.Rmerge_I_gt                 ? 
_reflns_shell.pdbx_redundancy             ? 
_reflns_shell.pdbx_Rsym_value             ? 
_reflns_shell.pdbx_chi_squared            ? 
_reflns_shell.pdbx_netI_over_sigmaI_all   ? 
_reflns_shell.pdbx_netI_over_sigmaI_obs   ? 
_reflns_shell.pdbx_Rrim_I_all             ? 
_reflns_shell.pdbx_Rpim_I_all             ? 
_reflns_shell.pdbx_rejects                ? 
_reflns_shell.pdbx_ordinal                1 
_reflns_shell.pdbx_diffrn_id              1 
_reflns_shell.pdbx_CC_half                ? 
_reflns_shell.pdbx_R_split                ? 
# 
_refine.aniso_B[1][1]                            ? 
_refine.aniso_B[1][2]                            ? 
_refine.aniso_B[1][3]                            ? 
_refine.aniso_B[2][2]                            ? 
_refine.aniso_B[2][3]                            ? 
_refine.aniso_B[3][3]                            ? 
_refine.B_iso_max                                ? 
_refine.B_iso_mean                               ? 
_refine.B_iso_min                                ? 
_refine.correlation_coeff_Fo_to_Fc               ? 
_refine.correlation_coeff_Fo_to_Fc_free          ? 
_refine.details                                  ? 
_refine.diff_density_max                         ? 
_refine.diff_density_max_esd                     ? 
_refine.diff_density_min                         ? 
_refine.diff_density_min_esd                     ? 
_refine.diff_density_rms                         ? 
_refine.diff_density_rms_esd                     ? 
_refine.entry_id                                 5UZM 
_refine.pdbx_refine_id                           'X-RAY DIFFRACTION' 
_refine.ls_abs_structure_details                 ? 
_refine.ls_abs_structure_Flack                   ? 
_refine.ls_abs_structure_Flack_esd               ? 
_refine.ls_abs_structure_Rogers                  ? 
_refine.ls_abs_structure_Rogers_esd              ? 
_refine.ls_d_res_high                            1.552 
_refine.ls_d_res_low                             32.542 
_refine.ls_extinction_coef                       ? 
_refine.ls_extinction_coef_esd                   ? 
_refine.ls_extinction_expression                 ? 
_refine.ls_extinction_method                     ? 
_refine.ls_goodness_of_fit_all                   ? 
_refine.ls_goodness_of_fit_all_esd               ? 
_refine.ls_goodness_of_fit_obs                   ? 
_refine.ls_goodness_of_fit_obs_esd               ? 
_refine.ls_hydrogen_treatment                    ? 
_refine.ls_matrix_type                           ? 
_refine.ls_number_constraints                    ? 
_refine.ls_number_parameters                     ? 
_refine.ls_number_reflns_all                     ? 
_refine.ls_number_reflns_obs                     23924 
_refine.ls_number_reflns_R_free                  1214 
_refine.ls_number_reflns_R_work                  ? 
_refine.ls_number_restraints                     ? 
_refine.ls_percent_reflns_obs                    92.98 
_refine.ls_percent_reflns_R_free                 5.07 
_refine.ls_R_factor_all                          ? 
_refine.ls_R_factor_obs                          0.1957 
_refine.ls_R_factor_R_free                       0.2390 
_refine.ls_R_factor_R_free_error                 ? 
_refine.ls_R_factor_R_free_error_details         ? 
_refine.ls_R_factor_R_work                       0.1934 
_refine.ls_R_Fsqd_factor_obs                     ? 
_refine.ls_R_I_factor_obs                        ? 
_refine.ls_redundancy_reflns_all                 ? 
_refine.ls_redundancy_reflns_obs                 ? 
_refine.ls_restrained_S_all                      ? 
_refine.ls_restrained_S_obs                      ? 
_refine.ls_shift_over_esd_max                    ? 
_refine.ls_shift_over_esd_mean                   ? 
_refine.ls_structure_factor_coef                 ? 
_refine.ls_weighting_details                     ? 
_refine.ls_weighting_scheme                      ? 
_refine.ls_wR_factor_all                         ? 
_refine.ls_wR_factor_obs                         ? 
_refine.ls_wR_factor_R_free                      ? 
_refine.ls_wR_factor_R_work                      ? 
_refine.occupancy_max                            ? 
_refine.occupancy_min                            ? 
_refine.solvent_model_details                    ? 
_refine.solvent_model_param_bsol                 ? 
_refine.solvent_model_param_ksol                 ? 
_refine.ls_R_factor_gt                           ? 
_refine.ls_goodness_of_fit_gt                    ? 
_refine.ls_goodness_of_fit_ref                   ? 
_refine.ls_shift_over_su_max                     ? 
_refine.ls_shift_over_su_max_lt                  ? 
_refine.ls_shift_over_su_mean                    ? 
_refine.ls_shift_over_su_mean_lt                 ? 
_refine.pdbx_ls_sigma_I                          ? 
_refine.pdbx_ls_sigma_F                          1.24 
_refine.pdbx_ls_sigma_Fsqd                       ? 
_refine.pdbx_data_cutoff_high_absF               ? 
_refine.pdbx_data_cutoff_high_rms_absF           ? 
_refine.pdbx_data_cutoff_low_absF                ? 
_refine.pdbx_isotropic_thermal_model             ? 
_refine.pdbx_ls_cross_valid_method               'FREE R-VALUE' 
_refine.pdbx_method_to_determine_struct          'MOLECULAR REPLACEMENT' 
_refine.pdbx_starting_model                      2KG0 
_refine.pdbx_stereochemistry_target_values       ? 
_refine.pdbx_R_Free_selection_details            ? 
_refine.pdbx_stereochem_target_val_spec_case     ? 
_refine.pdbx_overall_ESU_R                       ? 
_refine.pdbx_overall_ESU_R_Free                  ? 
_refine.pdbx_solvent_vdw_probe_radii             1.11 
_refine.pdbx_solvent_ion_probe_radii             ? 
_refine.pdbx_solvent_shrinkage_radii             0.90 
_refine.pdbx_real_space_R                        ? 
_refine.pdbx_density_correlation                 ? 
_refine.pdbx_pd_number_of_powder_patterns        ? 
_refine.pdbx_pd_number_of_points                 ? 
_refine.pdbx_pd_meas_number_of_points            ? 
_refine.pdbx_pd_proc_ls_prof_R_factor            ? 
_refine.pdbx_pd_proc_ls_prof_wR_factor           ? 
_refine.pdbx_pd_Marquardt_correlation_coeff      ? 
_refine.pdbx_pd_Fsqrd_R_factor                   ? 
_refine.pdbx_pd_ls_matrix_band_width             ? 
_refine.pdbx_overall_phase_error                 25.94 
_refine.pdbx_overall_SU_R_free_Cruickshank_DPI   ? 
_refine.pdbx_overall_SU_R_free_Blow_DPI          ? 
_refine.pdbx_overall_SU_R_Blow_DPI               ? 
_refine.pdbx_TLS_residual_ADP_flag               ? 
_refine.pdbx_diffrn_id                           1 
_refine.overall_SU_B                             ? 
_refine.overall_SU_ML                            0.20 
_refine.overall_SU_R_Cruickshank_DPI             ? 
_refine.overall_SU_R_free                        ? 
_refine.overall_FOM_free_R_set                   ? 
_refine.overall_FOM_work_R_set                   ? 
_refine.pdbx_average_fsc_overall                 ? 
_refine.pdbx_average_fsc_work                    ? 
_refine.pdbx_average_fsc_free                    ? 
# 
_refine_hist.pdbx_refine_id                   'X-RAY DIFFRACTION' 
_refine_hist.cycle_id                         LAST 
_refine_hist.pdbx_number_atoms_protein        1450 
_refine_hist.pdbx_number_atoms_nucleic_acid   0 
_refine_hist.pdbx_number_atoms_ligand         0 
_refine_hist.number_atoms_solvent             127 
_refine_hist.number_atoms_total               1577 
_refine_hist.d_res_high                       1.552 
_refine_hist.d_res_low                        32.542 
# 
loop_
_refine_ls_restr.pdbx_refine_id 
_refine_ls_restr.criterion 
_refine_ls_restr.dev_ideal 
_refine_ls_restr.dev_ideal_target 
_refine_ls_restr.number 
_refine_ls_restr.rejects 
_refine_ls_restr.type 
_refine_ls_restr.weight 
_refine_ls_restr.pdbx_restraint_function 
'X-RAY DIFFRACTION' ? 0.011  ? 1523 ? f_bond_d           ? ? 
'X-RAY DIFFRACTION' ? 1.070  ? 2048 ? f_angle_d          ? ? 
'X-RAY DIFFRACTION' ? 25.327 ? 939  ? f_dihedral_angle_d ? ? 
'X-RAY DIFFRACTION' ? 0.065  ? 218  ? f_chiral_restr     ? ? 
'X-RAY DIFFRACTION' ? 0.007  ? 274  ? f_plane_restr      ? ? 
# 
loop_
_refine_ls_shell.pdbx_refine_id 
_refine_ls_shell.d_res_high 
_refine_ls_shell.d_res_low 
_refine_ls_shell.number_reflns_all 
_refine_ls_shell.number_reflns_obs 
_refine_ls_shell.number_reflns_R_free 
_refine_ls_shell.number_reflns_R_work 
_refine_ls_shell.percent_reflns_obs 
_refine_ls_shell.percent_reflns_R_free 
_refine_ls_shell.R_factor_all 
_refine_ls_shell.R_factor_obs 
_refine_ls_shell.R_factor_R_free 
_refine_ls_shell.R_factor_R_free_error 
_refine_ls_shell.R_factor_R_work 
_refine_ls_shell.redundancy_reflns_all 
_refine_ls_shell.redundancy_reflns_obs 
_refine_ls_shell.wR_factor_all 
_refine_ls_shell.wR_factor_obs 
_refine_ls_shell.wR_factor_R_free 
_refine_ls_shell.wR_factor_R_work 
_refine_ls_shell.pdbx_total_number_of_bins_used 
_refine_ls_shell.pdbx_phase_error 
_refine_ls_shell.pdbx_fsc_work 
_refine_ls_shell.pdbx_fsc_free 
'X-RAY DIFFRACTION' 1.5518 1.6140  . . 89  1911 70.00 . . . 0.3053 . 0.2452 . . . . . . . . . . 
'X-RAY DIFFRACTION' 1.6140 1.6874  . . 106 2279 84.00 . . . 0.3074 . 0.2425 . . . . . . . . . . 
'X-RAY DIFFRACTION' 1.6874 1.7764  . . 135 2515 94.00 . . . 0.2722 . 0.2427 . . . . . . . . . . 
'X-RAY DIFFRACTION' 1.7764 1.8877  . . 141 2602 97.00 . . . 0.2964 . 0.2220 . . . . . . . . . . 
'X-RAY DIFFRACTION' 1.8877 2.0334  . . 147 2634 98.00 . . . 0.2462 . 0.2053 . . . . . . . . . . 
'X-RAY DIFFRACTION' 2.0334 2.2380  . . 147 2651 98.00 . . . 0.2185 . 0.1894 . . . . . . . . . . 
'X-RAY DIFFRACTION' 2.2380 2.5617  . . 141 2682 99.00 . . . 0.2292 . 0.1946 . . . . . . . . . . 
'X-RAY DIFFRACTION' 2.5617 3.2270  . . 163 2677 99.00 . . . 0.2185 . 0.1987 . . . . . . . . . . 
'X-RAY DIFFRACTION' 3.2270 32.5491 . . 145 2759 98.00 . . . 0.2369 . 0.1680 . . . . . . . . . . 
# 
_struct.entry_id                     5UZM 
_struct.title                        'Crystal structure of Glorund qRRM2 domain' 
_struct.pdbx_model_details           ? 
_struct.pdbx_formula_weight          ? 
_struct.pdbx_formula_weight_method   ? 
_struct.pdbx_model_type_details      ? 
_struct.pdbx_CASP_flag               N 
# 
_struct_keywords.entry_id        5UZM 
_struct_keywords.text            'quasi-RNA recognition motif, qRRM, RNA BINDING PROTEIN' 
_struct_keywords.pdbx_keywords   'RNA BINDING PROTEIN' 
# 
loop_
_struct_asym.id 
_struct_asym.pdbx_blank_PDB_chainid_flag 
_struct_asym.pdbx_modified 
_struct_asym.entity_id 
_struct_asym.details 
A N N 1 ? 
B N N 1 ? 
C N N 2 ? 
D N N 2 ? 
# 
loop_
_struct_conf.conf_type_id 
_struct_conf.id 
_struct_conf.pdbx_PDB_helix_id 
_struct_conf.beg_label_comp_id 
_struct_conf.beg_label_asym_id 
_struct_conf.beg_label_seq_id 
_struct_conf.pdbx_beg_PDB_ins_code 
_struct_conf.end_label_comp_id 
_struct_conf.end_label_asym_id 
_struct_conf.end_label_seq_id 
_struct_conf.pdbx_end_PDB_ins_code 
_struct_conf.beg_auth_comp_id 
_struct_conf.beg_auth_asym_id 
_struct_conf.beg_auth_seq_id 
_struct_conf.end_auth_comp_id 
_struct_conf.end_auth_asym_id 
_struct_conf.end_auth_seq_id 
_struct_conf.pdbx_PDB_helix_class 
_struct_conf.details 
_struct_conf.pdbx_PDB_helix_length 
HELX_P HELX_P1 AA1 THR A 21 ? PHE A 29 ? THR A 158 PHE A 166 1 ? 9  
HELX_P HELX_P2 AA2 ASP A 37 ? GLU A 39 ? ASP A 174 GLU A 176 5 ? 3  
HELX_P HELX_P3 AA3 SER A 61 ? GLY A 70 ? SER A 198 GLY A 207 1 ? 10 
HELX_P HELX_P4 AA4 SER A 87 ? THR A 95 ? SER A 224 THR A 232 1 ? 9  
HELX_P HELX_P5 AA5 THR B 21 ? PHE B 29 ? THR B 158 PHE B 166 1 ? 9  
HELX_P HELX_P6 AA6 SER B 61 ? GLY B 70 ? SER B 198 GLY B 207 1 ? 10 
HELX_P HELX_P7 AA7 SER B 87 ? THR B 95 ? SER B 224 THR B 232 1 ? 9  
# 
_struct_conf_type.id          HELX_P 
_struct_conf_type.criteria    ? 
_struct_conf_type.reference   ? 
# 
loop_
_struct_sheet.id 
_struct_sheet.type 
_struct_sheet.number_strands 
_struct_sheet.details 
AA1 ? 4 ? 
AA2 ? 2 ? 
AA3 ? 4 ? 
AA4 ? 2 ? 
# 
loop_
_struct_sheet_order.sheet_id 
_struct_sheet_order.range_id_1 
_struct_sheet_order.range_id_2 
_struct_sheet_order.offset 
_struct_sheet_order.sense 
AA1 1 2 ? anti-parallel 
AA1 2 3 ? anti-parallel 
AA1 3 4 ? anti-parallel 
AA2 1 2 ? anti-parallel 
AA3 1 2 ? anti-parallel 
AA3 2 3 ? anti-parallel 
AA3 3 4 ? anti-parallel 
AA4 1 2 ? anti-parallel 
# 
loop_
_struct_sheet_range.sheet_id 
_struct_sheet_range.id 
_struct_sheet_range.beg_label_comp_id 
_struct_sheet_range.beg_label_asym_id 
_struct_sheet_range.beg_label_seq_id 
_struct_sheet_range.pdbx_beg_PDB_ins_code 
_struct_sheet_range.end_label_comp_id 
_struct_sheet_range.end_label_asym_id 
_struct_sheet_range.end_label_seq_id 
_struct_sheet_range.pdbx_end_PDB_ins_code 
_struct_sheet_range.beg_auth_comp_id 
_struct_sheet_range.beg_auth_asym_id 
_struct_sheet_range.beg_auth_seq_id 
_struct_sheet_range.end_auth_comp_id 
_struct_sheet_range.end_auth_asym_id 
_struct_sheet_range.end_auth_seq_id 
AA1 1 ILE A 41 ? MET A 45 ? ILE A 178 MET A 182 
AA1 2 ALA A 51 ? GLN A 58 ? ALA A 188 GLN A 195 
AA1 3 VAL A 10 ? ARG A 14 ? VAL A 147 ARG A 151 
AA1 4 GLU A 82 ? ARG A 85 ? GLU A 219 ARG A 222 
AA2 1 LYS A 75 ? ILE A 76 ? LYS A 212 ILE A 213 
AA2 2 ARG A 79 ? TYR A 80 ? ARG A 216 TYR A 217 
AA3 1 ILE B 41 ? MET B 45 ? ILE B 178 MET B 182 
AA3 2 ALA B 51 ? PHE B 59 ? ALA B 188 PHE B 196 
AA3 3 PHE B 9  ? ARG B 14 ? PHE B 146 ARG B 151 
AA3 4 GLU B 82 ? ARG B 85 ? GLU B 219 ARG B 222 
AA4 1 LYS B 75 ? ILE B 76 ? LYS B 212 ILE B 213 
AA4 2 ARG B 79 ? TYR B 80 ? ARG B 216 TYR B 217 
# 
loop_
_pdbx_struct_sheet_hbond.sheet_id 
_pdbx_struct_sheet_hbond.range_id_1 
_pdbx_struct_sheet_hbond.range_id_2 
_pdbx_struct_sheet_hbond.range_1_label_atom_id 
_pdbx_struct_sheet_hbond.range_1_label_comp_id 
_pdbx_struct_sheet_hbond.range_1_label_asym_id 
_pdbx_struct_sheet_hbond.range_1_label_seq_id 
_pdbx_struct_sheet_hbond.range_1_PDB_ins_code 
_pdbx_struct_sheet_hbond.range_1_auth_atom_id 
_pdbx_struct_sheet_hbond.range_1_auth_comp_id 
_pdbx_struct_sheet_hbond.range_1_auth_asym_id 
_pdbx_struct_sheet_hbond.range_1_auth_seq_id 
_pdbx_struct_sheet_hbond.range_2_label_atom_id 
_pdbx_struct_sheet_hbond.range_2_label_comp_id 
_pdbx_struct_sheet_hbond.range_2_label_asym_id 
_pdbx_struct_sheet_hbond.range_2_label_seq_id 
_pdbx_struct_sheet_hbond.range_2_PDB_ins_code 
_pdbx_struct_sheet_hbond.range_2_auth_atom_id 
_pdbx_struct_sheet_hbond.range_2_auth_comp_id 
_pdbx_struct_sheet_hbond.range_2_auth_asym_id 
_pdbx_struct_sheet_hbond.range_2_auth_seq_id 
AA1 1 2 N LEU A 42 ? N LEU A 179 O PHE A 56 ? O PHE A 193 
AA1 2 3 O ALA A 55 ? O ALA A 192 N LEU A 13 ? N LEU A 150 
AA1 3 4 N LYS A 12 ? N LYS A 149 O PHE A 84 ? O PHE A 221 
AA2 1 2 N ILE A 76 ? N ILE A 213 O ARG A 79 ? O ARG A 216 
AA3 1 2 N LEU B 42 ? N LEU B 179 O PHE B 56 ? O PHE B 193 
AA3 2 3 O PHE B 59 ? O PHE B 196 N PHE B 9  ? N PHE B 146 
AA3 3 4 N LYS B 12 ? N LYS B 149 O PHE B 84 ? O PHE B 221 
AA4 1 2 N ILE B 76 ? N ILE B 213 O ARG B 79 ? O ARG B 216 
# 
_atom_sites.entry_id                    5UZM 
_atom_sites.fract_transf_matrix[1][1]   -0.00955014 
_atom_sites.fract_transf_matrix[1][2]   -0.01559433 
_atom_sites.fract_transf_matrix[1][3]   -0.01364999 
_atom_sites.fract_transf_matrix[2][1]   0.01774862 
_atom_sites.fract_transf_matrix[2][2]   0.01258782 
_atom_sites.fract_transf_matrix[2][3]   -0.02679858 
_atom_sites.fract_transf_matrix[3][1]   0.00895442 
_atom_sites.fract_transf_matrix[3][2]   -0.01206104 
_atom_sites.fract_transf_matrix[3][3]   0.00026518 
_atom_sites.fract_transf_vector[1]      0.297212 
_atom_sites.fract_transf_vector[2]      -0.067328 
_atom_sites.fract_transf_vector[3]      0.341596 
# 
loop_
_atom_type.symbol 
C 
N 
O 
S 
# 
loop_
_atom_site.group_PDB 
_atom_site.id 
_atom_site.type_symbol 
_atom_site.label_atom_id 
_atom_site.label_alt_id 
_atom_site.label_comp_id 
_atom_site.label_asym_id 
_atom_site.label_entity_id 
_atom_site.label_seq_id 
_atom_site.pdbx_PDB_ins_code 
_atom_site.Cartn_x 
_atom_site.Cartn_y 
_atom_site.Cartn_z 
_atom_site.occupancy 
_atom_site.B_iso_or_equiv 
_atom_site.pdbx_formal_charge 
_atom_site.auth_seq_id 
_atom_site.auth_comp_id 
_atom_site.auth_asym_id 
_atom_site.auth_atom_id 
_atom_site.pdbx_PDB_model_num 
ATOM   1    N N   . GLY A 1 6  ? 0.373   20.891  2.128   1.00 56.64 ? 143 GLY A N   1 
ATOM   2    C CA  . GLY A 1 6  ? 0.015   19.657  1.448   1.00 38.68 ? 143 GLY A CA  1 
ATOM   3    C C   . GLY A 1 6  ? -1.193  18.973  2.057   1.00 53.38 ? 143 GLY A C   1 
ATOM   4    O O   . GLY A 1 6  ? -1.874  18.169  1.397   1.00 48.43 ? 143 GLY A O   1 
ATOM   5    N N   . THR A 1 7  ? -1.471  19.317  3.320   1.00 56.71 ? 144 THR A N   1 
ATOM   6    C CA  . THR A 1 7  ? -2.476  18.608  4.106   1.00 59.31 ? 144 THR A CA  1 
ATOM   7    C C   . THR A 1 7  ? -3.903  18.950  3.710   1.00 59.31 ? 144 THR A C   1 
ATOM   8    O O   . THR A 1 7  ? -4.826  18.273  4.175   1.00 41.21 ? 144 THR A O   1 
ATOM   9    C CB  . THR A 1 7  ? -2.311  18.883  5.605   1.00 51.85 ? 144 THR A CB  1 
ATOM   10   O OG1 . THR A 1 7  ? -2.498  20.285  5.862   1.00 58.42 ? 144 THR A OG1 1 
ATOM   11   C CG2 . THR A 1 7  ? -0.934  18.424  6.093   1.00 55.55 ? 144 THR A CG2 1 
ATOM   12   N N   . ALA A 1 8  ? -4.120  19.970  2.885   1.00 45.81 ? 145 ALA A N   1 
ATOM   13   C CA  . ALA A 1 8  ? -5.471  20.279  2.446   1.00 53.73 ? 145 ALA A CA  1 
ATOM   14   C C   . ALA A 1 8  ? -5.694  20.007  0.960   1.00 29.68 ? 145 ALA A C   1 
ATOM   15   O O   . ALA A 1 8  ? -6.737  20.414  0.435   1.00 30.63 ? 145 ALA A O   1 
ATOM   16   C CB  . ALA A 1 8  ? -5.817  21.729  2.783   1.00 34.99 ? 145 ALA A CB  1 
ATOM   17   N N   . PHE A 1 9  ? -4.757  19.320  0.281   1.00 29.15 ? 146 PHE A N   1 
ATOM   18   C CA  . PHE A 1 9  ? -4.882  18.965  -1.140  1.00 26.82 ? 146 PHE A CA  1 
ATOM   19   C C   . PHE A 1 9  ? -5.688  17.684  -1.283  1.00 23.48 ? 146 PHE A C   1 
ATOM   20   O O   . PHE A 1 9  ? -5.269  16.751  -1.975  1.00 22.71 ? 146 PHE A O   1 
ATOM   21   C CB  . PHE A 1 9  ? -3.532  18.732  -1.830  1.00 28.76 ? 146 PHE A CB  1 
ATOM   22   C CG  . PHE A 1 9  ? -2.590  19.894  -1.772  1.00 29.92 ? 146 PHE A CG  1 
ATOM   23   C CD1 . PHE A 1 9  ? -3.013  21.117  -1.306  1.00 25.57 ? 146 PHE A CD1 1 
ATOM   24   C CD2 . PHE A 1 9  ? -1.273  19.742  -2.190  1.00 34.99 ? 146 PHE A CD2 1 
ATOM   25   C CE1 . PHE A 1 9  ? -2.128  22.196  -1.208  1.00 33.70 ? 146 PHE A CE1 1 
ATOM   26   C CE2 . PHE A 1 9  ? -0.374  20.820  -2.118  1.00 23.25 ? 146 PHE A CE2 1 
ATOM   27   C CZ  . PHE A 1 9  ? -0.832  22.050  -1.615  1.00 24.16 ? 146 PHE A CZ  1 
ATOM   28   N N   . VAL A 1 10 ? -6.811  17.616  -0.594  1.00 23.64 ? 147 VAL A N   1 
ATOM   29   C CA  . VAL A 1 10 ? -7.642  16.418  -0.535  1.00 21.71 ? 147 VAL A CA  1 
ATOM   30   C C   . VAL A 1 10 ? -9.094  16.848  -0.653  1.00 17.65 ? 147 VAL A C   1 
ATOM   31   O O   . VAL A 1 10 ? -9.505  17.840  -0.056  1.00 18.70 ? 147 VAL A O   1 
ATOM   32   C CB  . VAL A 1 10 ? -7.433  15.628  0.770   1.00 28.08 ? 147 VAL A CB  1 
ATOM   33   C CG1 . VAL A 1 10 ? -8.308  14.356  0.773   1.00 20.11 ? 147 VAL A CG1 1 
ATOM   34   C CG2 . VAL A 1 10 ? -5.956  15.291  0.952   1.00 22.93 ? 147 VAL A CG2 1 
ATOM   35   N N   . VAL A 1 11 ? -9.894  16.097  -1.425  1.00 14.84 ? 148 VAL A N   1 
ATOM   36   C CA  . VAL A 1 11 ? -11.332 16.306  -1.441  1.00 13.35 ? 148 VAL A CA  1 
ATOM   37   C C   . VAL A 1 11 ? -12.006 14.992  -1.040  1.00 13.99 ? 148 VAL A C   1 
ATOM   38   O O   . VAL A 1 11 ? -11.412 13.913  -1.146  1.00 16.09 ? 148 VAL A O   1 
ATOM   39   C CB  . VAL A 1 11 ? -11.856 16.770  -2.812  1.00 16.49 ? 148 VAL A CB  1 
ATOM   40   C CG1 . VAL A 1 11 ? -11.142 18.040  -3.304  1.00 19.18 ? 148 VAL A CG1 1 
ATOM   41   C CG2 . VAL A 1 11 ? -11.740 15.641  -3.840  1.00 15.40 ? 148 VAL A CG2 1 
ATOM   42   N N   . LYS A 1 12 ? -13.244 15.088  -0.559  1.00 12.35 ? 149 LYS A N   1 
ATOM   43   C CA  . LYS A 1 12 ? -14.092 13.944  -0.267  1.00 13.38 ? 149 LYS A CA  1 
ATOM   44   C C   . LYS A 1 12 ? -15.236 13.914  -1.267  1.00 15.18 ? 149 LYS A C   1 
ATOM   45   O O   . LYS A 1 12 ? -15.830 14.951  -1.557  1.00 14.85 ? 149 LYS A O   1 
ATOM   46   C CB  . LYS A 1 12 ? -14.653 14.050  1.171   1.00 16.51 ? 149 LYS A CB  1 
ATOM   47   C CG  . LYS A 1 12 ? -15.519 12.862  1.575   1.00 18.87 ? 149 LYS A CG  1 
ATOM   48   C CD  . LYS A 1 12 ? -15.848 12.954  3.072   1.00 25.13 ? 149 LYS A CD  1 
ATOM   49   C CE  . LYS A 1 12 ? -16.679 14.181  3.407   1.00 45.54 ? 149 LYS A CE  1 
ATOM   50   N NZ  . LYS A 1 12 ? -16.988 14.283  4.884   1.00 47.32 ? 149 LYS A NZ  1 
ATOM   51   N N   . LEU A 1 13 ? -15.544 12.730  -1.806  1.00 11.19 ? 150 LEU A N   1 
ATOM   52   C CA  . LEU A 1 13 ? -16.628 12.536  -2.767  1.00 12.67 ? 150 LEU A CA  1 
ATOM   53   C C   . LEU A 1 13 ? -17.773 11.783  -2.112  1.00 12.80 ? 150 LEU A C   1 
ATOM   54   O O   . LEU A 1 13 ? -17.541 10.937  -1.265  1.00 14.40 ? 150 LEU A O   1 
ATOM   55   C CB  . LEU A 1 13 ? -16.166 11.718  -3.981  1.00 13.43 ? 150 LEU A CB  1 
ATOM   56   C CG  . LEU A 1 13 ? -14.893 12.166  -4.684  1.00 15.89 ? 150 LEU A CG  1 
ATOM   57   C CD1 . LEU A 1 13 ? -14.644 11.277  -5.920  1.00 15.58 ? 150 LEU A CD1 1 
ATOM   58   C CD2 . LEU A 1 13 ? -14.904 13.621  -5.080  1.00 16.85 ? 150 LEU A CD2 1 
ATOM   59   N N   . ARG A 1 14 ? -19.006 12.098  -2.492  1.00 12.53 ? 151 ARG A N   1 
ATOM   60   C CA  . ARG A 1 14 ? -20.186 11.377  -2.043  1.00 12.01 ? 151 ARG A CA  1 
ATOM   61   C C   . ARG A 1 14 ? -21.129 11.159  -3.221  1.00 13.89 ? 151 ARG A C   1 
ATOM   62   O O   . ARG A 1 14 ? -21.173 11.962  -4.176  1.00 13.35 ? 151 ARG A O   1 
ATOM   63   C CB  . ARG A 1 14 ? -20.894 12.163  -0.910  1.00 18.67 ? 151 ARG A CB  1 
ATOM   64   C CG  . ARG A 1 14 ? -22.128 11.505  -0.363  1.00 34.77 ? 151 ARG A CG  1 
ATOM   65   C CD  . ARG A 1 14 ? -22.650 12.365  0.793   1.00 39.86 ? 151 ARG A CD  1 
ATOM   66   N NE  . ARG A 1 14 ? -21.579 12.666  1.746   1.00 28.28 ? 151 ARG A NE  1 
ATOM   67   C CZ  . ARG A 1 14 ? -21.598 13.679  2.604   1.00 50.17 ? 151 ARG A CZ  1 
ATOM   68   N NH1 . ARG A 1 14 ? -22.632 14.508  2.635   1.00 43.99 ? 151 ARG A NH1 1 
ATOM   69   N NH2 . ARG A 1 14 ? -20.580 13.866  3.431   1.00 55.93 ? 151 ARG A NH2 1 
ATOM   70   N N   . GLY A 1 15 ? -21.820 10.027  -3.218  1.00 14.28 ? 152 GLY A N   1 
ATOM   71   C CA  . GLY A 1 15 ? -22.786 9.728   -4.246  1.00 16.04 ? 152 GLY A CA  1 
ATOM   72   C C   . GLY A 1 15 ? -22.319 8.808   -5.347  1.00 13.99 ? 152 GLY A C   1 
ATOM   73   O O   . GLY A 1 15 ? -22.981 8.718   -6.375  1.00 16.01 ? 152 GLY A O   1 
ATOM   74   N N   . LEU A 1 16 ? -21.182 8.146   -5.165  1.00 11.72 ? 153 LEU A N   1 
ATOM   75   C CA  . LEU A 1 16 ? -20.587 7.370   -6.243  1.00 11.76 ? 153 LEU A CA  1 
ATOM   76   C C   . LEU A 1 16 ? -21.466 6.191   -6.667  1.00 19.51 ? 153 LEU A C   1 
ATOM   77   O O   . LEU A 1 16 ? -22.158 5.587   -5.833  1.00 21.78 ? 153 LEU A O   1 
ATOM   78   C CB  . LEU A 1 16 ? -19.228 6.856   -5.793  1.00 13.12 ? 153 LEU A CB  1 
ATOM   79   C CG  . LEU A 1 16 ? -18.170 7.939   -5.540  1.00 12.22 ? 153 LEU A CG  1 
ATOM   80   C CD1 . LEU A 1 16 ? -16.908 7.389   -4.848  1.00 14.63 ? 153 LEU A CD1 1 
ATOM   81   C CD2 . LEU A 1 16 ? -17.795 8.571   -6.891  1.00 18.60 ? 153 LEU A CD2 1 
ATOM   82   N N   . PRO A 1 17 ? -21.405 5.818   -7.946  1.00 17.08 ? 154 PRO A N   1 
ATOM   83   C CA  . PRO A 1 17 ? -22.031 4.568   -8.414  1.00 20.94 ? 154 PRO A CA  1 
ATOM   84   C C   . PRO A 1 17 ? -21.550 3.337   -7.640  1.00 24.63 ? 154 PRO A C   1 
ATOM   85   O O   . PRO A 1 17 ? -20.434 3.300   -7.148  1.00 22.12 ? 154 PRO A O   1 
ATOM   86   C CB  . PRO A 1 17 ? -21.595 4.488   -9.881  1.00 23.16 ? 154 PRO A CB  1 
ATOM   87   C CG  . PRO A 1 17 ? -21.053 5.817   -10.251 1.00 20.98 ? 154 PRO A CG  1 
ATOM   88   C CD  . PRO A 1 17 ? -20.649 6.532   -9.011  1.00 15.14 ? 154 PRO A CD  1 
ATOM   89   N N   . TYR A 1 18 ? -22.380 2.270   -7.578  1.00 31.20 ? 155 TYR A N   1 
ATOM   90   C CA  A TYR A 1 18 ? -21.930 1.076   -6.866  0.38 36.91 ? 155 TYR A CA  1 
ATOM   91   C CA  B TYR A 1 18 ? -21.931 1.064   -6.872  0.62 36.94 ? 155 TYR A CA  1 
ATOM   92   C C   . TYR A 1 18 ? -20.766 0.405   -7.593  1.00 28.50 ? 155 TYR A C   1 
ATOM   93   O O   . TYR A 1 18 ? -19.841 -0.112  -6.956  1.00 43.90 ? 155 TYR A O   1 
ATOM   94   C CB  A TYR A 1 18 ? -23.100 0.106   -6.654  0.38 39.99 ? 155 TYR A CB  1 
ATOM   95   C CB  B TYR A 1 18 ? -23.058 0.041   -6.698  0.62 40.06 ? 155 TYR A CB  1 
ATOM   96   C CG  A TYR A 1 18 ? -23.316 -0.931  -7.738  0.38 37.72 ? 155 TYR A CG  1 
ATOM   97   C CG  B TYR A 1 18 ? -22.532 -1.331  -6.266  0.62 43.21 ? 155 TYR A CG  1 
ATOM   98   C CD1 A TYR A 1 18 ? -24.009 -0.620  -8.899  0.38 41.27 ? 155 TYR A CD1 1 
ATOM   99   C CD1 B TYR A 1 18 ? -22.038 -1.537  -4.981  0.62 40.86 ? 155 TYR A CD1 1 
ATOM   100  C CD2 A TYR A 1 18 ? -22.847 -2.233  -7.585  0.38 45.11 ? 155 TYR A CD2 1 
ATOM   101  C CD2 B TYR A 1 18 ? -22.510 -2.408  -7.149  0.62 45.20 ? 155 TYR A CD2 1 
ATOM   102  C CE1 A TYR A 1 18 ? -24.215 -1.571  -9.886  0.38 39.31 ? 155 TYR A CE1 1 
ATOM   103  C CE1 B TYR A 1 18 ? -21.544 -2.776  -4.584  0.62 35.57 ? 155 TYR A CE1 1 
ATOM   104  C CE2 A TYR A 1 18 ? -23.051 -3.190  -8.569  0.38 38.22 ? 155 TYR A CE2 1 
ATOM   105  C CE2 B TYR A 1 18 ? -22.020 -3.653  -6.757  0.62 39.09 ? 155 TYR A CE2 1 
ATOM   106  C CZ  A TYR A 1 18 ? -23.734 -2.850  -9.715  0.38 37.39 ? 155 TYR A CZ  1 
ATOM   107  C CZ  B TYR A 1 18 ? -21.542 -3.824  -5.472  0.62 38.29 ? 155 TYR A CZ  1 
ATOM   108  O OH  A TYR A 1 18 ? -23.937 -3.790  -10.695 0.38 42.39 ? 155 TYR A OH  1 
ATOM   109  O OH  B TYR A 1 18 ? -21.052 -5.046  -5.072  0.62 48.71 ? 155 TYR A OH  1 
ATOM   110  N N   . ALA A 1 19 ? -20.765 0.437   -8.917  1.00 25.06 ? 156 ALA A N   1 
ATOM   111  C CA  . ALA A 1 19 ? -19.698 -0.228  -9.654  1.00 34.13 ? 156 ALA A CA  1 
ATOM   112  C C   . ALA A 1 19 ? -18.501 0.682   -9.915  1.00 30.56 ? 156 ALA A C   1 
ATOM   113  O O   . ALA A 1 19 ? -17.766 0.453   -10.887 1.00 35.00 ? 156 ALA A O   1 
ATOM   114  C CB  . ALA A 1 19 ? -20.247 -0.790  -10.968 1.00 38.00 ? 156 ALA A CB  1 
ATOM   115  N N   . VAL A 1 20 ? -18.257 1.686   -9.060  1.00 24.71 ? 157 VAL A N   1 
ATOM   116  C CA  . VAL A 1 20 ? -17.300 2.720   -9.418  1.00 17.38 ? 157 VAL A CA  1 
ATOM   117  C C   . VAL A 1 20 ? -15.874 2.181   -9.379  1.00 18.15 ? 157 VAL A C   1 
ATOM   118  O O   . VAL A 1 20 ? -15.508 1.353   -8.527  1.00 25.34 ? 157 VAL A O   1 
ATOM   119  C CB  . VAL A 1 20 ? -17.453 3.959   -8.507  1.00 16.85 ? 157 VAL A CB  1 
ATOM   120  C CG1 . VAL A 1 20 ? -17.049 3.654   -7.085  1.00 22.53 ? 157 VAL A CG1 1 
ATOM   121  C CG2 . VAL A 1 20 ? -16.605 5.100   -9.056  1.00 19.27 ? 157 VAL A CG2 1 
ATOM   122  N N   . THR A 1 21 ? -15.047 2.680   -10.285 1.00 14.77 ? 158 THR A N   1 
ATOM   123  C CA  . THR A 1 21 ? -13.658 2.272   -10.356 1.00 17.29 ? 158 THR A CA  1 
ATOM   124  C C   . THR A 1 21 ? -12.729 3.480   -10.285 1.00 15.36 ? 158 THR A C   1 
ATOM   125  O O   . THR A 1 21 ? -13.130 4.620   -10.547 1.00 14.57 ? 158 THR A O   1 
ATOM   126  C CB  . THR A 1 21 ? -13.331 1.513   -11.658 1.00 20.64 ? 158 THR A CB  1 
ATOM   127  O OG1 . THR A 1 21 ? -13.379 2.412   -12.773 1.00 23.20 ? 158 THR A OG1 1 
ATOM   128  C CG2 . THR A 1 21 ? -14.291 0.309   -11.900 1.00 20.43 ? 158 THR A CG2 1 
ATOM   129  N N   . GLU A 1 22 ? -11.458 3.213   -9.964  1.00 16.22 ? 159 GLU A N   1 
ATOM   130  C CA  . GLU A 1 22 ? -10.443 4.257   -10.021 1.00 14.69 ? 159 GLU A CA  1 
ATOM   131  C C   . GLU A 1 22 ? -10.380 4.884   -11.403 1.00 14.42 ? 159 GLU A C   1 
ATOM   132  O O   . GLU A 1 22 ? -10.188 6.088   -11.512 1.00 16.01 ? 159 GLU A O   1 
ATOM   133  C CB  . GLU A 1 22 ? -9.050  3.712   -9.666  1.00 20.67 ? 159 GLU A CB  1 
ATOM   134  C CG  . GLU A 1 22 ? -8.851  3.387   -8.180  1.00 20.17 ? 159 GLU A CG  1 
ATOM   135  C CD  . GLU A 1 22 ? -7.492  2.782   -7.929  1.00 23.58 ? 159 GLU A CD  1 
ATOM   136  O OE1 . GLU A 1 22 ? -7.291  2.205   -6.828  1.00 25.27 ? 159 GLU A OE1 1 
ATOM   137  O OE2 . GLU A 1 22 ? -6.647  2.883   -8.843  1.00 27.49 ? 159 GLU A OE2 1 
ATOM   138  N N   . GLN A 1 23 ? -10.614 4.105   -12.462 1.00 17.23 ? 160 GLN A N   1 
ATOM   139  C CA  . GLN A 1 23 ? -10.567 4.689   -13.803 1.00 17.97 ? 160 GLN A CA  1 
ATOM   140  C C   . GLN A 1 23 ? -11.639 5.761   -13.975 1.00 15.08 ? 160 GLN A C   1 
ATOM   141  O O   . GLN A 1 23 ? -11.396 6.805   -14.609 1.00 16.61 ? 160 GLN A O   1 
ATOM   142  C CB  . GLN A 1 23 ? -10.743 3.590   -14.861 1.00 21.89 ? 160 GLN A CB  1 
ATOM   143  C CG  . GLN A 1 23 ? -10.705 4.133   -16.277 1.00 30.79 ? 160 GLN A CG  1 
ATOM   144  C CD  . GLN A 1 23 ? -10.918 3.052   -17.338 1.00 44.36 ? 160 GLN A CD  1 
ATOM   145  O OE1 . GLN A 1 23 ? -11.289 1.922   -17.026 1.00 59.18 ? 160 GLN A OE1 1 
ATOM   146  N NE2 . GLN A 1 23 ? -10.665 3.397   -18.592 1.00 39.26 ? 160 GLN A NE2 1 
ATOM   147  N N   . GLN A 1 24 ? -12.830 5.534   -13.407 1.00 12.85 ? 161 GLN A N   1 
ATOM   148  C CA  . GLN A 1 24 ? -13.908 6.511   -13.519 1.00 11.79 ? 161 GLN A CA  1 
ATOM   149  C C   . GLN A 1 24 ? -13.596 7.775   -12.724 1.00 12.48 ? 161 GLN A C   1 
ATOM   150  O O   . GLN A 1 24 ? -13.975 8.884   -13.146 1.00 10.69 ? 161 GLN A O   1 
ATOM   151  C CB  . GLN A 1 24 ? -15.199 5.883   -13.030 1.00 16.20 ? 161 GLN A CB  1 
ATOM   152  C CG  . GLN A 1 24 ? -15.758 4.869   -14.035 1.00 16.99 ? 161 GLN A CG  1 
ATOM   153  C CD  . GLN A 1 24 ? -17.014 4.245   -13.503 1.00 25.95 ? 161 GLN A CD  1 
ATOM   154  O OE1 . GLN A 1 24 ? -16.998 3.640   -12.448 1.00 28.73 ? 161 GLN A OE1 1 
ATOM   155  N NE2 . GLN A 1 24 ? -18.126 4.466   -14.180 1.00 28.95 ? 161 GLN A NE2 1 
ATOM   156  N N   . ILE A 1 25 ? -12.958 7.625   -11.570 1.00 10.01 ? 162 ILE A N   1 
ATOM   157  C CA  . ILE A 1 25 ? -12.541 8.804   -10.791 1.00 8.02  ? 162 ILE A CA  1 
ATOM   158  C C   . ILE A 1 25 ? -11.494 9.590   -11.572 1.00 13.42 ? 162 ILE A C   1 
ATOM   159  O O   . ILE A 1 25 ? -11.534 10.821  -11.629 1.00 11.77 ? 162 ILE A O   1 
ATOM   160  C CB  . ILE A 1 25 ? -11.995 8.403   -9.407  1.00 9.92  ? 162 ILE A CB  1 
ATOM   161  C CG1 . ILE A 1 25 ? -13.048 7.606   -8.635  1.00 17.47 ? 162 ILE A CG1 1 
ATOM   162  C CG2 . ILE A 1 25 ? -11.494 9.646   -8.633  1.00 13.45 ? 162 ILE A CG2 1 
ATOM   163  C CD1 . ILE A 1 25 ? -14.271 8.329   -8.495  1.00 18.40 ? 162 ILE A CD1 1 
ATOM   164  N N   . GLU A 1 26 ? -10.490 8.896   -12.108 1.00 11.50 ? 163 GLU A N   1 
ATOM   165  C CA  . GLU A 1 26 ? -9.449  9.561   -12.897 1.00 14.12 ? 163 GLU A CA  1 
ATOM   166  C C   . GLU A 1 26 ? -10.056 10.337  -14.063 1.00 14.49 ? 163 GLU A C   1 
ATOM   167  O O   . GLU A 1 26 ? -9.683  11.503  -14.305 1.00 16.22 ? 163 GLU A O   1 
ATOM   168  C CB  . GLU A 1 26 ? -8.445  8.518   -13.389 1.00 14.07 ? 163 GLU A CB  1 
ATOM   169  C CG  . GLU A 1 26 ? -7.600  7.894   -12.221 1.00 17.78 ? 163 GLU A CG  1 
ATOM   170  C CD  . GLU A 1 26 ? -7.043  6.463   -12.515 1.00 20.82 ? 163 GLU A CD  1 
ATOM   171  O OE1 . GLU A 1 26 ? -7.300  5.919   -13.599 1.00 23.02 ? 163 GLU A OE1 1 
ATOM   172  O OE2 . GLU A 1 26 ? -6.357  5.861   -11.647 1.00 21.60 ? 163 GLU A OE2 1 
ATOM   173  N N   . GLU A 1 27 ? -11.037 9.730   -14.738 1.00 10.77 ? 164 GLU A N   1 
ATOM   174  C CA  . GLU A 1 27 ? -11.740 10.393  -15.850 1.00 10.55 ? 164 GLU A CA  1 
ATOM   175  C C   . GLU A 1 27 ? -12.564 11.599  -15.368 1.00 11.86 ? 164 GLU A C   1 
ATOM   176  O O   . GLU A 1 27 ? -12.555 12.657  -16.004 1.00 12.83 ? 164 GLU A O   1 
ATOM   177  C CB  . GLU A 1 27 ? -12.623 9.387   -16.582 1.00 17.47 ? 164 GLU A CB  1 
ATOM   178  C CG  . GLU A 1 27 ? -13.468 10.031  -17.632 1.00 39.16 ? 164 GLU A CG  1 
ATOM   179  C CD  . GLU A 1 27 ? -14.375 9.051   -18.339 1.00 59.17 ? 164 GLU A CD  1 
ATOM   180  O OE1 . GLU A 1 27 ? -15.515 9.449   -18.703 1.00 40.97 ? 164 GLU A OE1 1 
ATOM   181  O OE2 . GLU A 1 27 ? -13.929 7.902   -18.543 1.00 47.19 ? 164 GLU A OE2 1 
ATOM   182  N N   . PHE A 1 28 ? -13.262 11.458  -14.249 1.00 11.76 ? 165 PHE A N   1 
ATOM   183  C CA  . PHE A 1 28 ? -14.032 12.570  -13.704 1.00 10.01 ? 165 PHE A CA  1 
ATOM   184  C C   . PHE A 1 28 ? -13.136 13.761  -13.401 1.00 10.60 ? 165 PHE A C   1 
ATOM   185  O O   . PHE A 1 28 ? -13.547 14.909  -13.597 1.00 11.22 ? 165 PHE A O   1 
ATOM   186  C CB  . PHE A 1 28 ? -14.731 12.082  -12.439 1.00 10.15 ? 165 PHE A CB  1 
ATOM   187  C CG  . PHE A 1 28 ? -15.631 13.055  -11.812 1.00 11.02 ? 165 PHE A CG  1 
ATOM   188  C CD1 . PHE A 1 28 ? -16.910 13.259  -12.298 1.00 12.09 ? 165 PHE A CD1 1 
ATOM   189  C CD2 . PHE A 1 28 ? -15.200 13.805  -10.717 1.00 13.48 ? 165 PHE A CD2 1 
ATOM   190  C CE1 . PHE A 1 28 ? -17.739 14.190  -11.687 1.00 11.01 ? 165 PHE A CE1 1 
ATOM   191  C CE2 . PHE A 1 28 ? -16.049 14.708  -10.107 1.00 16.24 ? 165 PHE A CE2 1 
ATOM   192  C CZ  . PHE A 1 28 ? -17.312 14.911  -10.609 1.00 13.13 ? 165 PHE A CZ  1 
ATOM   193  N N   . PHE A 1 29 ? -11.912 13.516  -12.946 1.00 11.13 ? 166 PHE A N   1 
ATOM   194  C CA  . PHE A 1 29 ? -10.958 14.576  -12.641 1.00 10.79 ? 166 PHE A CA  1 
ATOM   195  C C   . PHE A 1 29 ? -9.917  14.718  -13.751 1.00 13.50 ? 166 PHE A C   1 
ATOM   196  O O   . PHE A 1 29 ? -8.781  15.102  -13.486 1.00 13.39 ? 166 PHE A O   1 
ATOM   197  C CB  . PHE A 1 29 ? -10.319 14.292  -11.269 1.00 12.98 ? 166 PHE A CB  1 
ATOM   198  C CG  . PHE A 1 29 ? -11.261 14.529  -10.132 1.00 13.04 ? 166 PHE A CG  1 
ATOM   199  C CD1 . PHE A 1 29 ? -11.923 15.738  -10.015 1.00 12.31 ? 166 PHE A CD1 1 
ATOM   200  C CD2 . PHE A 1 29 ? -11.472 13.578  -9.153  1.00 11.94 ? 166 PHE A CD2 1 
ATOM   201  C CE1 . PHE A 1 29 ? -12.815 15.997  -8.998  1.00 11.71 ? 166 PHE A CE1 1 
ATOM   202  C CE2 . PHE A 1 29 ? -12.344 13.863  -8.091  1.00 13.19 ? 166 PHE A CE2 1 
ATOM   203  C CZ  . PHE A 1 29 ? -13.001 15.087  -7.997  1.00 12.23 ? 166 PHE A CZ  1 
ATOM   204  N N   . SER A 1 30 ? -10.291 14.382  -14.995 1.00 13.16 ? 167 SER A N   1 
ATOM   205  C CA  . SER A 1 30 ? -9.373  14.537  -16.123 1.00 10.60 ? 167 SER A CA  1 
ATOM   206  C C   . SER A 1 30 ? -8.831  15.950  -16.186 1.00 15.69 ? 167 SER A C   1 
ATOM   207  O O   . SER A 1 30 ? -9.583  16.917  -16.101 1.00 14.69 ? 167 SER A O   1 
ATOM   208  C CB  . SER A 1 30 ? -10.090 14.186  -17.422 1.00 16.12 ? 167 SER A CB  1 
ATOM   209  O OG  . SER A 1 30 ? -9.175  14.345  -18.521 1.00 21.47 ? 167 SER A OG  1 
ATOM   210  N N   . GLY A 1 31 ? -7.530  16.057  -16.401 1.00 16.09 ? 168 GLY A N   1 
ATOM   211  C CA  . GLY A 1 31 ? -6.862  17.353  -16.391 1.00 15.65 ? 168 GLY A CA  1 
ATOM   212  C C   . GLY A 1 31 ? -6.259  17.748  -15.067 1.00 18.35 ? 168 GLY A C   1 
ATOM   213  O O   . GLY A 1 31 ? -5.543  18.753  -15.002 1.00 21.86 ? 168 GLY A O   1 
ATOM   214  N N   . LEU A 1 32 ? -6.562  17.041  -13.991 1.00 14.80 ? 169 LEU A N   1 
ATOM   215  C CA  . LEU A 1 32 ? -6.017  17.362  -12.674 1.00 14.84 ? 169 LEU A CA  1 
ATOM   216  C C   . LEU A 1 32 ? -5.031  16.283  -12.256 1.00 19.41 ? 169 LEU A C   1 
ATOM   217  O O   . LEU A 1 32 ? -5.165  15.115  -12.635 1.00 21.47 ? 169 LEU A O   1 
ATOM   218  C CB  . LEU A 1 32 ? -7.126  17.466  -11.638 1.00 13.95 ? 169 LEU A CB  1 
ATOM   219  C CG  . LEU A 1 32 ? -8.322  18.320  -12.105 1.00 14.49 ? 169 LEU A CG  1 
ATOM   220  C CD1 . LEU A 1 32 ? -9.378  18.357  -11.045 1.00 20.92 ? 169 LEU A CD1 1 
ATOM   221  C CD2 . LEU A 1 32 ? -7.919  19.768  -12.463 1.00 21.30 ? 169 LEU A CD2 1 
ATOM   222  N N   . ASP A 1 33 ? -4.014  16.682  -11.491 1.00 20.79 ? 170 ASP A N   1 
ATOM   223  C CA  A ASP A 1 33 ? -2.916  15.779  -11.147 0.48 24.24 ? 170 ASP A CA  1 
ATOM   224  C CA  B ASP A 1 33 ? -2.920  15.769  -11.148 0.52 24.21 ? 170 ASP A CA  1 
ATOM   225  C C   . ASP A 1 33 ? -3.260  15.075  -9.835  1.00 21.47 ? 170 ASP A C   1 
ATOM   226  O O   . ASP A 1 33 ? -3.098  15.642  -8.754  1.00 21.88 ? 170 ASP A O   1 
ATOM   227  C CB  A ASP A 1 33 ? -1.604  16.557  -11.053 0.48 27.60 ? 170 ASP A CB  1 
ATOM   228  C CB  B ASP A 1 33 ? -1.596  16.520  -11.061 0.52 27.61 ? 170 ASP A CB  1 
ATOM   229  C CG  A ASP A 1 33 ? -1.202  17.206  -12.381 0.48 38.81 ? 170 ASP A CG  1 
ATOM   230  C CG  B ASP A 1 33 ? -0.396  15.583  -10.954 0.52 31.35 ? 170 ASP A CG  1 
ATOM   231  O OD1 A ASP A 1 33 ? -1.534  16.655  -13.449 0.48 37.54 ? 170 ASP A OD1 1 
ATOM   232  O OD1 B ASP A 1 33 ? -0.522  14.389  -11.307 0.52 38.24 ? 170 ASP A OD1 1 
ATOM   233  O OD2 A ASP A 1 33 ? -0.544  18.268  -12.357 0.48 41.78 ? 170 ASP A OD2 1 
ATOM   234  O OD2 B ASP A 1 33 ? 0.681   16.044  -10.523 0.52 42.10 ? 170 ASP A OD2 1 
ATOM   235  N N   . ILE A 1 34 ? -3.748  13.839  -9.926  1.00 19.91 ? 171 ILE A N   1 
ATOM   236  C CA  . ILE A 1 34 ? -3.994  12.990  -8.764  1.00 17.23 ? 171 ILE A CA  1 
ATOM   237  C C   . ILE A 1 34 ? -2.702  12.253  -8.421  1.00 23.51 ? 171 ILE A C   1 
ATOM   238  O O   . ILE A 1 34 ? -2.009  11.730  -9.310  1.00 23.03 ? 171 ILE A O   1 
ATOM   239  C CB  . ILE A 1 34 ? -5.132  11.987  -9.058  1.00 18.95 ? 171 ILE A CB  1 
ATOM   240  C CG1 . ILE A 1 34 ? -6.449  12.719  -9.386  1.00 15.91 ? 171 ILE A CG1 1 
ATOM   241  C CG2 . ILE A 1 34 ? -5.359  11.021  -7.873  1.00 17.46 ? 171 ILE A CG2 1 
ATOM   242  C CD1 . ILE A 1 34 ? -7.474  11.794  -9.976  1.00 20.85 ? 171 ILE A CD1 1 
ATOM   243  N N   . LYS A 1 35 ? -2.411  12.130  -7.127  1.00 20.83 ? 172 LYS A N   1 
ATOM   244  C CA  . LYS A 1 35 ? -1.201  11.419  -6.710  1.00 23.13 ? 172 LYS A CA  1 
ATOM   245  C C   . LYS A 1 35 ? -1.224  9.972   -7.201  1.00 25.57 ? 172 LYS A C   1 
ATOM   246  O O   . LYS A 1 35 ? -2.277  9.333   -7.253  1.00 22.99 ? 172 LYS A O   1 
ATOM   247  C CB  . LYS A 1 35 ? -1.059  11.506  -5.184  1.00 23.78 ? 172 LYS A CB  1 
ATOM   248  C CG  . LYS A 1 35 ? -0.781  12.934  -4.751  1.00 34.79 ? 172 LYS A CG  1 
ATOM   249  C CD  . LYS A 1 35 ? -0.276  13.036  -3.325  1.00 50.77 ? 172 LYS A CD  1 
ATOM   250  C CE  . LYS A 1 35 ? 0.299   14.432  -3.055  1.00 52.06 ? 172 LYS A CE  1 
ATOM   251  N NZ  . LYS A 1 35 ? -0.556  15.267  -2.146  1.00 47.32 ? 172 LYS A NZ  1 
ATOM   252  N N   . THR A 1 36 ? -0.040  9.445   -7.593  1.00 23.09 ? 173 THR A N   1 
ATOM   253  C CA  . THR A 1 36 ? 0.004   8.140   -8.236  1.00 24.89 ? 173 THR A CA  1 
ATOM   254  C C   . THR A 1 36 ? 0.037   6.979   -7.265  1.00 21.71 ? 173 THR A C   1 
ATOM   255  O O   . THR A 1 36 ? -0.258  5.845   -7.663  1.00 31.24 ? 173 THR A O   1 
ATOM   256  C CB  . THR A 1 36 ? 1.236   8.016   -9.130  1.00 32.42 ? 173 THR A CB  1 
ATOM   257  O OG1 . THR A 1 36 ? 2.396   8.370   -8.365  1.00 32.29 ? 173 THR A OG1 1 
ATOM   258  C CG2 . THR A 1 36 ? 1.118   8.917   -10.322 1.00 32.06 ? 173 THR A CG2 1 
ATOM   259  N N   . ASP A 1 37 ? 0.382   7.216   -6.018  1.00 23.06 ? 174 ASP A N   1 
ATOM   260  C CA  . ASP A 1 37 ? 0.533   6.081   -5.124  1.00 41.69 ? 174 ASP A CA  1 
ATOM   261  C C   . ASP A 1 37 ? -0.834  5.532   -4.707  1.00 36.22 ? 174 ASP A C   1 
ATOM   262  O O   . ASP A 1 37 ? -1.899  6.026   -5.106  1.00 28.94 ? 174 ASP A O   1 
ATOM   263  C CB  . ASP A 1 37 ? 1.371   6.481   -3.915  1.00 46.01 ? 174 ASP A CB  1 
ATOM   264  C CG  . ASP A 1 37 ? 0.769   7.639   -3.165  1.00 60.03 ? 174 ASP A CG  1 
ATOM   265  O OD1 . ASP A 1 37 ? -0.115  7.392   -2.321  1.00 60.39 ? 174 ASP A OD1 1 
ATOM   266  O OD2 . ASP A 1 37 ? 1.175   8.795   -3.429  1.00 73.60 ? 174 ASP A OD2 1 
ATOM   267  N N   . ARG A 1 38 ? -0.793  4.488   -3.879  1.00 40.67 ? 175 ARG A N   1 
ATOM   268  C CA  . ARG A 1 38 ? -2.008  3.869   -3.365  1.00 37.22 ? 175 ARG A CA  1 
ATOM   269  C C   . ARG A 1 38 ? -2.908  4.876   -2.672  1.00 35.11 ? 175 ARG A C   1 
ATOM   270  O O   . ARG A 1 38 ? -4.127  4.684   -2.616  1.00 41.98 ? 175 ARG A O   1 
ATOM   271  C CB  . ARG A 1 38 ? -1.644  2.752   -2.383  1.00 41.33 ? 175 ARG A CB  1 
ATOM   272  C CG  . ARG A 1 38 ? -2.734  1.718   -2.172  1.00 57.20 ? 175 ARG A CG  1 
ATOM   273  C CD  . ARG A 1 38 ? -2.404  0.822   -0.980  1.00 75.60 ? 175 ARG A CD  1 
ATOM   274  N NE  . ARG A 1 38 ? -2.635  1.482   0.308   1.00 80.99 ? 175 ARG A NE  1 
ATOM   275  C CZ  . ARG A 1 38 ? -1.701  2.101   1.031   1.00 80.38 ? 175 ARG A CZ  1 
ATOM   276  N NH1 . ARG A 1 38 ? -2.028  2.664   2.189   1.00 81.26 ? 175 ARG A NH1 1 
ATOM   277  N NH2 . ARG A 1 38 ? -0.443  2.163   0.606   1.00 68.00 ? 175 ARG A NH2 1 
ATOM   278  N N   . GLU A 1 39 ? -2.340  5.952   -2.137  1.00 25.90 ? 176 GLU A N   1 
ATOM   279  C CA  . GLU A 1 39 ? -3.148  6.909   -1.393  1.00 33.49 ? 176 GLU A CA  1 
ATOM   280  C C   . GLU A 1 39 ? -3.661  8.052   -2.255  1.00 38.84 ? 176 GLU A C   1 
ATOM   281  O O   . GLU A 1 39 ? -4.124  9.063   -1.718  1.00 36.05 ? 176 GLU A O   1 
ATOM   282  C CB  . GLU A 1 39 ? -2.363  7.466   -0.207  1.00 43.42 ? 176 GLU A CB  1 
ATOM   283  C CG  . GLU A 1 39 ? -2.022  6.422   0.847   1.00 59.67 ? 176 GLU A CG  1 
ATOM   284  C CD  . GLU A 1 39 ? -1.929  7.026   2.242   1.00 77.91 ? 176 GLU A CD  1 
ATOM   285  O OE1 . GLU A 1 39 ? -2.703  6.601   3.128   1.00 76.78 ? 176 GLU A OE1 1 
ATOM   286  O OE2 . GLU A 1 39 ? -1.099  7.941   2.444   1.00 74.69 ? 176 GLU A OE2 1 
ATOM   287  N N   . GLY A 1 40 ? -3.595  7.922   -3.577  1.00 23.43 ? 177 GLY A N   1 
ATOM   288  C CA  . GLY A 1 40 ? -4.174  8.948   -4.422  1.00 19.54 ? 177 GLY A CA  1 
ATOM   289  C C   . GLY A 1 40 ? -5.689  8.917   -4.422  1.00 18.49 ? 177 GLY A C   1 
ATOM   290  O O   . GLY A 1 40 ? -6.338  9.968   -4.494  1.00 17.97 ? 177 GLY A O   1 
ATOM   291  N N   . ILE A 1 41 ? -6.270  7.722   -4.448  1.00 16.58 ? 178 ILE A N   1 
ATOM   292  C CA  . ILE A 1 41 ? -7.724  7.552   -4.511  1.00 14.93 ? 178 ILE A CA  1 
ATOM   293  C C   . ILE A 1 41 ? -8.050  6.461   -3.507  1.00 18.83 ? 178 ILE A C   1 
ATOM   294  O O   . ILE A 1 41 ? -7.538  5.337   -3.631  1.00 23.62 ? 178 ILE A O   1 
ATOM   295  C CB  . ILE A 1 41 ? -8.221  7.125   -5.907  1.00 16.49 ? 178 ILE A CB  1 
ATOM   296  C CG1 . ILE A 1 41 ? -7.883  8.164   -7.000  1.00 17.07 ? 178 ILE A CG1 1 
ATOM   297  C CG2 . ILE A 1 41 ? -9.729  6.749   -5.859  1.00 17.44 ? 178 ILE A CG2 1 
ATOM   298  C CD1 . ILE A 1 41 ? -8.115  7.657   -8.455  1.00 18.91 ? 178 ILE A CD1 1 
ATOM   299  N N   . LEU A 1 42 ? -8.907  6.761   -2.538  1.00 17.09 ? 179 LEU A N   1 
ATOM   300  C CA  . LEU A 1 42 ? -9.297  5.767   -1.535  1.00 22.30 ? 179 LEU A CA  1 
ATOM   301  C C   . LEU A 1 42 ? -10.813 5.727   -1.428  1.00 18.98 ? 179 LEU A C   1 
ATOM   302  O O   . LEU A 1 42 ? -11.450 6.763   -1.214  1.00 20.03 ? 179 LEU A O   1 
ATOM   303  C CB  . LEU A 1 42 ? -8.665  6.081   -0.177  1.00 21.49 ? 179 LEU A CB  1 
ATOM   304  C CG  . LEU A 1 42 ? -7.139  5.837   -0.127  1.00 43.97 ? 179 LEU A CG  1 
ATOM   305  C CD1 . LEU A 1 42 ? -6.541  6.144   1.245   1.00 40.76 ? 179 LEU A CD1 1 
ATOM   306  C CD2 . LEU A 1 42 ? -6.760  4.400   -0.545  1.00 39.89 ? 179 LEU A CD2 1 
ATOM   307  N N   . PHE A 1 43 ? -11.391 4.548   -1.632  1.00 17.32 ? 180 PHE A N   1 
ATOM   308  C CA  . PHE A 1 43 ? -12.816 4.350   -1.455  1.00 16.36 ? 180 PHE A CA  1 
ATOM   309  C C   . PHE A 1 43 ? -13.124 4.024   -0.001  1.00 20.05 ? 180 PHE A C   1 
ATOM   310  O O   . PHE A 1 43 ? -12.430 3.214   0.629   1.00 23.18 ? 180 PHE A O   1 
ATOM   311  C CB  . PHE A 1 43 ? -13.316 3.261   -2.395  1.00 15.12 ? 180 PHE A CB  1 
ATOM   312  C CG  . PHE A 1 43 ? -13.127 3.607   -3.851  1.00 20.75 ? 180 PHE A CG  1 
ATOM   313  C CD1 . PHE A 1 43 ? -13.968 4.512   -4.457  1.00 16.81 ? 180 PHE A CD1 1 
ATOM   314  C CD2 . PHE A 1 43 ? -12.109 3.047   -4.606  1.00 23.39 ? 180 PHE A CD2 1 
ATOM   315  C CE1 . PHE A 1 43 ? -13.800 4.903   -5.775  1.00 20.11 ? 180 PHE A CE1 1 
ATOM   316  C CE2 . PHE A 1 43 ? -11.938 3.418   -5.952  1.00 23.20 ? 180 PHE A CE2 1 
ATOM   317  C CZ  . PHE A 1 43 ? -12.806 4.328   -6.538  1.00 25.14 ? 180 PHE A CZ  1 
ATOM   318  N N   . VAL A 1 44 ? -14.151 4.671   0.540   1.00 16.00 ? 181 VAL A N   1 
ATOM   319  C CA  . VAL A 1 44 ? -14.529 4.449   1.937   1.00 20.82 ? 181 VAL A CA  1 
ATOM   320  C C   . VAL A 1 44 ? -15.383 3.187   2.049   1.00 14.35 ? 181 VAL A C   1 
ATOM   321  O O   . VAL A 1 44 ? -16.310 2.969   1.272   1.00 16.84 ? 181 VAL A O   1 
ATOM   322  C CB  . VAL A 1 44 ? -15.266 5.683   2.490   1.00 21.22 ? 181 VAL A CB  1 
ATOM   323  C CG1 . VAL A 1 44 ? -15.630 5.486   3.963   1.00 21.68 ? 181 VAL A CG1 1 
ATOM   324  C CG2 . VAL A 1 44 ? -14.410 6.917   2.354   1.00 21.02 ? 181 VAL A CG2 1 
ATOM   325  N N   . MET A 1 45 ? -15.098 2.367   3.082   1.00 17.99 ? 182 MET A N   1 
ATOM   326  C CA  . MET A 1 45 ? -15.796 1.111   3.327   1.00 16.53 ? 182 MET A CA  1 
ATOM   327  C C   . MET A 1 45 ? -16.414 1.136   4.726   1.00 16.85 ? 182 MET A C   1 
ATOM   328  O O   . MET A 1 45 ? -15.890 1.818   5.608   1.00 19.80 ? 182 MET A O   1 
ATOM   329  C CB  . MET A 1 45 ? -14.830 -0.077  3.219   1.00 23.48 ? 182 MET A CB  1 
ATOM   330  C CG  . MET A 1 45 ? -14.071 -0.143  1.919   1.00 29.16 ? 182 MET A CG  1 
ATOM   331  S SD  . MET A 1 45 ? -15.106 -0.702  0.577   1.00 42.53 ? 182 MET A SD  1 
ATOM   332  C CE  . MET A 1 45 ? -14.493 0.327   -0.775  1.00 36.98 ? 182 MET A CE  1 
ATOM   333  N N   . ASP A 1 46 ? -17.503 0.381   4.908   1.00 19.14 ? 183 ASP A N   1 
ATOM   334  C CA  . ASP A 1 46 ? -18.083 0.195   6.242   1.00 18.37 ? 183 ASP A CA  1 
ATOM   335  C C   . ASP A 1 46 ? -17.280 -0.864  7.001   1.00 17.53 ? 183 ASP A C   1 
ATOM   336  O O   . ASP A 1 46 ? -16.240 -1.335  6.529   1.00 18.61 ? 183 ASP A O   1 
ATOM   337  C CB  . ASP A 1 46 ? -19.576 -0.130  6.177   1.00 23.19 ? 183 ASP A CB  1 
ATOM   338  C CG  . ASP A 1 46 ? -19.903 -1.563  5.771   1.00 30.24 ? 183 ASP A CG  1 
ATOM   339  O OD1 . ASP A 1 46 ? -19.025 -2.440  5.580   1.00 22.86 ? 183 ASP A OD1 1 
ATOM   340  O OD2 . ASP A 1 46 ? -21.118 -1.836  5.666   1.00 29.35 ? 183 ASP A OD2 1 
ATOM   341  N N   . ARG A 1 47 ? -17.721 -1.200  8.216   1.00 16.89 ? 184 ARG A N   1 
ATOM   342  C CA  . ARG A 1 47 ? -16.837 -2.005  9.056   1.00 20.12 ? 184 ARG A CA  1 
ATOM   343  C C   . ARG A 1 47 ? -16.694 -3.427  8.542   1.00 17.44 ? 184 ARG A C   1 
ATOM   344  O O   . ARG A 1 47 ? -15.806 -4.136  9.019   1.00 23.55 ? 184 ARG A O   1 
ATOM   345  C CB  . ARG A 1 47 ? -17.323 -2.005  10.510  1.00 27.14 ? 184 ARG A CB  1 
ATOM   346  C CG  . ARG A 1 47 ? -18.546 -2.843  10.730  1.00 23.18 ? 184 ARG A CG  1 
ATOM   347  C CD  . ARG A 1 47 ? -19.390 -2.329  11.895  1.00 34.33 ? 184 ARG A CD  1 
ATOM   348  N NE  . ARG A 1 47 ? -18.845 -2.669  13.189  1.00 29.50 ? 184 ARG A NE  1 
ATOM   349  C CZ  . ARG A 1 47 ? -19.107 -3.789  13.866  1.00 23.90 ? 184 ARG A CZ  1 
ATOM   350  N NH1 . ARG A 1 47 ? -19.891 -4.738  13.377  1.00 27.79 ? 184 ARG A NH1 1 
ATOM   351  N NH2 . ARG A 1 47 ? -18.547 -3.971  15.043  1.00 24.83 ? 184 ARG A NH2 1 
ATOM   352  N N   . ARG A 1 48 ? -17.540 -3.873  7.615   1.00 17.56 ? 185 ARG A N   1 
ATOM   353  C CA  . ARG A 1 48 ? -17.344 -5.179  6.992   1.00 15.75 ? 185 ARG A CA  1 
ATOM   354  C C   . ARG A 1 48 ? -16.796 -5.102  5.572   1.00 19.24 ? 185 ARG A C   1 
ATOM   355  O O   . ARG A 1 48 ? -16.829 -6.107  4.846   1.00 19.28 ? 185 ARG A O   1 
ATOM   356  C CB  . ARG A 1 48 ? -18.643 -6.007  6.979   1.00 25.05 ? 185 ARG A CB  1 
ATOM   357  C CG  . ARG A 1 48 ? -19.233 -6.385  8.358   1.00 25.40 ? 185 ARG A CG  1 
ATOM   358  C CD  . ARG A 1 48 ? -18.223 -6.931  9.394   1.00 34.42 ? 185 ARG A CD  1 
ATOM   359  N NE  . ARG A 1 48 ? -17.618 -8.207  9.020   1.00 31.90 ? 185 ARG A NE  1 
ATOM   360  C CZ  . ARG A 1 48 ? -18.145 -9.404  9.272   1.00 36.63 ? 185 ARG A CZ  1 
ATOM   361  N NH1 . ARG A 1 48 ? -19.310 -9.503  9.902   1.00 27.02 ? 185 ARG A NH1 1 
ATOM   362  N NH2 . ARG A 1 48 ? -17.504 -10.505 8.886   1.00 30.48 ? 185 ARG A NH2 1 
ATOM   363  N N   . GLY A 1 49 ? -16.337 -3.938  5.134   1.00 19.53 ? 186 GLY A N   1 
ATOM   364  C CA  . GLY A 1 49 ? -15.760 -3.804  3.812   1.00 19.21 ? 186 GLY A CA  1 
ATOM   365  C C   . GLY A 1 49 ? -16.719 -3.527  2.671   1.00 17.83 ? 186 GLY A C   1 
ATOM   366  O O   . GLY A 1 49 ? -16.325 -3.673  1.505   1.00 21.82 ? 186 GLY A O   1 
ATOM   367  N N   . ARG A 1 50 ? -17.964 -3.148  2.955   1.00 18.40 ? 187 ARG A N   1 
ATOM   368  C CA  . ARG A 1 50 ? -18.916 -2.790  1.912   1.00 21.87 ? 187 ARG A CA  1 
ATOM   369  C C   . ARG A 1 50 ? -18.768 -1.307  1.587   1.00 18.93 ? 187 ARG A C   1 
ATOM   370  O O   . ARG A 1 50 ? -18.459 -0.510  2.466   1.00 19.15 ? 187 ARG A O   1 
ATOM   371  C CB  . ARG A 1 50 ? -20.336 -3.114  2.360   1.00 24.01 ? 187 ARG A CB  1 
ATOM   372  C CG  . ARG A 1 50 ? -20.485 -4.588  2.820   1.00 28.98 ? 187 ARG A CG  1 
ATOM   373  C CD  . ARG A 1 50 ? -21.924 -4.904  3.152   1.00 41.04 ? 187 ARG A CD  1 
ATOM   374  N NE  . ARG A 1 50 ? -22.018 -6.061  4.040   1.00 49.83 ? 187 ARG A NE  1 
ATOM   375  C CZ  . ARG A 1 50 ? -22.070 -5.982  5.369   1.00 41.71 ? 187 ARG A CZ  1 
ATOM   376  N NH1 . ARG A 1 50 ? -22.042 -4.790  5.986   1.00 27.73 ? 187 ARG A NH1 1 
ATOM   377  N NH2 . ARG A 1 50 ? -22.151 -7.099  6.088   1.00 47.03 ? 187 ARG A NH2 1 
ATOM   378  N N   . ALA A 1 51 ? -18.930 -0.948  0.312   1.00 24.52 ? 188 ALA A N   1 
ATOM   379  C CA  . ALA A 1 51 ? -18.668 0.437   -0.086  1.00 21.51 ? 188 ALA A CA  1 
ATOM   380  C C   . ALA A 1 51 ? -19.751 1.363   0.461   1.00 20.80 ? 188 ALA A C   1 
ATOM   381  O O   . ALA A 1 51 ? -20.918 0.987   0.536   1.00 26.98 ? 188 ALA A O   1 
ATOM   382  C CB  . ALA A 1 51 ? -18.605 0.548   -1.605  1.00 28.22 ? 188 ALA A CB  1 
ATOM   383  N N   . THR A 1 52 ? -19.351 2.568   0.866   1.00 19.30 ? 189 THR A N   1 
ATOM   384  C CA  . THR A 1 52 ? -20.354 3.536   1.312   1.00 17.45 ? 189 THR A CA  1 
ATOM   385  C C   . THR A 1 52 ? -20.781 4.512   0.222   1.00 20.37 ? 189 THR A C   1 
ATOM   386  O O   . THR A 1 52 ? -21.744 5.254   0.440   1.00 25.49 ? 189 THR A O   1 
ATOM   387  C CB  . THR A 1 52 ? -19.837 4.355   2.489   1.00 20.96 ? 189 THR A CB  1 
ATOM   388  O OG1 . THR A 1 52 ? -18.761 5.200   2.048   1.00 24.06 ? 189 THR A OG1 1 
ATOM   389  C CG2 . THR A 1 52 ? -19.357 3.458   3.630   1.00 24.35 ? 189 THR A CG2 1 
ATOM   390  N N   . GLY A 1 53 ? -20.107 4.539   -0.922  1.00 15.86 ? 190 GLY A N   1 
ATOM   391  C CA  . GLY A 1 53 ? -20.358 5.570   -1.913  1.00 15.14 ? 190 GLY A CA  1 
ATOM   392  C C   . GLY A 1 53 ? -19.550 6.832   -1.694  1.00 18.51 ? 190 GLY A C   1 
ATOM   393  O O   . GLY A 1 53 ? -19.732 7.803   -2.446  1.00 16.08 ? 190 GLY A O   1 
ATOM   394  N N   . GLU A 1 54 ? -18.660 6.849   -0.721  1.00 17.10 ? 191 GLU A N   1 
ATOM   395  C CA  . GLU A 1 54 ? -17.757 7.961   -0.485  1.00 15.72 ? 191 GLU A CA  1 
ATOM   396  C C   . GLU A 1 54 ? -16.341 7.582   -0.901  1.00 17.07 ? 191 GLU A C   1 
ATOM   397  O O   . GLU A 1 54 ? -15.980 6.402   -0.956  1.00 16.53 ? 191 GLU A O   1 
ATOM   398  C CB  . GLU A 1 54 ? -17.778 8.386   0.975   1.00 19.72 ? 191 GLU A CB  1 
ATOM   399  C CG  . GLU A 1 54 ? -19.182 8.828   1.460   1.00 28.00 ? 191 GLU A CG  1 
ATOM   400  C CD  . GLU A 1 54 ? -19.267 9.024   2.986   1.00 41.04 ? 191 GLU A CD  1 
ATOM   401  O OE1 . GLU A 1 54 ? -19.720 10.112  3.415   1.00 43.49 ? 191 GLU A OE1 1 
ATOM   402  O OE2 . GLU A 1 54 ? -18.885 8.087   3.749   1.00 49.10 ? 191 GLU A OE2 1 
ATOM   403  N N   . ALA A 1 55 ? -15.531 8.599   -1.192  1.00 13.43 ? 192 ALA A N   1 
ATOM   404  C CA  . ALA A 1 55 ? -14.131 8.360   -1.531  1.00 13.14 ? 192 ALA A CA  1 
ATOM   405  C C   . ALA A 1 55 ? -13.340 9.591   -1.150  1.00 15.42 ? 192 ALA A C   1 
ATOM   406  O O   . ALA A 1 55 ? -13.908 10.657  -0.971  1.00 15.70 ? 192 ALA A O   1 
ATOM   407  C CB  . ALA A 1 55 ? -13.932 8.064   -3.016  1.00 15.03 ? 192 ALA A CB  1 
ATOM   408  N N   . PHE A 1 56 ? -12.016 9.450   -1.073  1.00 13.26 ? 193 PHE A N   1 
ATOM   409  C CA  . PHE A 1 56 ? -11.126 10.594  -0.894  1.00 11.87 ? 193 PHE A CA  1 
ATOM   410  C C   . PHE A 1 56 ? -10.171 10.616  -2.073  1.00 17.21 ? 193 PHE A C   1 
ATOM   411  O O   . PHE A 1 56 ? -9.771  9.552   -2.549  1.00 13.98 ? 193 PHE A O   1 
ATOM   412  C CB  . PHE A 1 56 ? -10.319 10.506  0.389   1.00 15.12 ? 193 PHE A CB  1 
ATOM   413  C CG  . PHE A 1 56 ? -11.127 10.747  1.616   1.00 15.04 ? 193 PHE A CG  1 
ATOM   414  C CD1 . PHE A 1 56 ? -11.826 9.712   2.182   1.00 17.35 ? 193 PHE A CD1 1 
ATOM   415  C CD2 . PHE A 1 56 ? -11.213 12.007  2.172   1.00 16.25 ? 193 PHE A CD2 1 
ATOM   416  C CE1 . PHE A 1 56 ? -12.597 9.917   3.326   1.00 18.24 ? 193 PHE A CE1 1 
ATOM   417  C CE2 . PHE A 1 56 ? -11.994 12.213  3.299   1.00 17.19 ? 193 PHE A CE2 1 
ATOM   418  C CZ  . PHE A 1 56 ? -12.662 11.178  3.877   1.00 17.18 ? 193 PHE A CZ  1 
ATOM   419  N N   . VAL A 1 57 ? -9.840  11.801  -2.567  1.00 12.94 ? 194 VAL A N   1 
ATOM   420  C CA  . VAL A 1 57 ? -8.897  11.951  -3.674  1.00 11.87 ? 194 VAL A CA  1 
ATOM   421  C C   . VAL A 1 57 ? -7.875  13.008  -3.272  1.00 14.72 ? 194 VAL A C   1 
ATOM   422  O O   . VAL A 1 57 ? -8.248  14.089  -2.805  1.00 15.10 ? 194 VAL A O   1 
ATOM   423  C CB  . VAL A 1 57 ? -9.617  12.328  -4.992  1.00 14.17 ? 194 VAL A CB  1 
ATOM   424  C CG1 . VAL A 1 57 ? -8.603  12.541  -6.130  1.00 16.97 ? 194 VAL A CG1 1 
ATOM   425  C CG2 . VAL A 1 57 ? -10.658 11.231  -5.352  1.00 14.64 ? 194 VAL A CG2 1 
ATOM   426  N N   . GLN A 1 58 ? -6.601  12.679  -3.449  1.00 13.79 ? 195 GLN A N   1 
ATOM   427  C CA  A GLN A 1 58 ? -5.469  13.536  -3.112  0.51 15.44 ? 195 GLN A CA  1 
ATOM   428  C CA  B GLN A 1 58 ? -5.507  13.574  -3.111  0.49 15.42 ? 195 GLN A CA  1 
ATOM   429  C C   . GLN A 1 58 ? -4.852  14.066  -4.394  1.00 15.49 ? 195 GLN A C   1 
ATOM   430  O O   . GLN A 1 58 ? -4.497  13.267  -5.257  1.00 18.23 ? 195 GLN A O   1 
ATOM   431  C CB  A GLN A 1 58 ? -4.391  12.745  -2.381  0.51 20.32 ? 195 GLN A CB  1 
ATOM   432  C CB  B GLN A 1 58 ? -4.472  12.876  -2.230  0.49 20.63 ? 195 GLN A CB  1 
ATOM   433  C CG  A GLN A 1 58 ? -4.804  12.171  -1.100  0.51 15.62 ? 195 GLN A CG  1 
ATOM   434  C CG  B GLN A 1 58 ? -3.400  13.839  -1.735  0.49 18.55 ? 195 GLN A CG  1 
ATOM   435  C CD  A GLN A 1 58 ? -3.613  11.757  -0.263  0.51 38.99 ? 195 GLN A CD  1 
ATOM   436  C CD  B GLN A 1 58 ? -2.422  13.192  -0.767  0.49 23.08 ? 195 GLN A CD  1 
ATOM   437  O OE1 A GLN A 1 58 ? -3.599  10.685  0.342   0.51 34.28 ? 195 GLN A OE1 1 
ATOM   438  O OE1 B GLN A 1 58 ? -1.409  13.791  -0.407  0.49 27.13 ? 195 GLN A OE1 1 
ATOM   439  N NE2 A GLN A 1 58 ? -2.597  12.612  -0.229  0.51 22.98 ? 195 GLN A NE2 1 
ATOM   440  N NE2 B GLN A 1 58 ? -2.710  11.965  -0.356  0.49 27.89 ? 195 GLN A NE2 1 
ATOM   441  N N   . PHE A 1 59 ? -4.664  15.382  -4.478  1.00 16.33 ? 196 PHE A N   1 
ATOM   442  C CA  . PHE A 1 59 ? -4.055  16.037  -5.629  1.00 17.32 ? 196 PHE A CA  1 
ATOM   443  C C   . PHE A 1 59 ? -2.644  16.526  -5.313  1.00 23.95 ? 196 PHE A C   1 
ATOM   444  O O   . PHE A 1 59 ? -2.227  16.618  -4.160  1.00 27.16 ? 196 PHE A O   1 
ATOM   445  C CB  . PHE A 1 59 ? -4.915  17.216  -6.085  1.00 17.66 ? 196 PHE A CB  1 
ATOM   446  C CG  . PHE A 1 59 ? -6.304  16.811  -6.497  1.00 16.20 ? 196 PHE A CG  1 
ATOM   447  C CD1 . PHE A 1 59 ? -6.534  16.322  -7.784  1.00 15.79 ? 196 PHE A CD1 1 
ATOM   448  C CD2 . PHE A 1 59 ? -7.362  16.884  -5.612  1.00 16.46 ? 196 PHE A CD2 1 
ATOM   449  C CE1 . PHE A 1 59 ? -7.810  15.913  -8.160  1.00 16.19 ? 196 PHE A CE1 1 
ATOM   450  C CE2 . PHE A 1 59 ? -8.664  16.479  -5.992  1.00 18.42 ? 196 PHE A CE2 1 
ATOM   451  C CZ  . PHE A 1 59 ? -8.871  15.978  -7.265  1.00 19.69 ? 196 PHE A CZ  1 
ATOM   452  N N   . GLU A 1 60 ? -1.932  16.918  -6.374  1.00 22.80 ? 197 GLU A N   1 
ATOM   453  C CA  . GLU A 1 60 ? -0.553  17.350  -6.196  1.00 30.46 ? 197 GLU A CA  1 
ATOM   454  C C   . GLU A 1 60 ? -0.441  18.812  -5.818  1.00 28.35 ? 197 GLU A C   1 
ATOM   455  O O   . GLU A 1 60 ? 0.620   19.244  -5.352  1.00 30.30 ? 197 GLU A O   1 
ATOM   456  C CB  . GLU A 1 60 ? 0.241   17.105  -7.476  1.00 33.33 ? 197 GLU A CB  1 
ATOM   457  C CG  . GLU A 1 60 ? 1.637   16.658  -7.223  1.00 55.90 ? 197 GLU A CG  1 
ATOM   458  C CD  . GLU A 1 60 ? 1.665   15.257  -6.696  1.00 62.06 ? 197 GLU A CD  1 
ATOM   459  O OE1 . GLU A 1 60 ? 1.013   14.393  -7.320  1.00 62.17 ? 197 GLU A OE1 1 
ATOM   460  O OE2 . GLU A 1 60 ? 2.318   15.020  -5.659  1.00 64.27 ? 197 GLU A OE2 1 
ATOM   461  N N   . SER A 1 61 ? -1.489  19.598  -6.028  1.00 23.78 ? 198 SER A N   1 
ATOM   462  C CA  . SER A 1 61 ? -1.383  21.035  -5.884  1.00 23.70 ? 198 SER A CA  1 
ATOM   463  C C   . SER A 1 61 ? -2.675  21.594  -5.324  1.00 24.66 ? 198 SER A C   1 
ATOM   464  O O   . SER A 1 61 ? -3.748  20.990  -5.425  1.00 25.46 ? 198 SER A O   1 
ATOM   465  C CB  . SER A 1 61 ? -1.053  21.725  -7.215  1.00 29.90 ? 198 SER A CB  1 
ATOM   466  O OG  . SER A 1 61 ? -2.182  21.759  -8.075  1.00 28.15 ? 198 SER A OG  1 
ATOM   467  N N   . GLN A 1 62 ? -2.563  22.783  -4.735  1.00 21.98 ? 199 GLN A N   1 
ATOM   468  C CA  . GLN A 1 62 ? -3.730  23.465  -4.204  1.00 15.49 ? 199 GLN A CA  1 
ATOM   469  C C   . GLN A 1 62 ? -4.674  23.923  -5.313  1.00 25.03 ? 199 GLN A C   1 
ATOM   470  O O   . GLN A 1 62 ? -5.899  23.804  -5.190  1.00 23.62 ? 199 GLN A O   1 
ATOM   471  C CB  . GLN A 1 62 ? -3.268  24.643  -3.333  1.00 26.02 ? 199 GLN A CB  1 
ATOM   472  C CG  . GLN A 1 62 ? -4.307  25.701  -3.083  1.00 32.01 ? 199 GLN A CG  1 
ATOM   473  C CD  . GLN A 1 62 ? -5.359  25.299  -2.084  1.00 48.57 ? 199 GLN A CD  1 
ATOM   474  O OE1 . GLN A 1 62 ? -5.266  24.254  -1.422  1.00 49.88 ? 199 GLN A OE1 1 
ATOM   475  N NE2 . GLN A 1 62 ? -6.379  26.134  -1.963  1.00 38.26 ? 199 GLN A NE2 1 
ATOM   476  N N   . ASP A 1 63 ? -4.140  24.416  -6.425  1.00 25.68 ? 200 ASP A N   1 
ATOM   477  C CA  . ASP A 1 63 ? -5.049  24.856  -7.477  1.00 27.01 ? 200 ASP A CA  1 
ATOM   478  C C   . ASP A 1 63 ? -5.837  23.692  -8.073  1.00 19.98 ? 200 ASP A C   1 
ATOM   479  O O   . ASP A 1 63 ? -6.992  23.874  -8.461  1.00 19.91 ? 200 ASP A O   1 
ATOM   480  C CB  . ASP A 1 63 ? -4.283  25.587  -8.562  1.00 26.89 ? 200 ASP A CB  1 
ATOM   481  C CG  . ASP A 1 63 ? -5.194  26.121  -9.650  1.00 34.91 ? 200 ASP A CG  1 
ATOM   482  O OD1 . ASP A 1 63 ? -6.027  27.003  -9.356  1.00 32.89 ? 200 ASP A OD1 1 
ATOM   483  O OD2 . ASP A 1 63 ? -5.064  25.661  -10.800 1.00 34.20 ? 200 ASP A OD2 1 
ATOM   484  N N   . ASP A 1 64 ? -5.242  22.507  -8.130  1.00 18.61 ? 201 ASP A N   1 
ATOM   485  C CA  . ASP A 1 64 ? -6.001  21.355  -8.627  1.00 19.74 ? 201 ASP A CA  1 
ATOM   486  C C   . ASP A 1 64 ? -7.138  20.976  -7.687  1.00 19.46 ? 201 ASP A C   1 
ATOM   487  O O   . ASP A 1 64 ? -8.206  20.527  -8.139  1.00 17.91 ? 201 ASP A O   1 
ATOM   488  C CB  . ASP A 1 64 ? -5.063  20.195  -8.847  1.00 21.11 ? 201 ASP A CB  1 
ATOM   489  C CG  . ASP A 1 64 ? -4.446  20.238  -10.245 1.00 35.19 ? 201 ASP A CG  1 
ATOM   490  O OD1 . ASP A 1 64 ? -4.671  21.249  -10.956 1.00 43.24 ? 201 ASP A OD1 1 
ATOM   491  O OD2 . ASP A 1 64 ? -3.738  19.289  -10.628 1.00 36.83 ? 201 ASP A OD2 1 
ATOM   492  N N   . THR A 1 65 ? -6.929  21.125  -6.386  1.00 20.45 ? 202 THR A N   1 
ATOM   493  C CA  . THR A 1 65 ? -8.022  20.929  -5.440  1.00 19.44 ? 202 THR A CA  1 
ATOM   494  C C   . THR A 1 65 ? -9.157  21.908  -5.699  1.00 16.15 ? 202 THR A C   1 
ATOM   495  O O   . THR A 1 65 ? -10.342 21.549  -5.634  1.00 17.87 ? 202 THR A O   1 
ATOM   496  C CB  . THR A 1 65 ? -7.482  21.066  -4.010  1.00 22.87 ? 202 THR A CB  1 
ATOM   497  O OG1 . THR A 1 65 ? -6.397  20.140  -3.848  1.00 23.05 ? 202 THR A OG1 1 
ATOM   498  C CG2 . THR A 1 65 ? -8.578  20.767  -3.001  1.00 24.43 ? 202 THR A CG2 1 
ATOM   499  N N   . GLU A 1 66 ? -8.826  23.168  -6.013  1.00 20.23 ? 203 GLU A N   1 
ATOM   500  C CA  . GLU A 1 66 ? -9.887  24.128  -6.246  1.00 21.67 ? 203 GLU A CA  1 
ATOM   501  C C   . GLU A 1 66 ? -10.637 23.811  -7.533  1.00 19.06 ? 203 GLU A C   1 
ATOM   502  O O   . GLU A 1 66 ? -11.859 23.940  -7.580  1.00 20.93 ? 203 GLU A O   1 
ATOM   503  C CB  . GLU A 1 66 ? -9.321  25.545  -6.278  1.00 32.48 ? 203 GLU A CB  1 
ATOM   504  C CG  . GLU A 1 66 ? -8.614  25.932  -4.982  1.00 28.38 ? 203 GLU A CG  1 
ATOM   505  C CD  . GLU A 1 66 ? -9.554  26.284  -3.834  1.00 42.60 ? 203 GLU A CD  1 
ATOM   506  O OE1 . GLU A 1 66 ? -10.775 26.498  -4.055  1.00 31.43 ? 203 GLU A OE1 1 
ATOM   507  O OE2 . GLU A 1 66 ? -9.042  26.383  -2.695  1.00 42.73 ? 203 GLU A OE2 1 
ATOM   508  N N   . GLN A 1 67 ? -9.922  23.361  -8.575  1.00 17.99 ? 204 GLN A N   1 
ATOM   509  C CA  . GLN A 1 67 ? -10.609 22.951  -9.793  1.00 17.32 ? 204 GLN A CA  1 
ATOM   510  C C   . GLN A 1 67 ? -11.465 21.709  -9.552  1.00 17.98 ? 204 GLN A C   1 
ATOM   511  O O   . GLN A 1 67 ? -12.529 21.576  -10.169 1.00 18.18 ? 204 GLN A O   1 
ATOM   512  C CB  . GLN A 1 67 ? -9.608  22.678  -10.903 1.00 18.70 ? 204 GLN A CB  1 
ATOM   513  C CG  . GLN A 1 67 ? -8.837  23.929  -11.386 1.00 19.05 ? 204 GLN A CG  1 
ATOM   514  C CD  . GLN A 1 67 ? -7.860  23.581  -12.459 1.00 31.13 ? 204 GLN A CD  1 
ATOM   515  O OE1 . GLN A 1 67 ? -6.657  23.793  -12.327 1.00 47.52 ? 204 GLN A OE1 1 
ATOM   516  N NE2 . GLN A 1 67 ? -8.369  23.003  -13.527 1.00 24.10 ? 204 GLN A NE2 1 
ATOM   517  N N   . ALA A 1 68 ? -11.032 20.807  -8.665  1.00 17.14 ? 205 ALA A N   1 
ATOM   518  C CA  . ALA A 1 68 ? -11.865 19.632  -8.372  1.00 12.53 ? 205 ALA A CA  1 
ATOM   519  C C   . ALA A 1 68 ? -13.147 20.059  -7.705  1.00 15.31 ? 205 ALA A C   1 
ATOM   520  O O   . ALA A 1 68 ? -14.231 19.588  -8.045  1.00 15.61 ? 205 ALA A O   1 
ATOM   521  C CB  . ALA A 1 68 ? -11.121 18.660  -7.472  1.00 13.03 ? 205 ALA A CB  1 
ATOM   522  N N   . LEU A 1 69 ? -13.052 20.977  -6.741  1.00 16.15 ? 206 LEU A N   1 
ATOM   523  C CA  . LEU A 1 69 ? -14.264 21.462  -6.100  1.00 15.05 ? 206 LEU A CA  1 
ATOM   524  C C   . LEU A 1 69 ? -15.208 22.127  -7.090  1.00 16.74 ? 206 LEU A C   1 
ATOM   525  O O   . LEU A 1 69 ? -16.433 22.079  -6.918  1.00 21.55 ? 206 LEU A O   1 
ATOM   526  C CB  . LEU A 1 69 ? -13.884 22.431  -4.970  1.00 20.23 ? 206 LEU A CB  1 
ATOM   527  C CG  . LEU A 1 69 ? -13.242 21.659  -3.837  1.00 25.50 ? 206 LEU A CG  1 
ATOM   528  C CD1 . LEU A 1 69 ? -12.280 22.581  -3.102  1.00 44.44 ? 206 LEU A CD1 1 
ATOM   529  C CD2 . LEU A 1 69 ? -14.324 21.182  -2.924  1.00 25.39 ? 206 LEU A CD2 1 
ATOM   530  N N   . GLY A 1 70 ? -14.664 22.738  -8.140  1.00 19.19 ? 207 GLY A N   1 
ATOM   531  C CA  . GLY A 1 70 ? -15.529 23.318  -9.143  1.00 21.40 ? 207 GLY A CA  1 
ATOM   532  C C   . GLY A 1 70 ? -16.300 22.303  -9.964  1.00 20.08 ? 207 GLY A C   1 
ATOM   533  O O   . GLY A 1 70 ? -17.215 22.693  -10.691 1.00 20.91 ? 207 GLY A O   1 
ATOM   534  N N   . ARG A 1 71 ? -15.987 21.017  -9.830  1.00 17.17 ? 208 ARG A N   1 
ATOM   535  C CA  . ARG A 1 71 ? -16.744 19.976  -10.530 1.00 15.08 ? 208 ARG A CA  1 
ATOM   536  C C   . ARG A 1 71 ? -17.860 19.378  -9.671  1.00 13.92 ? 208 ARG A C   1 
ATOM   537  O O   . ARG A 1 71 ? -18.463 18.377  -10.068 1.00 13.16 ? 208 ARG A O   1 
ATOM   538  C CB  . ARG A 1 71 ? -15.796 18.891  -11.014 1.00 12.29 ? 208 ARG A CB  1 
ATOM   539  C CG  . ARG A 1 71 ? -14.822 19.482  -12.049 1.00 15.04 ? 208 ARG A CG  1 
ATOM   540  C CD  . ARG A 1 71 ? -13.927 18.473  -12.667 1.00 13.47 ? 208 ARG A CD  1 
ATOM   541  N NE  . ARG A 1 71 ? -12.892 19.202  -13.409 1.00 13.36 ? 208 ARG A NE  1 
ATOM   542  C CZ  . ARG A 1 71 ? -11.963 18.638  -14.159 1.00 12.89 ? 208 ARG A CZ  1 
ATOM   543  N NH1 . ARG A 1 71 ? -11.953 17.319  -14.343 1.00 13.82 ? 208 ARG A NH1 1 
ATOM   544  N NH2 . ARG A 1 71 ? -11.029 19.384  -14.770 1.00 15.62 ? 208 ARG A NH2 1 
ATOM   545  N N   . ASN A 1 72 ? -18.177 20.023  -8.554  1.00 14.50 ? 209 ASN A N   1 
ATOM   546  C CA  . ASN A 1 72 ? -19.261 19.607  -7.678  1.00 14.38 ? 209 ASN A CA  1 
ATOM   547  C C   . ASN A 1 72 ? -20.557 19.451  -8.460  1.00 15.09 ? 209 ASN A C   1 
ATOM   548  O O   . ASN A 1 72 ? -20.915 20.305  -9.288  1.00 17.07 ? 209 ASN A O   1 
ATOM   549  C CB  . ASN A 1 72 ? -19.432 20.636  -6.553  1.00 20.01 ? 209 ASN A CB  1 
ATOM   550  C CG  . ASN A 1 72 ? -20.486 20.237  -5.572  1.00 21.07 ? 209 ASN A CG  1 
ATOM   551  O OD1 . ASN A 1 72 ? -20.498 19.122  -5.098  1.00 17.05 ? 209 ASN A OD1 1 
ATOM   552  N ND2 . ASN A 1 72 ? -21.438 21.127  -5.307  1.00 25.57 ? 209 ASN A ND2 1 
ATOM   553  N N   . ARG A 1 73 ? -21.237 18.333  -8.222  1.00 18.93 ? 210 ARG A N   1 
ATOM   554  C CA  . ARG A 1 73 ? -22.462 17.887  -8.870  1.00 16.58 ? 210 ARG A CA  1 
ATOM   555  C C   . ARG A 1 73 ? -22.329 17.562  -10.363 1.00 16.64 ? 210 ARG A C   1 
ATOM   556  O O   . ARG A 1 73 ? -23.345 17.323  -11.009 1.00 21.80 ? 210 ARG A O   1 
ATOM   557  C CB  . ARG A 1 73 ? -23.619 18.875  -8.668  1.00 18.42 ? 210 ARG A CB  1 
ATOM   558  C CG  . ARG A 1 73 ? -23.922 19.094  -7.170  1.00 35.03 ? 210 ARG A CG  1 
ATOM   559  C CD  . ARG A 1 73 ? -25.342 19.525  -6.879  1.00 36.10 ? 210 ARG A CD  1 
ATOM   560  N NE  . ARG A 1 73 ? -26.223 18.380  -6.703  1.00 40.62 ? 210 ARG A NE  1 
ATOM   561  C CZ  . ARG A 1 73 ? -27.123 17.982  -7.592  1.00 44.31 ? 210 ARG A CZ  1 
ATOM   562  N NH1 . ARG A 1 73 ? -27.277 18.638  -8.736  1.00 51.95 ? 210 ARG A NH1 1 
ATOM   563  N NH2 . ARG A 1 73 ? -27.872 16.924  -7.332  1.00 42.72 ? 210 ARG A NH2 1 
ATOM   564  N N   . GLU A 1 74 ? -21.120 17.490  -10.929 1.00 13.48 ? 211 GLU A N   1 
ATOM   565  C CA  . GLU A 1 74 ? -20.975 16.822  -12.218 1.00 13.39 ? 211 GLU A CA  1 
ATOM   566  C C   . GLU A 1 74 ? -21.164 15.306  -12.032 1.00 13.11 ? 211 GLU A C   1 
ATOM   567  O O   . GLU A 1 74 ? -21.206 14.793  -10.912 1.00 14.74 ? 211 GLU A O   1 
ATOM   568  C CB  . GLU A 1 74 ? -19.631 17.163  -12.851 1.00 16.92 ? 211 GLU A CB  1 
ATOM   569  C CG  . GLU A 1 74 ? -19.541 18.667  -13.170 1.00 16.54 ? 211 GLU A CG  1 
ATOM   570  C CD  . GLU A 1 74 ? -18.274 19.078  -13.853 1.00 23.86 ? 211 GLU A CD  1 
ATOM   571  O OE1 . GLU A 1 74 ? -18.104 20.306  -14.082 1.00 35.38 ? 211 GLU A OE1 1 
ATOM   572  O OE2 . GLU A 1 74 ? -17.432 18.210  -14.120 1.00 25.12 ? 211 GLU A OE2 1 
ATOM   573  N N   . LYS A 1 75 ? -21.324 14.589  -13.133 1.00 14.84 ? 212 LYS A N   1 
ATOM   574  C CA  . LYS A 1 75 ? -21.804 13.210  -13.099 1.00 12.61 ? 212 LYS A CA  1 
ATOM   575  C C   . LYS A 1 75 ? -20.712 12.188  -13.394 1.00 14.26 ? 212 LYS A C   1 
ATOM   576  O O   . LYS A 1 75 ? -19.833 12.381  -14.245 1.00 12.50 ? 212 LYS A O   1 
ATOM   577  C CB  . LYS A 1 75 ? -22.960 12.987  -14.101 1.00 14.63 ? 212 LYS A CB  1 
ATOM   578  C CG  . LYS A 1 75 ? -24.214 13.763  -13.659 1.00 23.66 ? 212 LYS A CG  1 
ATOM   579  C CD  . LYS A 1 75 ? -25.316 13.762  -14.689 1.00 25.09 ? 212 LYS A CD  1 
ATOM   580  C CE  . LYS A 1 75 ? -25.939 12.423  -14.794 1.00 30.96 ? 212 LYS A CE  1 
ATOM   581  N NZ  . LYS A 1 75 ? -27.231 12.530  -15.571 1.00 32.18 ? 212 LYS A NZ  1 
ATOM   582  N N   . ILE A 1 76 ? -20.848 11.035  -12.747 1.00 11.67 ? 213 ILE A N   1 
ATOM   583  C CA  . ILE A 1 76 ? -20.241 9.787   -13.213 1.00 9.80  ? 213 ILE A CA  1 
ATOM   584  C C   . ILE A 1 76 ? -21.386 8.859   -13.566 1.00 14.65 ? 213 ILE A C   1 
ATOM   585  O O   . ILE A 1 76 ? -22.216 8.526   -12.695 1.00 11.59 ? 213 ILE A O   1 
ATOM   586  C CB  . ILE A 1 76 ? -19.318 9.138   -12.172 1.00 12.22 ? 213 ILE A CB  1 
ATOM   587  C CG1 . ILE A 1 76 ? -18.147 10.040  -11.816 1.00 11.39 ? 213 ILE A CG1 1 
ATOM   588  C CG2 . ILE A 1 76 ? -18.867 7.748   -12.650 1.00 14.09 ? 213 ILE A CG2 1 
ATOM   589  C CD1 . ILE A 1 76 ? -17.251 9.410   -10.723 1.00 15.20 ? 213 ILE A CD1 1 
ATOM   590  N N   . GLY A 1 77 ? -21.476 8.507   -14.838 1.00 15.56 ? 214 GLY A N   1 
ATOM   591  C CA  . GLY A 1 77 ? -22.653 7.763   -15.286 1.00 15.04 ? 214 GLY A CA  1 
ATOM   592  C C   . GLY A 1 77 ? -23.892 8.620   -15.052 1.00 12.29 ? 214 GLY A C   1 
ATOM   593  O O   . GLY A 1 77 ? -23.943 9.792   -15.430 1.00 15.99 ? 214 GLY A O   1 
ATOM   594  N N   . HIS A 1 78 ? -24.853 8.057   -14.324 1.00 13.74 ? 215 HIS A N   1 
ATOM   595  C CA  . HIS A 1 78 ? -26.086 8.781   -14.049 1.00 10.58 ? 215 HIS A CA  1 
ATOM   596  C C   . HIS A 1 78 ? -26.088 9.405   -12.661 1.00 14.45 ? 215 HIS A C   1 
ATOM   597  O O   . HIS A 1 78 ? -27.119 9.997   -12.280 1.00 15.48 ? 215 HIS A O   1 
ATOM   598  C CB  . HIS A 1 78 ? -27.312 7.850   -14.188 1.00 14.05 ? 215 HIS A CB  1 
ATOM   599  C CG  . HIS A 1 78 ? -27.273 6.675   -13.271 1.00 14.42 ? 215 HIS A CG  1 
ATOM   600  N ND1 . HIS A 1 78 ? -26.854 5.428   -13.679 1.00 24.04 ? 215 HIS A ND1 1 
ATOM   601  C CD2 . HIS A 1 78 ? -27.625 6.551   -11.968 1.00 14.44 ? 215 HIS A CD2 1 
ATOM   602  C CE1 . HIS A 1 78 ? -26.913 4.591   -12.657 1.00 26.14 ? 215 HIS A CE1 1 
ATOM   603  N NE2 . HIS A 1 78 ? -27.365 5.251   -11.603 1.00 17.72 ? 215 HIS A NE2 1 
ATOM   604  N N   . ARG A 1 79 ? -24.973 9.313   -11.912 1.00 10.96 ? 216 ARG A N   1 
ATOM   605  C CA  . ARG A 1 79 ? -24.895 9.747   -10.512 1.00 10.01 ? 216 ARG A CA  1 
ATOM   606  C C   . ARG A 1 79 ? -24.257 11.122  -10.416 1.00 15.74 ? 216 ARG A C   1 
ATOM   607  O O   . ARG A 1 79 ? -23.178 11.349  -10.953 1.00 13.32 ? 216 ARG A O   1 
ATOM   608  C CB  . ARG A 1 79 ? -24.055 8.799   -9.639  1.00 10.75 ? 216 ARG A CB  1 
ATOM   609  C CG  . ARG A 1 79 ? -24.634 7.375   -9.565  1.00 13.95 ? 216 ARG A CG  1 
ATOM   610  C CD  . ARG A 1 79 ? -25.943 7.290   -8.707  1.00 11.89 ? 216 ARG A CD  1 
ATOM   611  N NE  . ARG A 1 79 ? -25.666 7.603   -7.309  1.00 15.25 ? 216 ARG A NE  1 
ATOM   612  C CZ  . ARG A 1 79 ? -26.564 7.545   -6.331  1.00 16.06 ? 216 ARG A CZ  1 
ATOM   613  N NH1 . ARG A 1 79 ? -26.223 7.843   -5.061  1.00 16.42 ? 216 ARG A NH1 1 
ATOM   614  N NH2 . ARG A 1 79 ? -27.807 7.199   -6.628  1.00 15.83 ? 216 ARG A NH2 1 
ATOM   615  N N   . TYR A 1 80 ? -24.911 12.007  -9.691  1.00 9.85  ? 217 TYR A N   1 
ATOM   616  C CA  . TYR A 1 80 ? -24.346 13.303  -9.364  1.00 13.15 ? 217 TYR A CA  1 
ATOM   617  C C   . TYR A 1 80 ? -23.365 13.175  -8.208  1.00 15.21 ? 217 TYR A C   1 
ATOM   618  O O   . TYR A 1 80 ? -23.687 12.583  -7.159  1.00 15.15 ? 217 TYR A O   1 
ATOM   619  C CB  . TYR A 1 80 ? -25.480 14.257  -8.979  1.00 16.22 ? 217 TYR A CB  1 
ATOM   620  C CG  . TYR A 1 80 ? -26.404 14.647  -10.095 1.00 17.27 ? 217 TYR A CG  1 
ATOM   621  C CD1 . TYR A 1 80 ? -27.531 13.900  -10.375 1.00 23.19 ? 217 TYR A CD1 1 
ATOM   622  C CD2 . TYR A 1 80 ? -26.139 15.768  -10.872 1.00 21.60 ? 217 TYR A CD2 1 
ATOM   623  C CE1 . TYR A 1 80 ? -28.399 14.262  -11.417 1.00 23.45 ? 217 TYR A CE1 1 
ATOM   624  C CE2 . TYR A 1 80 ? -27.006 16.147  -11.905 1.00 29.41 ? 217 TYR A CE2 1 
ATOM   625  C CZ  . TYR A 1 80 ? -28.130 15.379  -12.167 1.00 34.93 ? 217 TYR A CZ  1 
ATOM   626  O OH  . TYR A 1 80 ? -29.001 15.705  -13.186 1.00 50.08 ? 217 TYR A OH  1 
ATOM   627  N N   . ILE A 1 81 ? -22.167 13.726  -8.389  1.00 11.57 ? 218 ILE A N   1 
ATOM   628  C CA  . ILE A 1 81 ? -21.100 13.543  -7.409  1.00 10.37 ? 218 ILE A CA  1 
ATOM   629  C C   . ILE A 1 81 ? -20.952 14.830  -6.598  1.00 14.51 ? 218 ILE A C   1 
ATOM   630  O O   . ILE A 1 81 ? -20.658 15.900  -7.150  1.00 15.56 ? 218 ILE A O   1 
ATOM   631  C CB  . ILE A 1 81 ? -19.772 13.156  -8.096  1.00 9.52  ? 218 ILE A CB  1 
ATOM   632  C CG1 . ILE A 1 81 ? -19.940 11.932  -9.035  1.00 12.20 ? 218 ILE A CG1 1 
ATOM   633  C CG2 . ILE A 1 81 ? -18.702 12.880  -7.060  1.00 12.23 ? 218 ILE A CG2 1 
ATOM   634  C CD1 . ILE A 1 81 ? -20.604 10.699  -8.398  1.00 13.39 ? 218 ILE A CD1 1 
ATOM   635  N N   . GLU A 1 82 ? -21.196 14.732  -5.302  1.00 12.33 ? 219 GLU A N   1 
ATOM   636  C CA  . GLU A 1 82 ? -20.949 15.837  -4.376  1.00 10.47 ? 219 GLU A CA  1 
ATOM   637  C C   . GLU A 1 82 ? -19.492 15.841  -3.982  1.00 12.80 ? 219 GLU A C   1 
ATOM   638  O O   . GLU A 1 82 ? -18.926 14.788  -3.678  1.00 14.16 ? 219 GLU A O   1 
ATOM   639  C CB  . GLU A 1 82 ? -21.834 15.702  -3.133  1.00 19.07 ? 219 GLU A CB  1 
ATOM   640  C CG  . GLU A 1 82 ? -23.313 15.502  -3.464  1.00 23.66 ? 219 GLU A CG  1 
ATOM   641  C CD  . GLU A 1 82 ? -24.092 15.064  -2.236  1.00 53.54 ? 219 GLU A CD  1 
ATOM   642  O OE1 . GLU A 1 82 ? -24.351 15.944  -1.385  1.00 48.48 ? 219 GLU A OE1 1 
ATOM   643  O OE2 . GLU A 1 82 ? -24.389 13.844  -2.097  1.00 42.55 ? 219 GLU A OE2 1 
ATOM   644  N N   . ILE A 1 83 ? -18.877 17.024  -3.906  1.00 13.80 ? 220 ILE A N   1 
ATOM   645  C CA  . ILE A 1 83 ? -17.451 17.153  -3.638  1.00 11.04 ? 220 ILE A CA  1 
ATOM   646  C C   . ILE A 1 83 ? -17.250 18.154  -2.505  1.00 16.64 ? 220 ILE A C   1 
ATOM   647  O O   . ILE A 1 83 ? -17.827 19.245  -2.537  1.00 19.54 ? 220 ILE A O   1 
ATOM   648  C CB  . ILE A 1 83 ? -16.678 17.612  -4.889  1.00 13.42 ? 220 ILE A CB  1 
ATOM   649  C CG1 . ILE A 1 83 ? -17.042 16.716  -6.094  1.00 13.33 ? 220 ILE A CG1 1 
ATOM   650  C CG2 . ILE A 1 83 ? -15.181 17.620  -4.660  1.00 18.06 ? 220 ILE A CG2 1 
ATOM   651  C CD1 . ILE A 1 83 ? -16.416 17.217  -7.382  1.00 15.34 ? 220 ILE A CD1 1 
ATOM   652  N N   . PHE A 1 84 ? -16.473 17.770  -1.496  1.00 16.61 ? 221 PHE A N   1 
ATOM   653  C CA  . PHE A 1 84 ? -16.222 18.636  -0.341  1.00 17.21 ? 221 PHE A CA  1 
ATOM   654  C C   . PHE A 1 84 ? -14.735 18.804  -0.081  1.00 17.80 ? 221 PHE A C   1 
ATOM   655  O O   . PHE A 1 84 ? -13.955 17.866  -0.248  1.00 17.16 ? 221 PHE A O   1 
ATOM   656  C CB  . PHE A 1 84 ? -16.832 18.045  0.956   1.00 20.74 ? 221 PHE A CB  1 
ATOM   657  C CG  . PHE A 1 84 ? -18.245 17.632  0.823   1.00 19.70 ? 221 PHE A CG  1 
ATOM   658  C CD1 . PHE A 1 84 ? -19.272 18.535  1.079   1.00 26.12 ? 221 PHE A CD1 1 
ATOM   659  C CD2 . PHE A 1 84 ? -18.584 16.339  0.406   1.00 19.69 ? 221 PHE A CD2 1 
ATOM   660  C CE1 . PHE A 1 84 ? -20.605 18.154  0.935   1.00 29.18 ? 221 PHE A CE1 1 
ATOM   661  C CE2 . PHE A 1 84 ? -19.913 15.961  0.273   1.00 29.88 ? 221 PHE A CE2 1 
ATOM   662  C CZ  . PHE A 1 84 ? -20.924 16.866  0.540   1.00 22.58 ? 221 PHE A CZ  1 
ATOM   663  N N   . ARG A 1 85 ? -14.358 19.986  0.436   1.00 18.59 ? 222 ARG A N   1 
ATOM   664  C CA  A ARG A 1 85 ? -12.989 20.194  0.893   0.47 21.88 ? 222 ARG A CA  1 
ATOM   665  C CA  B ARG A 1 85 ? -12.990 20.195  0.891   0.53 21.85 ? 222 ARG A CA  1 
ATOM   666  C C   . ARG A 1 85 ? -12.695 19.293  2.082   1.00 17.36 ? 222 ARG A C   1 
ATOM   667  O O   . ARG A 1 85 ? -13.560 19.056  2.927   1.00 20.99 ? 222 ARG A O   1 
ATOM   668  C CB  A ARG A 1 85 ? -12.774 21.658  1.287   0.47 26.17 ? 222 ARG A CB  1 
ATOM   669  C CB  B ARG A 1 85 ? -12.770 21.660  1.285   0.53 26.17 ? 222 ARG A CB  1 
ATOM   670  C CG  A ARG A 1 85 ? -13.241 22.638  0.236   0.47 31.29 ? 222 ARG A CG  1 
ATOM   671  C CG  B ARG A 1 85 ? -13.542 22.674  0.441   0.53 33.33 ? 222 ARG A CG  1 
ATOM   672  C CD  A ARG A 1 85 ? -13.146 24.079  0.717   0.47 36.12 ? 222 ARG A CD  1 
ATOM   673  C CD  B ARG A 1 85 ? -13.122 24.096  0.826   0.53 36.00 ? 222 ARG A CD  1 
ATOM   674  N NE  A ARG A 1 85 ? -13.387 24.983  -0.396  0.47 32.95 ? 222 ARG A NE  1 
ATOM   675  N NE  B ARG A 1 85 ? -11.703 24.266  0.556   0.53 28.09 ? 222 ARG A NE  1 
ATOM   676  C CZ  A ARG A 1 85 ? -12.425 25.424  -1.197  0.47 42.39 ? 222 ARG A CZ  1 
ATOM   677  C CZ  B ARG A 1 85 ? -11.218 24.859  -0.527  0.53 33.23 ? 222 ARG A CZ  1 
ATOM   678  N NH1 A ARG A 1 85 ? -11.169 25.047  -0.989  0.47 35.33 ? 222 ARG A NH1 1 
ATOM   679  N NH1 B ARG A 1 85 ? -12.040 25.376  -1.429  0.53 42.82 ? 222 ARG A NH1 1 
ATOM   680  N NH2 A ARG A 1 85 ? -12.715 26.238  -2.204  0.47 39.23 ? 222 ARG A NH2 1 
ATOM   681  N NH2 B ARG A 1 85 ? -9.906  24.943  -0.705  0.53 43.16 ? 222 ARG A NH2 1 
ATOM   682  N N   . SER A 1 86 ? -11.470 18.785  2.136   1.00 19.46 ? 223 SER A N   1 
ATOM   683  C CA  . SER A 1 86 ? -11.095 17.814  3.138   1.00 19.58 ? 223 SER A CA  1 
ATOM   684  C C   . SER A 1 86 ? -9.659  18.038  3.581   1.00 23.08 ? 223 SER A C   1 
ATOM   685  O O   . SER A 1 86 ? -9.136  19.159  3.477   1.00 27.26 ? 223 SER A O   1 
ATOM   686  C CB  . SER A 1 86 ? -11.293 16.392  2.586   1.00 18.17 ? 223 SER A CB  1 
ATOM   687  O OG  . SER A 1 86 ? -11.178 15.452  3.624   1.00 26.14 ? 223 SER A OG  1 
ATOM   688  N N   . SER A 1 87 ? -9.023  16.976  4.056   1.00 21.29 ? 224 SER A N   1 
ATOM   689  C CA  . SER A 1 87 ? -7.689  17.041  4.647   1.00 21.46 ? 224 SER A CA  1 
ATOM   690  C C   . SER A 1 87 ? -7.095  15.646  4.692   1.00 24.94 ? 224 SER A C   1 
ATOM   691  O O   . SER A 1 87 ? -7.812  14.647  4.681   1.00 27.50 ? 224 SER A O   1 
ATOM   692  C CB  . SER A 1 87 ? -7.734  17.618  6.065   1.00 29.79 ? 224 SER A CB  1 
ATOM   693  O OG  . SER A 1 87 ? -8.449  16.722  6.905   1.00 25.97 ? 224 SER A OG  1 
ATOM   694  N N   . ILE A 1 88 ? -5.762  15.590  4.781   1.00 22.47 ? 225 ILE A N   1 
ATOM   695  C CA  . ILE A 1 88 ? -5.075  14.314  4.882   1.00 20.13 ? 225 ILE A CA  1 
ATOM   696  C C   . ILE A 1 88 ? -5.523  13.567  6.132   1.00 23.11 ? 225 ILE A C   1 
ATOM   697  O O   . ILE A 1 88 ? -5.759  12.358  6.091   1.00 29.79 ? 225 ILE A O   1 
ATOM   698  C CB  . ILE A 1 88 ? -3.548  14.530  4.886   1.00 34.72 ? 225 ILE A CB  1 
ATOM   699  C CG1 . ILE A 1 88 ? -3.102  15.262  3.620   1.00 45.68 ? 225 ILE A CG1 1 
ATOM   700  C CG2 . ILE A 1 88 ? -2.821  13.205  5.022   1.00 40.13 ? 225 ILE A CG2 1 
ATOM   701  C CD1 . ILE A 1 88 ? -2.921  14.382  2.441   1.00 40.77 ? 225 ILE A CD1 1 
ATOM   702  N N   . ALA A 1 89 ? -5.647  14.279  7.263   1.00 24.66 ? 226 ALA A N   1 
ATOM   703  C CA  . ALA A 1 89 ? -6.050  13.612  8.505   1.00 32.88 ? 226 ALA A CA  1 
ATOM   704  C C   . ALA A 1 89 ? -7.440  12.991  8.378   1.00 24.22 ? 226 ALA A C   1 
ATOM   705  O O   . ALA A 1 89 ? -7.678  11.887  8.869   1.00 30.50 ? 226 ALA A O   1 
ATOM   706  C CB  . ALA A 1 89 ? -6.009  14.592  9.681   1.00 32.04 ? 226 ALA A CB  1 
ATOM   707  N N   . GLU A 1 90 ? -8.373  13.682  7.714   1.00 23.67 ? 227 GLU A N   1 
ATOM   708  C CA  . GLU A 1 90 ? -9.695  13.089  7.530   1.00 19.80 ? 227 GLU A CA  1 
ATOM   709  C C   . GLU A 1 90 ? -9.615  11.871  6.619   1.00 26.44 ? 227 GLU A C   1 
ATOM   710  O O   . GLU A 1 90 ? -10.266 10.849  6.873   1.00 21.25 ? 227 GLU A O   1 
ATOM   711  C CB  . GLU A 1 90 ? -10.673 14.131  6.982   1.00 20.43 ? 227 GLU A CB  1 
ATOM   712  C CG  . GLU A 1 90 ? -12.111 13.583  6.911   1.00 24.64 ? 227 GLU A CG  1 
ATOM   713  C CD  . GLU A 1 90 ? -13.133 14.548  6.274   1.00 30.96 ? 227 GLU A CD  1 
ATOM   714  O OE1 . GLU A 1 90 ? -14.347 14.409  6.557   1.00 35.33 ? 227 GLU A OE1 1 
ATOM   715  O OE2 . GLU A 1 90 ? -12.748 15.429  5.484   1.00 34.44 ? 227 GLU A OE2 1 
ATOM   716  N N   . MET A 1 91 ? -8.814  11.955  5.553   1.00 24.50 ? 228 MET A N   1 
ATOM   717  C CA  . MET A 1 91 ? -8.638  10.800  4.676   1.00 20.55 ? 228 MET A CA  1 
ATOM   718  C C   . MET A 1 91 ? -8.042  9.618   5.436   1.00 24.66 ? 228 MET A C   1 
ATOM   719  O O   . MET A 1 91 ? -8.515  8.478   5.309   1.00 26.22 ? 228 MET A O   1 
ATOM   720  C CB  . MET A 1 91 ? -7.746  11.193  3.490   1.00 22.72 ? 228 MET A CB  1 
ATOM   721  C CG  . MET A 1 91 ? -7.412  10.048  2.526   1.00 18.65 ? 228 MET A CG  1 
ATOM   722  S SD  . MET A 1 91 ? -6.572  10.769  1.104   1.00 31.95 ? 228 MET A SD  1 
ATOM   723  C CE  . MET A 1 91 ? -6.878  9.500   -0.147  1.00 35.40 ? 228 MET A CE  1 
ATOM   724  N N   . LYS A 1 92 ? -6.985  9.863   6.218   1.00 30.14 ? 229 LYS A N   1 
ATOM   725  C CA  . LYS A 1 92 ? -6.346  8.758   6.932   1.00 27.06 ? 229 LYS A CA  1 
ATOM   726  C C   . LYS A 1 92 ? -7.279  8.148   7.972   1.00 28.73 ? 229 LYS A C   1 
ATOM   727  O O   . LYS A 1 92 ? -7.281  6.926   8.165   1.00 36.88 ? 229 LYS A O   1 
ATOM   728  C CB  . LYS A 1 92 ? -5.044  9.225   7.589   1.00 31.87 ? 229 LYS A CB  1 
ATOM   729  C CG  . LYS A 1 92 ? -3.946  9.521   6.592   1.00 36.15 ? 229 LYS A CG  1 
ATOM   730  C CD  . LYS A 1 92 ? -3.027  8.325   6.411   1.00 60.94 ? 229 LYS A CD  1 
ATOM   731  C CE  . LYS A 1 92 ? -1.844  8.679   5.527   1.00 56.36 ? 229 LYS A CE  1 
ATOM   732  N NZ  . LYS A 1 92 ? -1.345  10.041  5.841   1.00 63.86 ? 229 LYS A NZ  1 
ATOM   733  N N   . ARG A 1 93 ? -8.061  8.973   8.666   1.00 26.01 ? 230 ARG A N   1 
ATOM   734  C CA  . ARG A 1 93 ? -8.971  8.436   9.679   1.00 28.91 ? 230 ARG A CA  1 
ATOM   735  C C   . ARG A 1 93 ? -9.969  7.465   9.070   1.00 41.17 ? 230 ARG A C   1 
ATOM   736  O O   . ARG A 1 93 ? -10.141 6.341   9.554   1.00 41.13 ? 230 ARG A O   1 
ATOM   737  C CB  . ARG A 1 93 ? -9.700  9.571   10.393  1.00 45.19 ? 230 ARG A CB  1 
ATOM   738  C CG  . ARG A 1 93 ? -9.022  10.012  11.671  1.00 52.01 ? 230 ARG A CG  1 
ATOM   739  C CD  . ARG A 1 93 ? -9.984  10.786  12.549  1.00 50.71 ? 230 ARG A CD  1 
ATOM   740  N NE  . ARG A 1 93 ? -10.770 11.751  11.789  1.00 49.56 ? 230 ARG A NE  1 
ATOM   741  C CZ  . ARG A 1 93 ? -10.288 12.903  11.332  1.00 47.25 ? 230 ARG A CZ  1 
ATOM   742  N NH1 . ARG A 1 93 ? -9.019  13.223  11.545  1.00 54.64 ? 230 ARG A NH1 1 
ATOM   743  N NH2 . ARG A 1 93 ? -11.067 13.732  10.656  1.00 39.81 ? 230 ARG A NH2 1 
ATOM   744  N N   . ALA A 1 94 ? -10.624 7.871   7.985   1.00 43.53 ? 231 ALA A N   1 
ATOM   745  C CA  . ALA A 1 94 ? -11.697 7.069   7.424   1.00 38.81 ? 231 ALA A CA  1 
ATOM   746  C C   . ALA A 1 94 ? -11.198 5.843   6.676   1.00 35.84 ? 231 ALA A C   1 
ATOM   747  O O   . ALA A 1 94 ? -12.016 4.986   6.314   1.00 41.78 ? 231 ALA A O   1 
ATOM   748  C CB  . ALA A 1 94 ? -12.553 7.927   6.488   1.00 49.92 ? 231 ALA A CB  1 
ATOM   749  N N   . THR A 1 95 ? -9.895  5.733   6.436   1.00 40.24 ? 232 THR A N   1 
ATOM   750  C CA  . THR A 1 95 ? -9.370  4.662   5.593   1.00 38.99 ? 232 THR A CA  1 
ATOM   751  C C   . THR A 1 95 ? -8.240  3.923   6.290   1.00 46.14 ? 232 THR A C   1 
ATOM   752  O O   . THR A 1 95 ? -7.247  3.575   5.660   1.00 56.30 ? 232 THR A O   1 
ATOM   753  C CB  . THR A 1 95 ? -8.849  5.200   4.232   1.00 53.73 ? 232 THR A CB  1 
ATOM   754  O OG1 . THR A 1 95 ? -7.701  6.033   4.452   1.00 55.58 ? 232 THR A OG1 1 
ATOM   755  C CG2 . THR A 1 95 ? -9.934  5.995   3.487   1.00 39.54 ? 232 THR A CG2 1 
ATOM   756  N N   . THR B 1 7  ? 27.352  -4.114  11.005  1.00 76.65 ? 144 THR B N   1 
ATOM   757  C CA  . THR B 1 7  ? 26.085  -4.784  11.276  1.00 68.53 ? 144 THR B CA  1 
ATOM   758  C C   . THR B 1 7  ? 25.115  -4.629  10.104  1.00 76.56 ? 144 THR B C   1 
ATOM   759  O O   . THR B 1 7  ? 24.999  -3.551  9.513   1.00 67.42 ? 144 THR B O   1 
ATOM   760  C CB  . THR B 1 7  ? 25.420  -4.245  12.569  1.00 81.68 ? 144 THR B CB  1 
ATOM   761  O OG1 . THR B 1 7  ? 24.100  -4.789  12.699  1.00 83.51 ? 144 THR B OG1 1 
ATOM   762  C CG2 . THR B 1 7  ? 25.346  -2.719  12.558  1.00 60.64 ? 144 THR B CG2 1 
ATOM   763  N N   . ALA B 1 8  ? 24.427  -5.716  9.762   1.00 68.95 ? 145 ALA B N   1 
ATOM   764  C CA  . ALA B 1 8  ? 23.419  -5.650  8.719   1.00 55.33 ? 145 ALA B CA  1 
ATOM   765  C C   . ALA B 1 8  ? 22.085  -5.174  9.292   1.00 46.37 ? 145 ALA B C   1 
ATOM   766  O O   . ALA B 1 8  ? 21.904  -5.050  10.506  1.00 34.73 ? 145 ALA B O   1 
ATOM   767  C CB  . ALA B 1 8  ? 23.249  -7.007  8.041   1.00 39.56 ? 145 ALA B CB  1 
ATOM   768  N N   . PHE B 1 9  ? 21.148  -4.907  8.383   1.00 44.35 ? 146 PHE B N   1 
ATOM   769  C CA  . PHE B 1 9  ? 19.792  -4.465  8.667   1.00 30.36 ? 146 PHE B CA  1 
ATOM   770  C C   . PHE B 1 9  ? 18.834  -5.593  8.329   1.00 28.45 ? 146 PHE B C   1 
ATOM   771  O O   . PHE B 1 9  ? 19.088  -6.369  7.410   1.00 26.05 ? 146 PHE B O   1 
ATOM   772  C CB  . PHE B 1 9  ? 19.457  -3.244  7.838   1.00 25.60 ? 146 PHE B CB  1 
ATOM   773  C CG  . PHE B 1 9  ? 20.463  -2.153  7.987   1.00 31.82 ? 146 PHE B CG  1 
ATOM   774  C CD1 . PHE B 1 9  ? 21.637  -2.182  7.266   1.00 29.39 ? 146 PHE B CD1 1 
ATOM   775  C CD2 . PHE B 1 9  ? 20.248  -1.129  8.892   1.00 38.17 ? 146 PHE B CD2 1 
ATOM   776  C CE1 . PHE B 1 9  ? 22.594  -1.197  7.444   1.00 36.11 ? 146 PHE B CE1 1 
ATOM   777  C CE2 . PHE B 1 9  ? 21.186  -0.136  9.060   1.00 38.28 ? 146 PHE B CE2 1 
ATOM   778  C CZ  . PHE B 1 9  ? 22.356  -0.175  8.328   1.00 34.75 ? 146 PHE B CZ  1 
ATOM   779  N N   . VAL B 1 10 ? 17.757  -5.714  9.104   1.00 18.49 ? 147 VAL B N   1 
ATOM   780  C CA  . VAL B 1 10 ? 16.901  -6.898  9.036   1.00 16.95 ? 147 VAL B CA  1 
ATOM   781  C C   . VAL B 1 10 ? 15.445  -6.488  8.915   1.00 16.06 ? 147 VAL B C   1 
ATOM   782  O O   . VAL B 1 10 ? 14.993  -5.567  9.595   1.00 19.05 ? 147 VAL B O   1 
ATOM   783  C CB  . VAL B 1 10 ? 17.093  -7.801  10.275  1.00 20.14 ? 147 VAL B CB  1 
ATOM   784  C CG1 . VAL B 1 10 ? 16.250  -9.052  10.149  1.00 18.93 ? 147 VAL B CG1 1 
ATOM   785  C CG2 . VAL B 1 10 ? 18.588  -8.134  10.504  1.00 21.16 ? 147 VAL B CG2 1 
ATOM   786  N N   . VAL B 1 11 ? 14.686  -7.193  8.056   1.00 14.94 ? 148 VAL B N   1 
ATOM   787  C CA  . VAL B 1 11 ? 13.230  -7.054  8.041   1.00 14.10 ? 148 VAL B CA  1 
ATOM   788  C C   . VAL B 1 11 ? 12.615  -8.423  8.298   1.00 18.50 ? 148 VAL B C   1 
ATOM   789  O O   . VAL B 1 11 ? 13.250  -9.466  8.072   1.00 16.46 ? 148 VAL B O   1 
ATOM   790  C CB  . VAL B 1 11 ? 12.666  -6.433  6.729   1.00 16.91 ? 148 VAL B CB  1 
ATOM   791  C CG1 . VAL B 1 11 ? 13.361  -5.119  6.407   1.00 18.31 ? 148 VAL B CG1 1 
ATOM   792  C CG2 . VAL B 1 11 ? 12.763  -7.419  5.551   1.00 17.09 ? 148 VAL B CG2 1 
ATOM   793  N N   . LYS B 1 12 ? 11.407  -8.409  8.836   1.00 14.18 ? 149 LYS B N   1 
ATOM   794  C CA  . LYS B 1 12 ? 10.604  -9.592  9.092   1.00 14.57 ? 149 LYS B CA  1 
ATOM   795  C C   . LYS B 1 12 ? 9.446   -9.608  8.107   1.00 14.16 ? 149 LYS B C   1 
ATOM   796  O O   . LYS B 1 12 ? 8.766   -8.593  7.921   1.00 14.24 ? 149 LYS B O   1 
ATOM   797  C CB  . LYS B 1 12 ? 10.085  -9.592  10.539  1.00 15.43 ? 149 LYS B CB  1 
ATOM   798  C CG  . LYS B 1 12 ? 9.243   -10.800 10.847  1.00 19.70 ? 149 LYS B CG  1 
ATOM   799  C CD  . LYS B 1 12 ? 8.904   -10.872 12.326  1.00 25.97 ? 149 LYS B CD  1 
ATOM   800  C CE  . LYS B 1 12 ? 8.228   -12.201 12.646  1.00 43.32 ? 149 LYS B CE  1 
ATOM   801  N NZ  . LYS B 1 12 ? 8.043   -12.380 14.111  1.00 49.12 ? 149 LYS B NZ  1 
ATOM   802  N N   . LEU B 1 13 ? 9.208   -10.773 7.486   1.00 13.20 ? 150 LEU B N   1 
ATOM   803  C CA  . LEU B 1 13 ? 8.105   -10.988 6.553   1.00 14.29 ? 150 LEU B CA  1 
ATOM   804  C C   . LEU B 1 13 ? 7.051   -11.876 7.183   1.00 13.32 ? 150 LEU B C   1 
ATOM   805  O O   . LEU B 1 13 ? 7.388   -12.826 7.900   1.00 16.75 ? 150 LEU B O   1 
ATOM   806  C CB  . LEU B 1 13 ? 8.561   -11.693 5.274   1.00 15.12 ? 150 LEU B CB  1 
ATOM   807  C CG  . LEU B 1 13 ? 9.782   -11.200 4.542   1.00 18.35 ? 150 LEU B CG  1 
ATOM   808  C CD1 . LEU B 1 13 ? 9.983   -12.065 3.294   1.00 14.04 ? 150 LEU B CD1 1 
ATOM   809  C CD2 . LEU B 1 13 ? 9.640   -9.738  4.160   1.00 21.69 ? 150 LEU B CD2 1 
ATOM   810  N N   . ARG B 1 14 ? 5.777   -11.565 6.935   1.00 11.35 ? 151 ARG B N   1 
ATOM   811  C CA  . ARG B 1 14 ? 4.654   -12.371 7.373   1.00 14.49 ? 151 ARG B CA  1 
ATOM   812  C C   . ARG B 1 14 ? 3.660   -12.508 6.223   1.00 16.13 ? 151 ARG B C   1 
ATOM   813  O O   . ARG B 1 14 ? 3.585   -11.650 5.326   1.00 14.83 ? 151 ARG B O   1 
ATOM   814  C CB  . ARG B 1 14 ? 3.964   -11.738 8.587   1.00 19.81 ? 151 ARG B CB  1 
ATOM   815  C CG  . ARG B 1 14 ? 3.034   -12.644 9.357   1.00 27.80 ? 151 ARG B CG  1 
ATOM   816  C CD  . ARG B 1 14 ? 2.534   -11.904 10.637  1.00 36.89 ? 151 ARG B CD  1 
ATOM   817  N NE  . ARG B 1 14 ? 1.697   -10.737 10.326  1.00 59.37 ? 151 ARG B NE  1 
ATOM   818  C CZ  . ARG B 1 14 ? 1.346   -9.800  11.209  1.00 42.56 ? 151 ARG B CZ  1 
ATOM   819  N NH1 . ARG B 1 14 ? 1.780   -9.871  12.461  1.00 41.15 ? 151 ARG B NH1 1 
ATOM   820  N NH2 . ARG B 1 14 ? 0.573   -8.785  10.839  1.00 38.54 ? 151 ARG B NH2 1 
ATOM   821  N N   . GLY B 1 15 ? 2.887   -13.576 6.262   1.00 15.30 ? 152 GLY B N   1 
ATOM   822  C CA  . GLY B 1 15 ? 1.905   -13.817 5.236   1.00 16.63 ? 152 GLY B CA  1 
ATOM   823  C C   . GLY B 1 15 ? 2.391   -14.601 4.043   1.00 14.38 ? 152 GLY B C   1 
ATOM   824  O O   . GLY B 1 15 ? 1.646   -14.774 3.084   1.00 13.53 ? 152 GLY B O   1 
ATOM   825  N N   . LEU B 1 16 ? 3.567   -15.189 4.131   1.00 14.03 ? 153 LEU B N   1 
ATOM   826  C CA  . LEU B 1 16 ? 4.134   -15.936 3.014   1.00 10.21 ? 153 LEU B CA  1 
ATOM   827  C C   . LEU B 1 16 ? 3.402   -17.232 2.695   1.00 14.02 ? 153 LEU B C   1 
ATOM   828  O O   . LEU B 1 16 ? 2.828   -17.894 3.586   1.00 16.71 ? 153 LEU B O   1 
ATOM   829  C CB  . LEU B 1 16 ? 5.582   -16.296 3.339   1.00 12.93 ? 153 LEU B CB  1 
ATOM   830  C CG  . LEU B 1 16 ? 6.570   -15.117 3.400   1.00 13.79 ? 153 LEU B CG  1 
ATOM   831  C CD1 . LEU B 1 16 ? 7.917   -15.521 4.032   1.00 18.30 ? 153 LEU B CD1 1 
ATOM   832  C CD2 . LEU B 1 16 ? 6.830   -14.496 2.028   1.00 13.47 ? 153 LEU B CD2 1 
ATOM   833  N N   . PRO B 1 17 ? 3.445   -17.640 1.423   1.00 14.78 ? 154 PRO B N   1 
ATOM   834  C CA  . PRO B 1 17 ? 3.073   -19.016 1.080   1.00 13.36 ? 154 PRO B CA  1 
ATOM   835  C C   . PRO B 1 17 ? 4.015   -19.964 1.812   1.00 18.00 ? 154 PRO B C   1 
ATOM   836  O O   . PRO B 1 17 ? 5.202   -19.673 1.981   1.00 18.51 ? 154 PRO B O   1 
ATOM   837  C CB  . PRO B 1 17 ? 3.275   -19.080 -0.444  1.00 17.84 ? 154 PRO B CB  1 
ATOM   838  C CG  . PRO B 1 17 ? 3.518   -17.660 -0.933  1.00 20.04 ? 154 PRO B CG  1 
ATOM   839  C CD  . PRO B 1 17 ? 3.954   -16.861 0.273   1.00 13.81 ? 154 PRO B CD  1 
ATOM   840  N N   . TYR B 1 18 ? 3.471   -21.073 2.313   1.00 21.65 ? 155 TYR B N   1 
ATOM   841  C CA  . TYR B 1 18 ? 4.328   -21.932 3.130   1.00 21.25 ? 155 TYR B CA  1 
ATOM   842  C C   . TYR B 1 18 ? 5.412   -22.614 2.303   1.00 24.49 ? 155 TYR B C   1 
ATOM   843  O O   . TYR B 1 18 ? 6.434   -23.030 2.867   1.00 26.25 ? 155 TYR B O   1 
ATOM   844  C CB  . TYR B 1 18 ? 3.499   -22.974 3.875   1.00 26.64 ? 155 TYR B CB  1 
ATOM   845  C CG  . TYR B 1 18 ? 2.873   -22.482 5.174   1.00 36.12 ? 155 TYR B CG  1 
ATOM   846  C CD1 . TYR B 1 18 ? 2.488   -21.156 5.337   1.00 27.02 ? 155 TYR B CD1 1 
ATOM   847  C CD2 . TYR B 1 18 ? 2.673   -23.358 6.243   1.00 34.56 ? 155 TYR B CD2 1 
ATOM   848  C CE1 . TYR B 1 18 ? 1.907   -20.720 6.515   1.00 26.02 ? 155 TYR B CE1 1 
ATOM   849  C CE2 . TYR B 1 18 ? 2.104   -22.933 7.418   1.00 33.06 ? 155 TYR B CE2 1 
ATOM   850  C CZ  . TYR B 1 18 ? 1.729   -21.603 7.562   1.00 43.52 ? 155 TYR B CZ  1 
ATOM   851  O OH  . TYR B 1 18 ? 1.151   -21.154 8.737   1.00 38.11 ? 155 TYR B OH  1 
ATOM   852  N N   . ALA B 1 19 ? 5.213   -22.749 0.996   1.00 20.57 ? 156 ALA B N   1 
ATOM   853  C CA  . ALA B 1 19 ? 6.233   -23.309 0.123   1.00 19.52 ? 156 ALA B CA  1 
ATOM   854  C C   . ALA B 1 19 ? 7.166   -22.267 -0.521  1.00 21.40 ? 156 ALA B C   1 
ATOM   855  O O   . ALA B 1 19 ? 7.891   -22.614 -1.473  1.00 20.85 ? 156 ALA B O   1 
ATOM   856  C CB  . ALA B 1 19 ? 5.558   -24.156 -0.957  1.00 21.70 ? 156 ALA B CB  1 
ATOM   857  N N   . VAL B 1 20 ? 7.216   -21.027 -0.011  1.00 16.63 ? 157 VAL B N   1 
ATOM   858  C CA  . VAL B 1 20 ? 7.966   -19.979 -0.691  1.00 14.26 ? 157 VAL B CA  1 
ATOM   859  C C   . VAL B 1 20 ? 9.440   -20.360 -0.738  1.00 15.98 ? 157 VAL B C   1 
ATOM   860  O O   . VAL B 1 20 ? 9.985   -20.924 0.221   1.00 20.04 ? 157 VAL B O   1 
ATOM   861  C CB  . VAL B 1 20 ? 7.770   -18.615 0.012   1.00 17.56 ? 157 VAL B CB  1 
ATOM   862  C CG1 . VAL B 1 20 ? 8.330   -18.623 1.430   1.00 18.30 ? 157 VAL B CG1 1 
ATOM   863  C CG2 . VAL B 1 20 ? 8.345   -17.500 -0.810  1.00 20.01 ? 157 VAL B CG2 1 
ATOM   864  N N   . THR B 1 21 ? 10.089  -20.050 -1.853  1.00 15.64 ? 158 THR B N   1 
ATOM   865  C CA  . THR B 1 21 ? 11.520  -20.313 -2.000  1.00 19.46 ? 158 THR B CA  1 
ATOM   866  C C   . THR B 1 21 ? 12.381  -19.057 -1.817  1.00 20.14 ? 158 THR B C   1 
ATOM   867  O O   . THR B 1 21 ? 11.921  -17.915 -1.980  1.00 15.56 ? 158 THR B O   1 
ATOM   868  C CB  . THR B 1 21 ? 11.794  -20.890 -3.384  1.00 16.31 ? 158 THR B CB  1 
ATOM   869  O OG1 . THR B 1 21 ? 11.592  -19.889 -4.371  1.00 19.00 ? 158 THR B OG1 1 
ATOM   870  C CG2 . THR B 1 21 ? 10.865  -22.036 -3.671  1.00 19.64 ? 158 THR B CG2 1 
ATOM   871  N N   . GLU B 1 22 ? 13.698  -19.276 -1.612  1.00 17.05 ? 159 GLU B N   1 
ATOM   872  C CA  . GLU B 1 22 ? 14.621  -18.151 -1.616  1.00 16.96 ? 159 GLU B CA  1 
ATOM   873  C C   . GLU B 1 22 ? 14.519  -17.351 -2.897  1.00 14.17 ? 159 GLU B C   1 
ATOM   874  O O   . GLU B 1 22 ? 14.692  -16.135 -2.878  1.00 16.93 ? 159 GLU B O   1 
ATOM   875  C CB  . GLU B 1 22 ? 16.088  -18.593 -1.429  1.00 18.74 ? 159 GLU B CB  1 
ATOM   876  C CG  . GLU B 1 22 ? 16.429  -19.037 -0.032  1.00 23.86 ? 159 GLU B CG  1 
ATOM   877  C CD  . GLU B 1 22 ? 17.941  -18.988 0.254   1.00 39.56 ? 159 GLU B CD  1 
ATOM   878  O OE1 . GLU B 1 22 ? 18.349  -19.622 1.249   1.00 40.70 ? 159 GLU B OE1 1 
ATOM   879  O OE2 . GLU B 1 22 ? 18.706  -18.309 -0.500  1.00 32.42 ? 159 GLU B OE2 1 
ATOM   880  N N   . GLN B 1 23 ? 14.353  -18.025 -4.054  1.00 19.06 ? 160 GLN B N   1 
ATOM   881  C CA  A GLN B 1 23 ? 14.311  -17.280 -5.309  0.52 20.43 ? 160 GLN B CA  1 
ATOM   882  C CA  B GLN B 1 23 ? 14.300  -17.304 -5.318  0.48 20.44 ? 160 GLN B CA  1 
ATOM   883  C C   . GLN B 1 23 ? 13.114  -16.351 -5.338  1.00 13.28 ? 160 GLN B C   1 
ATOM   884  O O   . GLN B 1 23 ? 13.220  -15.224 -5.808  1.00 16.87 ? 160 GLN B O   1 
ATOM   885  C CB  A GLN B 1 23 ? 14.278  -18.214 -6.523  0.52 22.53 ? 160 GLN B CB  1 
ATOM   886  C CB  B GLN B 1 23 ? 14.210  -18.299 -6.473  0.48 22.31 ? 160 GLN B CB  1 
ATOM   887  C CG  A GLN B 1 23 ? 15.638  -18.749 -6.858  0.52 25.61 ? 160 GLN B CG  1 
ATOM   888  C CG  B GLN B 1 23 ? 14.052  -17.646 -7.807  0.48 24.19 ? 160 GLN B CG  1 
ATOM   889  C CD  A GLN B 1 23 ? 16.115  -19.681 -5.777  0.52 25.20 ? 160 GLN B CD  1 
ATOM   890  C CD  B GLN B 1 23 ? 14.109  -18.659 -8.927  0.48 37.88 ? 160 GLN B CD  1 
ATOM   891  O OE1 A GLN B 1 23 ? 15.374  -20.562 -5.368  0.52 22.76 ? 160 GLN B OE1 1 
ATOM   892  O OE1 B GLN B 1 23 ? 14.716  -19.717 -8.772  0.48 29.23 ? 160 GLN B OE1 1 
ATOM   893  N NE2 A GLN B 1 23 ? 17.335  -19.486 -5.300  0.52 22.22 ? 160 GLN B NE2 1 
ATOM   894  N NE2 B GLN B 1 23 ? 13.467  -18.351 -10.051 0.48 33.72 ? 160 GLN B NE2 1 
ATOM   895  N N   . GLN B 1 24 ? 11.990  -16.791 -4.773  1.00 13.58 ? 161 GLN B N   1 
ATOM   896  C CA  . GLN B 1 24 ? 10.818  -15.926 -4.750  1.00 12.46 ? 161 GLN B CA  1 
ATOM   897  C C   . GLN B 1 24 ? 11.038  -14.709 -3.862  1.00 13.53 ? 161 GLN B C   1 
ATOM   898  O O   . GLN B 1 24 ? 10.576  -13.609 -4.204  1.00 13.50 ? 161 GLN B O   1 
ATOM   899  C CB  . GLN B 1 24 ? 9.616   -16.703 -4.271  1.00 13.09 ? 161 GLN B CB  1 
ATOM   900  C CG  . GLN B 1 24 ? 9.062   -17.674 -5.322  1.00 16.05 ? 161 GLN B CG  1 
ATOM   901  C CD  . GLN B 1 24 ? 7.899   -18.486 -4.755  1.00 18.41 ? 161 GLN B CD  1 
ATOM   902  O OE1 . GLN B 1 24 ? 8.095   -19.370 -3.927  1.00 19.85 ? 161 GLN B OE1 1 
ATOM   903  N NE2 . GLN B 1 24 ? 6.664   -18.157 -5.175  1.00 20.88 ? 161 GLN B NE2 1 
ATOM   904  N N   . ILE B 1 25 ? 11.692  -14.897 -2.713  1.00 13.20 ? 162 ILE B N   1 
ATOM   905  C CA  A ILE B 1 25 ? 12.020  -13.763 -1.849  0.45 12.42 ? 162 ILE B CA  1 
ATOM   906  C CA  B ILE B 1 25 ? 12.047  -13.775 -1.833  0.55 12.36 ? 162 ILE B CA  1 
ATOM   907  C C   . ILE B 1 25 ? 12.999  -12.827 -2.538  1.00 16.95 ? 162 ILE B C   1 
ATOM   908  O O   . ILE B 1 25 ? 12.829  -11.600 -2.523  1.00 11.66 ? 162 ILE B O   1 
ATOM   909  C CB  A ILE B 1 25 ? 12.561  -14.272 -0.503  0.45 13.80 ? 162 ILE B CB  1 
ATOM   910  C CB  B ILE B 1 25 ? 12.675  -14.299 -0.529  0.55 14.16 ? 162 ILE B CB  1 
ATOM   911  C CG1 A ILE B 1 25 ? 11.402  -14.759 0.343   0.45 12.38 ? 162 ILE B CG1 1 
ATOM   912  C CG1 B ILE B 1 25 ? 11.750  -15.270 0.158   0.55 16.36 ? 162 ILE B CG1 1 
ATOM   913  C CG2 A ILE B 1 25 ? 13.364  -13.170 0.221   0.45 14.33 ? 162 ILE B CG2 1 
ATOM   914  C CG2 B ILE B 1 25 ? 12.996  -13.136 0.423   0.55 15.18 ? 162 ILE B CG2 1 
ATOM   915  C CD1 A ILE B 1 25 ? 11.830  -15.393 1.628   0.45 18.95 ? 162 ILE B CD1 1 
ATOM   916  C CD1 B ILE B 1 25 ? 10.475  -14.641 0.595   0.55 12.61 ? 162 ILE B CD1 1 
ATOM   917  N N   . GLU B 1 26 ? 14.062  -13.383 -3.134  1.00 14.72 ? 163 GLU B N   1 
ATOM   918  C CA  A GLU B 1 26 ? 15.007  -12.567 -3.889  0.49 16.45 ? 163 GLU B CA  1 
ATOM   919  C CA  B GLU B 1 26 ? 15.006  -12.583 -3.909  0.51 16.62 ? 163 GLU B CA  1 
ATOM   920  C C   . GLU B 1 26 ? 14.293  -11.741 -4.959  1.00 13.50 ? 163 GLU B C   1 
ATOM   921  O O   . GLU B 1 26 ? 14.541  -10.546 -5.089  1.00 17.69 ? 163 GLU B O   1 
ATOM   922  C CB  A GLU B 1 26 ? 16.088  -13.469 -4.518  0.49 19.67 ? 163 GLU B CB  1 
ATOM   923  C CB  B GLU B 1 26 ? 16.025  -13.513 -4.583  0.51 19.80 ? 163 GLU B CB  1 
ATOM   924  C CG  A GLU B 1 26 ? 16.969  -14.225 -3.526  0.49 19.61 ? 163 GLU B CG  1 
ATOM   925  C CG  B GLU B 1 26 ? 17.452  -13.264 -4.225  0.51 33.07 ? 163 GLU B CG  1 
ATOM   926  C CD  A GLU B 1 26 ? 17.668  -15.438 -4.168  0.49 35.99 ? 163 GLU B CD  1 
ATOM   927  C CD  B GLU B 1 26 ? 18.397  -13.789 -5.298  0.51 32.97 ? 163 GLU B CD  1 
ATOM   928  O OE1 A GLU B 1 26 ? 17.594  -15.580 -5.410  0.49 27.39 ? 163 GLU B OE1 1 
ATOM   929  O OE1 B GLU B 1 26 ? 18.172  -14.916 -5.801  0.51 30.70 ? 163 GLU B OE1 1 
ATOM   930  O OE2 A GLU B 1 26 ? 18.292  -16.247 -3.438  0.49 27.63 ? 163 GLU B OE2 1 
ATOM   931  O OE2 B GLU B 1 26 ? 19.340  -13.059 -5.653  0.51 22.48 ? 163 GLU B OE2 1 
ATOM   932  N N   . GLU B 1 27 ? 13.385  -12.367 -5.716  1.00 14.66 ? 164 GLU B N   1 
ATOM   933  C CA  . GLU B 1 27 ? 12.686  -11.662 -6.791  1.00 13.81 ? 164 GLU B CA  1 
ATOM   934  C C   . GLU B 1 27 ? 11.733  -10.609 -6.236  1.00 14.06 ? 164 GLU B C   1 
ATOM   935  O O   . GLU B 1 27 ? 11.646  -9.504  -6.777  1.00 15.77 ? 164 GLU B O   1 
ATOM   936  C CB  . GLU B 1 27 ? 11.959  -12.666 -7.684  1.00 17.99 ? 164 GLU B CB  1 
ATOM   937  C CG  . GLU B 1 27 ? 12.984  -13.518 -8.495  1.00 22.63 ? 164 GLU B CG  1 
ATOM   938  C CD  . GLU B 1 27 ? 12.307  -14.514 -9.406  1.00 38.18 ? 164 GLU B CD  1 
ATOM   939  O OE1 . GLU B 1 27 ? 11.055  -14.459 -9.506  1.00 27.31 ? 164 GLU B OE1 1 
ATOM   940  O OE2 . GLU B 1 27 ? 13.033  -15.341 -10.012 1.00 32.25 ? 164 GLU B OE2 1 
ATOM   941  N N   . PHE B 1 28 ? 11.079  -10.911 -5.104  1.00 12.62 ? 165 PHE B N   1 
ATOM   942  C CA  . PHE B 1 28 ? 10.220  -9.934  -4.436  1.00 12.49 ? 165 PHE B CA  1 
ATOM   943  C C   . PHE B 1 28 ? 11.012  -8.683  -4.075  1.00 13.15 ? 165 PHE B C   1 
ATOM   944  O O   . PHE B 1 28 ? 10.498  -7.557  -4.176  1.00 12.87 ? 165 PHE B O   1 
ATOM   945  C CB  . PHE B 1 28 ? 9.613   -10.572 -3.185  1.00 13.29 ? 165 PHE B CB  1 
ATOM   946  C CG  . PHE B 1 28 ? 8.628   -9.679  -2.433  1.00 12.33 ? 165 PHE B CG  1 
ATOM   947  C CD1 . PHE B 1 28 ? 7.353   -9.480  -2.907  1.00 14.63 ? 165 PHE B CD1 1 
ATOM   948  C CD2 . PHE B 1 28 ? 9.011   -9.049  -1.259  1.00 12.91 ? 165 PHE B CD2 1 
ATOM   949  C CE1 . PHE B 1 28 ? 6.456   -8.665  -2.200  1.00 13.88 ? 165 PHE B CE1 1 
ATOM   950  C CE2 . PHE B 1 28 ? 8.125   -8.227  -0.565  1.00 19.60 ? 165 PHE B CE2 1 
ATOM   951  C CZ  . PHE B 1 28 ? 6.856   -8.036  -1.047  1.00 16.70 ? 165 PHE B CZ  1 
ATOM   952  N N   . PHE B 1 29 ? 12.267  -8.862  -3.661  1.00 14.36 ? 166 PHE B N   1 
ATOM   953  C CA  . PHE B 1 29 ? 13.145  -7.750  -3.332  1.00 12.45 ? 166 PHE B CA  1 
ATOM   954  C C   . PHE B 1 29 ? 14.118  -7.435  -4.467  1.00 14.98 ? 166 PHE B C   1 
ATOM   955  O O   . PHE B 1 29 ? 15.224  -6.947  -4.220  1.00 16.64 ? 166 PHE B O   1 
ATOM   956  C CB  . PHE B 1 29 ? 13.886  -8.064  -2.031  1.00 14.14 ? 166 PHE B CB  1 
ATOM   957  C CG  . PHE B 1 29 ? 12.978  -8.015  -0.820  1.00 13.25 ? 166 PHE B CG  1 
ATOM   958  C CD1 . PHE B 1 29 ? 12.190  -6.898  -0.589  1.00 12.38 ? 166 PHE B CD1 1 
ATOM   959  C CD2 . PHE B 1 29 ? 12.917  -9.083  0.062   1.00 15.06 ? 166 PHE B CD2 1 
ATOM   960  C CE1 . PHE B 1 29 ? 11.365  -6.846  0.519   1.00 10.89 ? 166 PHE B CE1 1 
ATOM   961  C CE2 . PHE B 1 29 ? 12.090  -9.065  1.169   1.00 15.32 ? 166 PHE B CE2 1 
ATOM   962  C CZ  . PHE B 1 29 ? 11.314  -7.892  1.432   1.00 12.54 ? 166 PHE B CZ  1 
ATOM   963  N N   . SER B 1 30 ? 13.699  -7.666  -5.706  1.00 12.10 ? 167 SER B N   1 
ATOM   964  C CA  . SER B 1 30 ? 14.588  -7.421  -6.840  1.00 14.00 ? 167 SER B CA  1 
ATOM   965  C C   . SER B 1 30 ? 15.068  -5.979  -6.844  1.00 17.36 ? 167 SER B C   1 
ATOM   966  O O   . SER B 1 30 ? 14.306  -5.060  -6.576  1.00 16.62 ? 167 SER B O   1 
ATOM   967  C CB  . SER B 1 30 ? 13.838  -7.736  -8.138  1.00 18.92 ? 167 SER B CB  1 
ATOM   968  O OG  . SER B 1 30 ? 14.672  -7.505  -9.257  1.00 23.86 ? 167 SER B OG  1 
ATOM   969  N N   . GLY B 1 31 ? 16.348  -5.776  -7.144  1.00 23.01 ? 168 GLY B N   1 
ATOM   970  C CA  . GLY B 1 31 ? 16.923  -4.452  -7.121  1.00 26.01 ? 168 GLY B CA  1 
ATOM   971  C C   . GLY B 1 31 ? 17.493  -4.056  -5.779  1.00 25.88 ? 168 GLY B C   1 
ATOM   972  O O   . GLY B 1 31 ? 18.078  -2.967  -5.663  1.00 28.75 ? 168 GLY B O   1 
ATOM   973  N N   . LEU B 1 32 ? 17.318  -4.888  -4.761  1.00 20.15 ? 169 LEU B N   1 
ATOM   974  C CA  . LEU B 1 32 ? 17.861  -4.651  -3.425  1.00 21.86 ? 169 LEU B CA  1 
ATOM   975  C C   . LEU B 1 32 ? 18.809  -5.789  -3.085  1.00 25.29 ? 169 LEU B C   1 
ATOM   976  O O   . LEU B 1 32 ? 18.543  -6.947  -3.419  1.00 26.40 ? 169 LEU B O   1 
ATOM   977  C CB  . LEU B 1 32 ? 16.739  -4.579  -2.391  1.00 18.70 ? 169 LEU B CB  1 
ATOM   978  C CG  . LEU B 1 32 ? 15.549  -3.705  -2.808  1.00 17.13 ? 169 LEU B CG  1 
ATOM   979  C CD1 . LEU B 1 32 ? 14.482  -3.803  -1.747  1.00 17.39 ? 169 LEU B CD1 1 
ATOM   980  C CD2 . LEU B 1 32 ? 15.970  -2.256  -3.023  1.00 20.46 ? 169 LEU B CD2 1 
ATOM   981  N N   . ASP B 1 33 ? 19.898  -5.485  -2.388  1.00 22.86 ? 170 ASP B N   1 
ATOM   982  C CA  . ASP B 1 33 ? 20.960  -6.466  -2.188  1.00 26.75 ? 170 ASP B CA  1 
ATOM   983  C C   . ASP B 1 33 ? 20.777  -7.185  -0.856  1.00 22.60 ? 170 ASP B C   1 
ATOM   984  O O   . ASP B 1 33 ? 21.011  -6.613  0.209   1.00 27.39 ? 170 ASP B O   1 
ATOM   985  C CB  . ASP B 1 33 ? 22.328  -5.791  -2.268  1.00 30.08 ? 170 ASP B CB  1 
ATOM   986  C CG  . ASP B 1 33 ? 22.628  -5.231  -3.653  0.86 33.47 ? 170 ASP B CG  1 
ATOM   987  O OD1 . ASP B 1 33 ? 21.938  -5.604  -4.628  0.61 31.41 ? 170 ASP B OD1 1 
ATOM   988  O OD2 . ASP B 1 33 ? 23.571  -4.422  -3.770  0.64 38.59 ? 170 ASP B OD2 1 
ATOM   989  N N   . ILE B 1 34 ? 20.352  -8.429  -0.922  1.00 17.40 ? 171 ILE B N   1 
ATOM   990  C CA  . ILE B 1 34 ? 20.238  -9.299  0.245   1.00 18.64 ? 171 ILE B CA  1 
ATOM   991  C C   . ILE B 1 34 ? 21.616  -9.876  0.537   1.00 22.05 ? 171 ILE B C   1 
ATOM   992  O O   . ILE B 1 34 ? 22.320  -10.297 -0.384  1.00 26.73 ? 171 ILE B O   1 
ATOM   993  C CB  . ILE B 1 34 ? 19.202  -10.412 -0.018  1.00 20.08 ? 171 ILE B CB  1 
ATOM   994  C CG1 . ILE B 1 34 ? 17.796  -9.795  -0.232  1.00 16.17 ? 171 ILE B CG1 1 
ATOM   995  C CG2 . ILE B 1 34 ? 19.143  -11.446 1.089   1.00 21.72 ? 171 ILE B CG2 1 
ATOM   996  C CD1 . ILE B 1 34 ? 16.768  -10.773 -0.757  1.00 19.31 ? 171 ILE B CD1 1 
ATOM   997  N N   . LYS B 1 35 ? 22.015  -9.890  1.809   1.00 20.47 ? 172 LYS B N   1 
ATOM   998  C CA  . LYS B 1 35 ? 23.289  -10.509 2.186   1.00 24.60 ? 172 LYS B CA  1 
ATOM   999  C C   . LYS B 1 35 ? 23.440  -11.855 1.499   1.00 24.73 ? 172 LYS B C   1 
ATOM   1000 O O   . LYS B 1 35 ? 22.530  -12.682 1.533   1.00 25.51 ? 172 LYS B O   1 
ATOM   1001 C CB  . LYS B 1 35 ? 23.369  -10.699 3.705   1.00 21.05 ? 172 LYS B CB  1 
ATOM   1002 C CG  . LYS B 1 35 ? 23.583  -9.419  4.479   1.00 33.80 ? 172 LYS B CG  1 
ATOM   1003 C CD  . LYS B 1 35 ? 23.925  -9.700  5.920   1.00 42.12 ? 172 LYS B CD  1 
ATOM   1004 C CE  . LYS B 1 35 ? 25.185  -10.547 6.047   1.00 57.65 ? 172 LYS B CE  1 
ATOM   1005 N NZ  . LYS B 1 35 ? 25.734  -10.607 7.448   1.00 53.52 ? 172 LYS B NZ  1 
ATOM   1006 N N   . THR B 1 36 ? 24.609  -12.072 0.860   1.00 29.71 ? 173 THR B N   1 
ATOM   1007 C CA  . THR B 1 36 ? 24.809  -13.258 0.037   1.00 35.99 ? 173 THR B CA  1 
ATOM   1008 C C   . THR B 1 36 ? 25.180  -14.497 0.840   1.00 29.02 ? 173 THR B C   1 
ATOM   1009 O O   . THR B 1 36 ? 25.144  -15.601 0.284   1.00 35.00 ? 173 THR B O   1 
ATOM   1010 C CB  . THR B 1 36 ? 25.884  -13.004 -1.035  1.00 34.41 ? 173 THR B CB  1 
ATOM   1011 O OG1 . THR B 1 36 ? 27.155  -12.812 -0.405  1.00 36.48 ? 173 THR B OG1 1 
ATOM   1012 C CG2 . THR B 1 36 ? 25.550  -11.765 -1.844  1.00 32.97 ? 173 THR B CG2 1 
ATOM   1013 N N   . ASP B 1 37 ? 25.501  -14.372 2.118   1.00 27.65 ? 174 ASP B N   1 
ATOM   1014 C CA  . ASP B 1 37 ? 25.812  -15.604 2.821   1.00 28.16 ? 174 ASP B CA  1 
ATOM   1015 C C   . ASP B 1 37 ? 24.540  -16.384 3.142   1.00 32.71 ? 174 ASP B C   1 
ATOM   1016 O O   . ASP B 1 37 ? 23.410  -15.929 2.918   1.00 30.92 ? 174 ASP B O   1 
ATOM   1017 C CB  . ASP B 1 37 ? 26.614  -15.322 4.082   1.00 36.35 ? 174 ASP B CB  1 
ATOM   1018 C CG  . ASP B 1 37 ? 25.946  -14.322 4.983   1.00 50.31 ? 174 ASP B CG  1 
ATOM   1019 O OD1 . ASP B 1 37 ? 25.064  -14.732 5.769   1.00 49.16 ? 174 ASP B OD1 1 
ATOM   1020 O OD2 . ASP B 1 37 ? 26.313  -13.130 4.903   1.00 60.51 ? 174 ASP B OD2 1 
ATOM   1021 N N   . ARG B 1 38 ? 24.747  -17.590 3.681   1.00 37.16 ? 175 ARG B N   1 
ATOM   1022 C CA  . ARG B 1 38 ? 23.664  -18.546 3.886   1.00 37.53 ? 175 ARG B CA  1 
ATOM   1023 C C   . ARG B 1 38 ? 22.581  -18.048 4.837   1.00 37.66 ? 175 ARG B C   1 
ATOM   1024 O O   . ARG B 1 38 ? 21.444  -18.526 4.761   1.00 41.07 ? 175 ARG B O   1 
ATOM   1025 C CB  . ARG B 1 38 ? 24.253  -19.870 4.385   1.00 40.10 ? 175 ARG B CB  1 
ATOM   1026 C CG  . ARG B 1 38 ? 25.164  -20.531 3.352   1.00 41.84 ? 175 ARG B CG  1 
ATOM   1027 C CD  . ARG B 1 38 ? 25.902  -21.748 3.907   1.00 49.21 ? 175 ARG B CD  1 
ATOM   1028 N NE  . ARG B 1 38 ? 26.774  -22.360 2.902   1.00 49.89 ? 175 ARG B NE  1 
ATOM   1029 C CZ  . ARG B 1 38 ? 28.051  -22.035 2.720   1.00 50.24 ? 175 ARG B CZ  1 
ATOM   1030 N NH1 . ARG B 1 38 ? 28.772  -22.648 1.788   1.00 49.46 ? 175 ARG B NH1 1 
ATOM   1031 N NH2 . ARG B 1 38 ? 28.614  -21.101 3.476   1.00 46.36 ? 175 ARG B NH2 1 
ATOM   1032 N N   . GLU B 1 39 ? 22.886  -17.102 5.721   1.00 34.05 ? 176 GLU B N   1 
ATOM   1033 C CA  . GLU B 1 39 ? 21.895  -16.586 6.664   1.00 27.77 ? 176 GLU B CA  1 
ATOM   1034 C C   . GLU B 1 39 ? 21.197  -15.319 6.156   1.00 32.92 ? 176 GLU B C   1 
ATOM   1035 O O   . GLU B 1 39 ? 20.515  -14.635 6.927   1.00 29.69 ? 176 GLU B O   1 
ATOM   1036 C CB  . GLU B 1 39 ? 22.557  -16.298 8.017   1.00 38.04 ? 176 GLU B CB  1 
ATOM   1037 C CG  . GLU B 1 39 ? 22.964  -17.553 8.792   1.00 51.32 ? 176 GLU B CG  1 
ATOM   1038 C CD  . GLU B 1 39 ? 24.045  -17.275 9.824   1.00 66.77 ? 176 GLU B CD  1 
ATOM   1039 O OE1 . GLU B 1 39 ? 24.734  -18.233 10.246  1.00 60.24 ? 176 GLU B OE1 1 
ATOM   1040 O OE2 . GLU B 1 39 ? 24.216  -16.093 10.202  1.00 63.59 ? 176 GLU B OE2 1 
ATOM   1041 N N   . GLY B 1 40 ? 21.363  -14.978 4.883   1.00 24.82 ? 177 GLY B N   1 
ATOM   1042 C CA  . GLY B 1 40 ? 20.756  -13.755 4.383   1.00 20.40 ? 177 GLY B CA  1 
ATOM   1043 C C   . GLY B 1 40 ? 19.245  -13.836 4.328   1.00 20.64 ? 177 GLY B C   1 
ATOM   1044 O O   . GLY B 1 40 ? 18.553  -12.806 4.391   1.00 21.78 ? 177 GLY B O   1 
ATOM   1045 N N   . ILE B 1 41 ? 18.718  -15.049 4.175   1.00 19.80 ? 178 ILE B N   1 
ATOM   1046 C CA  . ILE B 1 41 ? 17.299  -15.348 4.229   1.00 20.07 ? 178 ILE B CA  1 
ATOM   1047 C C   . ILE B 1 41 ? 17.119  -16.493 5.208   1.00 23.92 ? 178 ILE B C   1 
ATOM   1048 O O   . ILE B 1 41 ? 17.748  -17.547 5.056   1.00 26.88 ? 178 ILE B O   1 
ATOM   1049 C CB  . ILE B 1 41 ? 16.741  -15.734 2.844   1.00 16.06 ? 178 ILE B CB  1 
ATOM   1050 C CG1 . ILE B 1 41 ? 16.977  -14.585 1.847   1.00 21.34 ? 178 ILE B CG1 1 
ATOM   1051 C CG2 . ILE B 1 41 ? 15.264  -16.113 2.964   1.00 21.94 ? 178 ILE B CG2 1 
ATOM   1052 C CD1 . ILE B 1 41 ? 16.623  -14.884 0.331   1.00 21.20 ? 178 ILE B CD1 1 
ATOM   1053 N N   . LEU B 1 42 ? 16.263  -16.308 6.200   1.00 17.46 ? 179 LEU B N   1 
ATOM   1054 C CA  . LEU B 1 42 ? 16.008  -17.347 7.180   1.00 21.18 ? 179 LEU B CA  1 
ATOM   1055 C C   . LEU B 1 42 ? 14.518  -17.596 7.245   1.00 25.20 ? 179 LEU B C   1 
ATOM   1056 O O   . LEU B 1 42 ? 13.747  -16.665 7.483   1.00 23.89 ? 179 LEU B O   1 
ATOM   1057 C CB  . LEU B 1 42 ? 16.570  -16.961 8.553   1.00 25.47 ? 179 LEU B CB  1 
ATOM   1058 C CG  . LEU B 1 42 ? 18.107  -17.131 8.601   1.00 44.75 ? 179 LEU B CG  1 
ATOM   1059 C CD1 . LEU B 1 42 ? 18.668  -16.751 9.967   1.00 43.03 ? 179 LEU B CD1 1 
ATOM   1060 C CD2 . LEU B 1 42 ? 18.579  -18.558 8.218   1.00 36.39 ? 179 LEU B CD2 1 
ATOM   1061 N N   . PHE B 1 43 ? 14.111  -18.832 6.976   1.00 19.97 ? 180 PHE B N   1 
ATOM   1062 C CA  . PHE B 1 43 ? 12.709  -19.207 7.089   1.00 20.25 ? 180 PHE B CA  1 
ATOM   1063 C C   . PHE B 1 43 ? 12.416  -19.653 8.508   1.00 25.55 ? 180 PHE B C   1 
ATOM   1064 O O   . PHE B 1 43 ? 13.140  -20.475 9.065   1.00 27.56 ? 180 PHE B O   1 
ATOM   1065 C CB  . PHE B 1 43 ? 12.351  -20.314 6.089   1.00 19.27 ? 180 PHE B CB  1 
ATOM   1066 C CG  . PHE B 1 43 ? 12.497  -19.879 4.658   1.00 21.18 ? 180 PHE B CG  1 
ATOM   1067 C CD1 . PHE B 1 43 ? 11.632  -18.936 4.113   1.00 26.71 ? 180 PHE B CD1 1 
ATOM   1068 C CD2 . PHE B 1 43 ? 13.512  -20.360 3.865   1.00 27.54 ? 180 PHE B CD2 1 
ATOM   1069 C CE1 . PHE B 1 43 ? 11.781  -18.497 2.798   1.00 27.51 ? 180 PHE B CE1 1 
ATOM   1070 C CE2 . PHE B 1 43 ? 13.645  -19.943 2.551   1.00 20.15 ? 180 PHE B CE2 1 
ATOM   1071 C CZ  . PHE B 1 43 ? 12.795  -19.000 2.022   1.00 28.51 ? 180 PHE B CZ  1 
ATOM   1072 N N   . VAL B 1 44 ? 11.359  -19.112 9.087   1.00 16.97 ? 181 VAL B N   1 
ATOM   1073 C CA  . VAL B 1 44 ? 10.981  -19.425 10.454  1.00 17.45 ? 181 VAL B CA  1 
ATOM   1074 C C   . VAL B 1 44 ? 10.259  -20.765 10.472  1.00 28.86 ? 181 VAL B C   1 
ATOM   1075 O O   . VAL B 1 44 ? 9.401   -21.025 9.625   1.00 23.50 ? 181 VAL B O   1 
ATOM   1076 C CB  . VAL B 1 44 ? 10.093  -18.311 11.045  1.00 20.46 ? 181 VAL B CB  1 
ATOM   1077 C CG1 . VAL B 1 44 ? 9.489   -18.735 12.379  1.00 23.95 ? 181 VAL B CG1 1 
ATOM   1078 C CG2 . VAL B 1 44 ? 10.884  -17.012 11.190  1.00 24.38 ? 181 VAL B CG2 1 
ATOM   1079 N N   . MET B 1 45 ? 10.630  -21.634 11.417  1.00 22.33 ? 182 MET B N   1 
ATOM   1080 C CA  . MET B 1 45 ? 9.955   -22.907 11.610  1.00 23.66 ? 182 MET B CA  1 
ATOM   1081 C C   . MET B 1 45 ? 9.178   -22.864 12.915  1.00 22.99 ? 182 MET B C   1 
ATOM   1082 O O   . MET B 1 45 ? 9.554   -22.143 13.843  1.00 27.01 ? 182 MET B O   1 
ATOM   1083 C CB  . MET B 1 45 ? 10.966  -24.060 11.641  1.00 21.63 ? 182 MET B CB  1 
ATOM   1084 C CG  . MET B 1 45 ? 11.999  -24.035 10.530  1.00 26.54 ? 182 MET B CG  1 
ATOM   1085 S SD  . MET B 1 45 ? 11.378  -24.879 9.062   1.00 45.26 ? 182 MET B SD  1 
ATOM   1086 C CE  . MET B 1 45 ? 10.555  -23.554 8.228   1.00 34.62 ? 182 MET B CE  1 
ATOM   1087 N N   . ASP B 1 46 ? 8.110   -23.643 12.993  1.00 16.83 ? 183 ASP B N   1 
ATOM   1088 C CA  . ASP B 1 46 ? 7.290   -23.624 14.205  1.00 22.52 ? 183 ASP B CA  1 
ATOM   1089 C C   . ASP B 1 46 ? 7.931   -24.522 15.265  1.00 33.51 ? 183 ASP B C   1 
ATOM   1090 O O   . ASP B 1 46 ? 9.044   -25.030 15.097  1.00 27.66 ? 183 ASP B O   1 
ATOM   1091 C CB  . ASP B 1 46 ? 5.827   -23.950 13.909  1.00 28.53 ? 183 ASP B CB  1 
ATOM   1092 C CG  . ASP B 1 46 ? 5.557   -25.377 13.535  1.00 31.01 ? 183 ASP B CG  1 
ATOM   1093 O OD1 . ASP B 1 46 ? 6.374   -26.275 13.785  1.00 26.46 ? 183 ASP B OD1 1 
ATOM   1094 O OD2 . ASP B 1 46 ? 4.435   -25.627 13.064  1.00 28.62 ? 183 ASP B OD2 1 
ATOM   1095 N N   . ARG B 1 47 ? 7.271   -24.692 16.401  1.00 26.96 ? 184 ARG B N   1 
ATOM   1096 C CA  . ARG B 1 47 ? 8.024   -25.314 17.483  1.00 28.86 ? 184 ARG B CA  1 
ATOM   1097 C C   . ARG B 1 47 ? 8.099   -26.819 17.331  1.00 28.31 ? 184 ARG B C   1 
ATOM   1098 O O   . ARG B 1 47 ? 8.793   -27.469 18.114  1.00 34.81 ? 184 ARG B O   1 
ATOM   1099 C CB  . ARG B 1 47 ? 7.456   -24.905 18.849  1.00 44.05 ? 184 ARG B CB  1 
ATOM   1100 C CG  . ARG B 1 47 ? 6.072   -25.343 19.123  1.00 44.52 ? 184 ARG B CG  1 
ATOM   1101 C CD  . ARG B 1 47 ? 5.444   -24.503 20.249  1.00 38.42 ? 184 ARG B CD  1 
ATOM   1102 N NE  . ARG B 1 47 ? 6.093   -24.686 21.537  1.00 26.76 ? 184 ARG B NE  1 
ATOM   1103 C CZ  . ARG B 1 47 ? 5.873   -25.748 22.291  1.00 17.69 ? 184 ARG B CZ  1 
ATOM   1104 N NH1 . ARG B 1 47 ? 6.464   -25.901 23.461  1.00 33.87 ? 184 ARG B NH1 1 
ATOM   1105 N NH2 . ARG B 1 47 ? 5.080   -26.697 21.828  1.00 27.81 ? 184 ARG B NH2 1 
ATOM   1106 N N   . ARG B 1 48 ? 7.429   -27.384 16.332  1.00 24.11 ? 185 ARG B N   1 
ATOM   1107 C CA  . ARG B 1 48 ? 7.648   -28.751 15.903  1.00 28.86 ? 185 ARG B CA  1 
ATOM   1108 C C   . ARG B 1 48 ? 8.438   -28.832 14.592  1.00 24.18 ? 185 ARG B C   1 
ATOM   1109 O O   . ARG B 1 48 ? 8.528   -29.908 14.000  1.00 27.00 ? 185 ARG B O   1 
ATOM   1110 C CB  . ARG B 1 48 ? 6.319   -29.492 15.766  1.00 43.10 ? 185 ARG B CB  1 
ATOM   1111 C CG  . ARG B 1 48 ? 5.716   -29.942 17.097  1.00 47.25 ? 185 ARG B CG  1 
ATOM   1112 C CD  . ARG B 1 48 ? 6.589   -30.998 17.790  1.00 46.74 ? 185 ARG B CD  1 
ATOM   1113 N NE  . ARG B 1 48 ? 6.127   -31.302 19.142  1.00 53.38 ? 185 ARG B NE  1 
ATOM   1114 C CZ  . ARG B 1 48 ? 6.540   -30.676 20.239  1.00 59.35 ? 185 ARG B CZ  1 
ATOM   1115 N NH1 . ARG B 1 48 ? 7.439   -29.697 20.158  1.00 37.95 ? 185 ARG B NH1 1 
ATOM   1116 N NH2 . ARG B 1 48 ? 6.059   -31.033 21.427  1.00 58.18 ? 185 ARG B NH2 1 
ATOM   1117 N N   . GLY B 1 49 ? 8.993   -27.726 14.117  1.00 20.77 ? 186 GLY B N   1 
ATOM   1118 C CA  . GLY B 1 49 ? 9.882   -27.776 12.962  1.00 26.40 ? 186 GLY B CA  1 
ATOM   1119 C C   . GLY B 1 49 ? 9.229   -27.594 11.608  1.00 25.39 ? 186 GLY B C   1 
ATOM   1120 O O   . GLY B 1 49 ? 9.905   -27.757 10.574  1.00 20.62 ? 186 GLY B O   1 
ATOM   1121 N N   . ARG B 1 50 ? 7.958   -27.233 11.570  1.00 20.98 ? 187 ARG B N   1 
ATOM   1122 C CA  . ARG B 1 50 ? 7.224   -27.104 10.331  1.00 19.35 ? 187 ARG B CA  1 
ATOM   1123 C C   . ARG B 1 50 ? 7.337   -25.696 9.765   1.00 22.61 ? 187 ARG B C   1 
ATOM   1124 O O   . ARG B 1 50 ? 7.581   -24.718 10.475  1.00 19.99 ? 187 ARG B O   1 
ATOM   1125 C CB  . ARG B 1 50 ? 5.745   -27.439 10.542  1.00 21.54 ? 187 ARG B CB  1 
ATOM   1126 C CG  . ARG B 1 50 ? 5.523   -28.686 11.376  1.00 34.47 ? 187 ARG B CG  1 
ATOM   1127 C CD  . ARG B 1 50 ? 4.032   -29.000 11.484  1.00 43.24 ? 187 ARG B CD  1 
ATOM   1128 N NE  . ARG B 1 50 ? 3.264   -27.899 12.065  1.00 42.56 ? 187 ARG B NE  1 
ATOM   1129 C CZ  . ARG B 1 50 ? 1.941   -27.793 11.970  1.00 53.33 ? 187 ARG B CZ  1 
ATOM   1130 N NH1 . ARG B 1 50 ? 1.299   -26.769 12.529  1.00 49.27 ? 187 ARG B NH1 1 
ATOM   1131 N NH2 . ARG B 1 50 ? 1.257   -28.716 11.308  1.00 49.61 ? 187 ARG B NH2 1 
ATOM   1132 N N   . ALA B 1 51 ? 7.144   -25.607 8.459   1.00 19.50 ? 188 ALA B N   1 
ATOM   1133 C CA  . ALA B 1 51 ? 7.205   -24.325 7.795   1.00 19.36 ? 188 ALA B CA  1 
ATOM   1134 C C   . ALA B 1 51 ? 6.129   -23.396 8.327   1.00 18.24 ? 188 ALA B C   1 
ATOM   1135 O O   . ALA B 1 51 ? 5.087   -23.821 8.843   1.00 22.92 ? 188 ALA B O   1 
ATOM   1136 C CB  . ALA B 1 51 ? 6.997   -24.497 6.294   1.00 25.28 ? 188 ALA B CB  1 
ATOM   1137 N N   . THR B 1 52 ? 6.425   -22.120 8.248   1.00 23.89 ? 189 THR B N   1 
ATOM   1138 C CA  . THR B 1 52 ? 5.453   -21.111 8.633   1.00 25.48 ? 189 THR B CA  1 
ATOM   1139 C C   . THR B 1 52 ? 5.366   -20.085 7.517   1.00 21.34 ? 189 THR B C   1 
ATOM   1140 O O   . THR B 1 52 ? 6.013   -20.202 6.468   1.00 26.05 ? 189 THR B O   1 
ATOM   1141 C CB  . THR B 1 52 ? 5.853   -20.385 9.914   1.00 26.59 ? 189 THR B CB  1 
ATOM   1142 O OG1 . THR B 1 52 ? 6.935   -19.503 9.607   1.00 28.41 ? 189 THR B OG1 1 
ATOM   1143 C CG2 . THR B 1 52 ? 6.285   -21.356 11.031  1.00 34.16 ? 189 THR B CG2 1 
ATOM   1144 N N   . GLY B 1 53 ? 4.612   -19.048 7.761   1.00 22.88 ? 190 GLY B N   1 
ATOM   1145 C CA  . GLY B 1 53 ? 4.534   -18.016 6.758   1.00 18.02 ? 190 GLY B CA  1 
ATOM   1146 C C   . GLY B 1 53 ? 5.381   -16.824 7.126   1.00 20.88 ? 190 GLY B C   1 
ATOM   1147 O O   . GLY B 1 53 ? 5.168   -15.742 6.584   1.00 16.20 ? 190 GLY B O   1 
ATOM   1148 N N   . GLU B 1 54 ? 6.380   -17.008 7.988   1.00 17.39 ? 191 GLU B N   1 
ATOM   1149 C CA  . GLU B 1 54 ? 7.279   -15.926 8.372   1.00 17.30 ? 191 GLU B CA  1 
ATOM   1150 C C   . GLU B 1 54 ? 8.718   -16.172 7.942   1.00 19.34 ? 191 GLU B C   1 
ATOM   1151 O O   . GLU B 1 54 ? 9.171   -17.315 7.834   1.00 21.00 ? 191 GLU B O   1 
ATOM   1152 C CB  . GLU B 1 54 ? 7.218   -15.705 9.887   1.00 17.64 ? 191 GLU B CB  1 
ATOM   1153 C CG  . GLU B 1 54 ? 5.773   -15.411 10.369  1.00 24.32 ? 191 GLU B CG  1 
ATOM   1154 C CD  . GLU B 1 54 ? 5.716   -14.865 11.804  1.00 59.41 ? 191 GLU B CD  1 
ATOM   1155 O OE1 . GLU B 1 54 ? 4.855   -14.000 12.097  1.00 62.27 ? 191 GLU B OE1 1 
ATOM   1156 O OE2 . GLU B 1 54 ? 6.543   -15.288 12.642  1.00 57.75 ? 191 GLU B OE2 1 
ATOM   1157 N N   . ALA B 1 55 ? 9.440   -15.079 7.699   1.00 15.57 ? 192 ALA B N   1 
ATOM   1158 C CA  . ALA B 1 55 ? 10.841  -15.187 7.328   1.00 14.82 ? 192 ALA B CA  1 
ATOM   1159 C C   . ALA B 1 55 ? 11.539  -13.933 7.803   1.00 20.53 ? 192 ALA B C   1 
ATOM   1160 O O   . ALA B 1 55 ? 10.892  -12.924 8.079   1.00 15.56 ? 192 ALA B O   1 
ATOM   1161 C CB  . ALA B 1 55 ? 11.015  -15.362 5.823   1.00 17.62 ? 192 ALA B CB  1 
ATOM   1162 N N   . PHE B 1 56 ? 12.852  -13.999 7.875   1.00 15.49 ? 193 PHE B N   1 
ATOM   1163 C CA  . PHE B 1 56 ? 13.688  -12.830 8.123   1.00 14.10 ? 193 PHE B CA  1 
ATOM   1164 C C   . PHE B 1 56 ? 14.625  -12.650 6.951   1.00 19.84 ? 193 PHE B C   1 
ATOM   1165 O O   . PHE B 1 56 ? 15.154  -13.631 6.431   1.00 17.52 ? 193 PHE B O   1 
ATOM   1166 C CB  . PHE B 1 56 ? 14.505  -12.967 9.405   1.00 17.51 ? 193 PHE B CB  1 
ATOM   1167 C CG  . PHE B 1 56 ? 13.702  -12.863 10.636  1.00 16.79 ? 193 PHE B CG  1 
ATOM   1168 C CD1 . PHE B 1 56 ? 13.102  -13.991 11.172  1.00 21.31 ? 193 PHE B CD1 1 
ATOM   1169 C CD2 . PHE B 1 56 ? 13.558  -11.626 11.286  1.00 17.75 ? 193 PHE B CD2 1 
ATOM   1170 C CE1 . PHE B 1 56 ? 12.354  -13.913 12.333  1.00 21.38 ? 193 PHE B CE1 1 
ATOM   1171 C CE2 . PHE B 1 56 ? 12.779  -11.546 12.451  1.00 18.47 ? 193 PHE B CE2 1 
ATOM   1172 C CZ  . PHE B 1 56 ? 12.194  -12.685 12.960  1.00 20.06 ? 193 PHE B CZ  1 
ATOM   1173 N N   . VAL B 1 57 ? 14.862  -11.405 6.545   1.00 12.83 ? 194 VAL B N   1 
ATOM   1174 C CA  . VAL B 1 57 ? 15.735  -11.089 5.417   1.00 15.75 ? 194 VAL B CA  1 
ATOM   1175 C C   . VAL B 1 57 ? 16.723  -10.019 5.853   1.00 18.06 ? 194 VAL B C   1 
ATOM   1176 O O   . VAL B 1 57 ? 16.321  -8.978  6.404   1.00 15.84 ? 194 VAL B O   1 
ATOM   1177 C CB  . VAL B 1 57 ? 14.933  -10.606 4.185   1.00 13.68 ? 194 VAL B CB  1 
ATOM   1178 C CG1 . VAL B 1 57 ? 15.881  -10.284 3.055   1.00 14.91 ? 194 VAL B CG1 1 
ATOM   1179 C CG2 . VAL B 1 57 ? 13.932  -11.679 3.777   1.00 16.92 ? 194 VAL B CG2 1 
ATOM   1180 N N   . GLN B 1 58 ? 18.001  -10.245 5.563   1.00 14.80 ? 195 GLN B N   1 
ATOM   1181 C CA  . GLN B 1 58 ? 19.075  -9.321  5.941   1.00 15.46 ? 195 GLN B CA  1 
ATOM   1182 C C   . GLN B 1 58 ? 19.575  -8.533  4.732   1.00 22.08 ? 195 GLN B C   1 
ATOM   1183 O O   . GLN B 1 58 ? 19.938  -9.119  3.709   1.00 21.86 ? 195 GLN B O   1 
ATOM   1184 C CB  . GLN B 1 58 ? 20.265  -10.075 6.535   1.00 17.83 ? 195 GLN B CB  1 
ATOM   1185 C CG  . GLN B 1 58 ? 19.960  -10.931 7.680   1.00 21.97 ? 195 GLN B CG  1 
ATOM   1186 C CD  . GLN B 1 58 ? 21.249  -11.346 8.384   1.00 31.04 ? 195 GLN B CD  1 
ATOM   1187 O OE1 . GLN B 1 58 ? 21.951  -10.502 8.944   1.00 31.70 ? 195 GLN B OE1 1 
ATOM   1188 N NE2 . GLN B 1 58 ? 21.575  -12.634 8.331   1.00 39.70 ? 195 GLN B NE2 1 
ATOM   1189 N N   . PHE B 1 59 ? 19.655  -7.216  4.864   1.00 18.53 ? 196 PHE B N   1 
ATOM   1190 C CA  . PHE B 1 59 ? 20.180  -6.370  3.805   1.00 20.05 ? 196 PHE B CA  1 
ATOM   1191 C C   . PHE B 1 59 ? 21.517  -5.771  4.195   1.00 29.28 ? 196 PHE B C   1 
ATOM   1192 O O   . PHE B 1 59 ? 21.827  -5.602  5.372   1.00 31.23 ? 196 PHE B O   1 
ATOM   1193 C CB  . PHE B 1 59 ? 19.200  -5.258  3.456   1.00 18.36 ? 196 PHE B CB  1 
ATOM   1194 C CG  . PHE B 1 59 ? 17.910  -5.768  2.900   1.00 17.98 ? 196 PHE B CG  1 
ATOM   1195 C CD1 . PHE B 1 59 ? 17.812  -6.134  1.555   1.00 18.38 ? 196 PHE B CD1 1 
ATOM   1196 C CD2 . PHE B 1 59 ? 16.810  -5.953  3.719   1.00 18.95 ? 196 PHE B CD2 1 
ATOM   1197 C CE1 . PHE B 1 59 ? 16.617  -6.589  1.048   1.00 20.74 ? 196 PHE B CE1 1 
ATOM   1198 C CE2 . PHE B 1 59 ? 15.614  -6.445  3.199   1.00 21.12 ? 196 PHE B CE2 1 
ATOM   1199 C CZ  . PHE B 1 59 ? 15.549  -6.776  1.859   1.00 17.68 ? 196 PHE B CZ  1 
ATOM   1200 N N   . GLU B 1 60 ? 22.295  -5.404  3.177   1.00 33.77 ? 197 GLU B N   1 
ATOM   1201 C CA  . GLU B 1 60 ? 23.603  -4.843  3.459   1.00 35.28 ? 197 GLU B CA  1 
ATOM   1202 C C   . GLU B 1 60 ? 23.563  -3.348  3.715   1.00 29.26 ? 197 GLU B C   1 
ATOM   1203 O O   . GLU B 1 60 ? 24.539  -2.803  4.222   1.00 36.88 ? 197 GLU B O   1 
ATOM   1204 C CB  . GLU B 1 60 ? 24.569  -5.151  2.316   1.00 56.11 ? 197 GLU B CB  1 
ATOM   1205 C CG  . GLU B 1 60 ? 25.103  -6.596  2.345   1.00 53.10 ? 197 GLU B CG  1 
ATOM   1206 C CD  . GLU B 1 60 ? 26.194  -6.790  3.386   1.00 56.86 ? 197 GLU B CD  1 
ATOM   1207 O OE1 . GLU B 1 60 ? 25.863  -6.765  4.589   1.00 65.94 ? 197 GLU B OE1 1 
ATOM   1208 O OE2 . GLU B 1 60 ? 27.363  -6.977  2.992   1.00 60.74 ? 197 GLU B OE2 1 
ATOM   1209 N N   . SER B 1 61 ? 22.474  -2.668  3.375   1.00 25.38 ? 198 SER B N   1 
ATOM   1210 C CA  . SER B 1 61 ? 22.450  -1.228  3.520   1.00 28.92 ? 198 SER B CA  1 
ATOM   1211 C C   . SER B 1 61 ? 21.141  -0.755  4.128   1.00 32.69 ? 198 SER B C   1 
ATOM   1212 O O   . SER B 1 61 ? 20.091  -1.377  3.977   1.00 29.66 ? 198 SER B O   1 
ATOM   1213 C CB  . SER B 1 61 ? 22.667  -0.531  2.191   1.00 29.22 ? 198 SER B CB  1 
ATOM   1214 O OG  . SER B 1 61 ? 21.486  -0.439  1.434   1.00 30.97 ? 198 SER B OG  1 
ATOM   1215 N N   . GLN B 1 62 ? 21.229  0.384   4.801   1.00 28.67 ? 199 GLN B N   1 
ATOM   1216 C CA  . GLN B 1 62 ? 20.064  1.044   5.368   1.00 25.92 ? 199 GLN B CA  1 
ATOM   1217 C C   . GLN B 1 62 ? 19.074  1.468   4.283   1.00 27.17 ? 199 GLN B C   1 
ATOM   1218 O O   . GLN B 1 62 ? 17.858  1.364   4.466   1.00 25.31 ? 199 GLN B O   1 
ATOM   1219 C CB  . GLN B 1 62 ? 20.551  2.252   6.178   1.00 30.10 ? 199 GLN B CB  1 
ATOM   1220 C CG  . GLN B 1 62 ? 19.703  2.621   7.340   1.00 29.06 ? 199 GLN B CG  1 
ATOM   1221 C CD  . GLN B 1 62 ? 18.552  3.455   6.909   1.00 33.51 ? 199 GLN B CD  1 
ATOM   1222 O OE1 . GLN B 1 62 ? 18.676  4.271   5.991   1.00 33.89 ? 199 GLN B OE1 1 
ATOM   1223 N NE2 . GLN B 1 62 ? 17.405  3.234   7.522   1.00 31.52 ? 199 GLN B NE2 1 
ATOM   1224 N N   . ASP B 1 63 ? 19.566  1.969   3.154   1.00 25.02 ? 200 ASP B N   1 
ATOM   1225 C CA  . ASP B 1 63 ? 18.650  2.421   2.113   1.00 21.11 ? 200 ASP B CA  1 
ATOM   1226 C C   . ASP B 1 63 ? 17.893  1.250   1.484   1.00 22.43 ? 200 ASP B C   1 
ATOM   1227 O O   . ASP B 1 63 ? 16.696  1.368   1.208   1.00 25.87 ? 200 ASP B O   1 
ATOM   1228 C CB  . ASP B 1 63 ? 19.400  3.191   1.034   1.00 32.76 ? 200 ASP B CB  1 
ATOM   1229 C CG  . ASP B 1 63 ? 18.469  3.796   0.015   1.00 32.99 ? 200 ASP B CG  1 
ATOM   1230 O OD1 . ASP B 1 63 ? 17.632  4.631   0.416   1.00 49.81 ? 200 ASP B OD1 1 
ATOM   1231 O OD2 . ASP B 1 63 ? 18.579  3.453   -1.179  1.00 39.57 ? 200 ASP B OD2 1 
ATOM   1232 N N   . ASP B 1 64 ? 18.563  0.122   1.247   1.00 26.05 ? 201 ASP B N   1 
ATOM   1233 C CA  . ASP B 1 64 ? 17.831  -1.038  0.726   1.00 22.56 ? 201 ASP B CA  1 
ATOM   1234 C C   . ASP B 1 64 ? 16.755  -1.493  1.704   1.00 22.82 ? 201 ASP B C   1 
ATOM   1235 O O   . ASP B 1 64 ? 15.658  -1.910  1.292   1.00 17.96 ? 201 ASP B O   1 
ATOM   1236 C CB  . ASP B 1 64 ? 18.797  -2.175  0.408   1.00 26.26 ? 201 ASP B CB  1 
ATOM   1237 C CG  . ASP B 1 64 ? 19.471  -2.004  -0.968  1.00 25.99 ? 201 ASP B CG  1 
ATOM   1238 O OD1 . ASP B 1 64 ? 19.240  -0.995  -1.694  1.00 30.76 ? 201 ASP B OD1 1 
ATOM   1239 O OD2 . ASP B 1 64 ? 20.267  -2.883  -1.307  1.00 30.05 ? 201 ASP B OD2 1 
ATOM   1240 N N   . THR B 1 65 ? 17.033  -1.392  3.004   1.00 21.38 ? 202 THR B N   1 
ATOM   1241 C CA  . THR B 1 65 ? 16.051  -1.754  4.014   1.00 17.68 ? 202 THR B CA  1 
ATOM   1242 C C   . THR B 1 65 ? 14.827  -0.848  3.923   1.00 19.49 ? 202 THR B C   1 
ATOM   1243 O O   . THR B 1 65 ? 13.681  -1.304  4.056   1.00 20.18 ? 202 THR B O   1 
ATOM   1244 C CB  . THR B 1 65 ? 16.727  -1.674  5.386   1.00 27.37 ? 202 THR B CB  1 
ATOM   1245 O OG1 . THR B 1 65 ? 17.829  -2.592  5.402   1.00 25.57 ? 202 THR B OG1 1 
ATOM   1246 C CG2 . THR B 1 65 ? 15.804  -2.067  6.472   1.00 23.04 ? 202 THR B CG2 1 
ATOM   1247 N N   . GLU B 1 66 ? 15.053  0.456   3.710   1.00 19.77 ? 203 GLU B N   1 
ATOM   1248 C CA  . GLU B 1 66 ? 13.940  1.386   3.558   1.00 19.97 ? 203 GLU B CA  1 
ATOM   1249 C C   . GLU B 1 66 ? 13.113  1.071   2.313   1.00 23.00 ? 203 GLU B C   1 
ATOM   1250 O O   . GLU B 1 66 ? 11.878  1.138   2.346   1.00 22.45 ? 203 GLU B O   1 
ATOM   1251 C CB  . GLU B 1 66 ? 14.466  2.822   3.501   1.00 30.86 ? 203 GLU B CB  1 
ATOM   1252 C CG  . GLU B 1 66 ? 15.216  3.271   4.754   1.00 28.79 ? 203 GLU B CG  1 
ATOM   1253 C CD  . GLU B 1 66 ? 14.317  3.585   5.945   1.00 40.15 ? 203 GLU B CD  1 
ATOM   1254 O OE1 . GLU B 1 66 ? 13.092  3.767   5.762   1.00 33.11 ? 203 GLU B OE1 1 
ATOM   1255 O OE2 . GLU B 1 66 ? 14.846  3.667   7.079   1.00 33.55 ? 203 GLU B OE2 1 
ATOM   1256 N N   . GLN B 1 67 ? 13.777  0.734   1.209   1.00 18.78 ? 204 GLN B N   1 
ATOM   1257 C CA  . GLN B 1 67 ? 13.060  0.357   0.002   1.00 20.51 ? 204 GLN B CA  1 
ATOM   1258 C C   . GLN B 1 67 ? 12.279  -0.932  0.198   1.00 18.53 ? 204 GLN B C   1 
ATOM   1259 O O   . GLN B 1 67 ? 11.151  -1.055  -0.292  1.00 20.38 ? 204 GLN B O   1 
ATOM   1260 C CB  . GLN B 1 67 ? 14.028  0.218   -1.160  1.00 18.43 ? 204 GLN B CB  1 
ATOM   1261 C CG  . GLN B 1 67 ? 14.563  1.591   -1.580  1.00 25.57 ? 204 GLN B CG  1 
ATOM   1262 C CD  . GLN B 1 67 ? 15.478  1.521   -2.777  1.00 35.33 ? 204 GLN B CD  1 
ATOM   1263 O OE1 . GLN B 1 67 ? 16.634  1.933   -2.703  1.00 42.15 ? 204 GLN B OE1 1 
ATOM   1264 N NE2 . GLN B 1 67 ? 14.971  1.002   -3.891  1.00 27.50 ? 204 GLN B NE2 1 
ATOM   1265 N N   . ALA B 1 68 ? 12.850  -1.889  0.939   1.00 17.11 ? 205 ALA B N   1 
ATOM   1266 C CA  . ALA B 1 68 ? 12.139  -3.144  1.212   1.00 14.46 ? 205 ALA B CA  1 
ATOM   1267 C C   . ALA B 1 68 ? 10.850  -2.892  1.991   1.00 18.65 ? 205 ALA B C   1 
ATOM   1268 O O   . ALA B 1 68 ? 9.797   -3.445  1.662   1.00 17.41 ? 205 ALA B O   1 
ATOM   1269 C CB  . ALA B 1 68 ? 13.067  -4.090  1.983   1.00 16.74 ? 205 ALA B CB  1 
ATOM   1270 N N   . LEU B 1 69 ? 10.905  -2.035  3.028   1.00 15.75 ? 206 LEU B N   1 
ATOM   1271 C CA  . LEU B 1 69 ? 9.703   -1.695  3.774   1.00 19.50 ? 206 LEU B CA  1 
ATOM   1272 C C   . LEU B 1 69 ? 8.661   -1.022  2.891   1.00 19.47 ? 206 LEU B C   1 
ATOM   1273 O O   . LEU B 1 69 ? 7.454   -1.193  3.109   1.00 21.31 ? 206 LEU B O   1 
ATOM   1274 C CB  . LEU B 1 69 ? 10.109  -0.821  4.976   1.00 20.85 ? 206 LEU B CB  1 
ATOM   1275 C CG  . LEU B 1 69 ? 11.004  -1.579  5.964   1.00 19.13 ? 206 LEU B CG  1 
ATOM   1276 C CD1 . LEU B 1 69 ? 11.828  -0.623  6.842   1.00 24.47 ? 206 LEU B CD1 1 
ATOM   1277 C CD2 . LEU B 1 69 ? 10.146  -2.448  6.864   1.00 24.34 ? 206 LEU B CD2 1 
ATOM   1278 N N   . GLY B 1 70 ? 9.095   -0.311  1.850   1.00 19.46 ? 207 GLY B N   1 
ATOM   1279 C CA  . GLY B 1 70 ? 8.155   0.296   0.943   1.00 18.47 ? 207 GLY B CA  1 
ATOM   1280 C C   . GLY B 1 70 ? 7.440   -0.687  0.042   1.00 21.88 ? 207 GLY B C   1 
ATOM   1281 O O   . GLY B 1 70 ? 6.523   -0.282  -0.681  1.00 23.09 ? 207 GLY B O   1 
ATOM   1282 N N   . ARG B 1 71 ? 7.831   -1.960  0.062   1.00 17.00 ? 208 ARG B N   1 
ATOM   1283 C CA  . ARG B 1 71 ? 7.114   -2.978  -0.708  1.00 13.17 ? 208 ARG B CA  1 
ATOM   1284 C C   . ARG B 1 71 ? 6.078   -3.714  0.119   1.00 15.42 ? 208 ARG B C   1 
ATOM   1285 O O   . ARG B 1 71 ? 5.546   -4.728  -0.347  1.00 13.52 ? 208 ARG B O   1 
ATOM   1286 C CB  . ARG B 1 71 ? 8.116   -3.956  -1.325  1.00 13.58 ? 208 ARG B CB  1 
ATOM   1287 C CG  . ARG B 1 71 ? 8.936   -3.183  -2.360  1.00 17.01 ? 208 ARG B CG  1 
ATOM   1288 C CD  . ARG B 1 71 ? 9.875   -4.049  -3.186  1.00 14.82 ? 208 ARG B CD  1 
ATOM   1289 N NE  . ARG B 1 71 ? 10.803  -3.181  -3.925  1.00 15.07 ? 208 ARG B NE  1 
ATOM   1290 C CZ  . ARG B 1 71 ? 11.807  -3.620  -4.675  1.00 18.76 ? 208 ARG B CZ  1 
ATOM   1291 N NH1 . ARG B 1 71 ? 12.015  -4.928  -4.828  1.00 13.40 ? 208 ARG B NH1 1 
ATOM   1292 N NH2 . ARG B 1 71 ? 12.566  -2.737  -5.319  1.00 17.37 ? 208 ARG B NH2 1 
ATOM   1293 N N   . ASN B 1 72 ? 5.738   -3.184  1.282   1.00 14.30 ? 209 ASN B N   1 
ATOM   1294 C CA  . ASN B 1 72 ? 4.707   -3.756  2.133   1.00 12.63 ? 209 ASN B CA  1 
ATOM   1295 C C   . ASN B 1 72 ? 3.427   -3.934  1.347   1.00 14.78 ? 209 ASN B C   1 
ATOM   1296 O O   . ASN B 1 72 ? 2.989   -3.026  0.615   1.00 15.58 ? 209 ASN B O   1 
ATOM   1297 C CB  . ASN B 1 72 ? 4.436   -2.838  3.339   1.00 13.04 ? 209 ASN B CB  1 
ATOM   1298 C CG  . ASN B 1 72 ? 3.437   -3.429  4.280   1.00 18.68 ? 209 ASN B CG  1 
ATOM   1299 O OD1 . ASN B 1 72 ? 3.711   -4.427  4.913   1.00 16.74 ? 209 ASN B OD1 1 
ATOM   1300 N ND2 . ASN B 1 72 ? 2.264   -2.824  4.378   1.00 24.71 ? 209 ASN B ND2 1 
ATOM   1301 N N   . ARG B 1 73 ? 2.858   -5.126  1.473   1.00 16.84 ? 210 ARG B N   1 
ATOM   1302 C CA  . ARG B 1 73 ? 1.619   -5.556  0.827   1.00 13.91 ? 210 ARG B CA  1 
ATOM   1303 C C   . ARG B 1 73 ? 1.720   -5.744  -0.680  1.00 16.59 ? 210 ARG B C   1 
ATOM   1304 O O   . ARG B 1 73 ? 0.688   -5.933  -1.334  1.00 19.94 ? 210 ARG B O   1 
ATOM   1305 C CB  . ARG B 1 73 ? 0.444   -4.625  1.195   1.00 15.55 ? 210 ARG B CB  1 
ATOM   1306 C CG  . ARG B 1 73 ? -0.094  -4.970  2.608   1.00 23.68 ? 210 ARG B CG  1 
ATOM   1307 C CD  . ARG B 1 73 ? -1.317  -4.168  3.080   1.00 26.25 ? 210 ARG B CD  1 
ATOM   1308 N NE  . ARG B 1 73 ? -2.306  -4.030  2.023   1.00 25.31 ? 210 ARG B NE  1 
ATOM   1309 C CZ  . ARG B 1 73 ? -3.246  -4.931  1.718   1.00 26.17 ? 210 ARG B CZ  1 
ATOM   1310 N NH1 . ARG B 1 73 ? -4.056  -4.679  0.709   1.00 27.23 ? 210 ARG B NH1 1 
ATOM   1311 N NH2 . ARG B 1 73 ? -3.396  -6.050  2.426   1.00 23.95 ? 210 ARG B NH2 1 
ATOM   1312 N N   . GLU B 1 74 ? 2.915   -5.759  -1.259  1.00 13.29 ? 211 GLU B N   1 
ATOM   1313 C CA  . GLU B 1 74 ? 3.079   -6.366  -2.567  1.00 11.36 ? 211 GLU B CA  1 
ATOM   1314 C C   . GLU B 1 74 ? 3.014   -7.888  -2.408  1.00 12.00 ? 211 GLU B C   1 
ATOM   1315 O O   . GLU B 1 74 ? 3.039   -8.413  -1.288  1.00 13.37 ? 211 GLU B O   1 
ATOM   1316 C CB  . GLU B 1 74 ? 4.390   -5.897  -3.222  1.00 15.74 ? 211 GLU B CB  1 
ATOM   1317 C CG  . GLU B 1 74 ? 4.397   -4.358  -3.434  1.00 15.20 ? 211 GLU B CG  1 
ATOM   1318 C CD  . GLU B 1 74 ? 5.604   -3.807  -4.194  1.00 23.22 ? 211 GLU B CD  1 
ATOM   1319 O OE1 . GLU B 1 74 ? 5.808   -2.565  -4.141  1.00 28.53 ? 211 GLU B OE1 1 
ATOM   1320 O OE2 . GLU B 1 74 ? 6.356   -4.564  -4.830  1.00 25.00 ? 211 GLU B OE2 1 
ATOM   1321 N N   . LYS B 1 75 ? 2.894   -8.598  -3.539  1.00 12.19 ? 212 LYS B N   1 
ATOM   1322 C CA  . LYS B 1 75 ? 2.486   -9.997  -3.532  1.00 15.42 ? 212 LYS B CA  1 
ATOM   1323 C C   . LYS B 1 75 ? 3.638   -10.919 -3.904  1.00 12.85 ? 212 LYS B C   1 
ATOM   1324 O O   . LYS B 1 75 ? 4.471   -10.591 -4.736  1.00 12.96 ? 212 LYS B O   1 
ATOM   1325 C CB  . LYS B 1 75 ? 1.320   -10.246 -4.501  1.00 16.96 ? 212 LYS B CB  1 
ATOM   1326 C CG  . LYS B 1 75 ? 0.032   -9.548  -3.989  1.00 18.26 ? 212 LYS B CG  1 
ATOM   1327 C CD  . LYS B 1 75 ? -1.033  -9.545  -5.084  1.00 20.67 ? 212 LYS B CD  1 
ATOM   1328 C CE  . LYS B 1 75 ? -1.500  -10.940 -5.338  1.00 24.83 ? 212 LYS B CE  1 
ATOM   1329 N NZ  . LYS B 1 75 ? -2.502  -10.924 -6.433  1.00 47.86 ? 212 LYS B NZ  1 
ATOM   1330 N N   . ILE B 1 76 ? 3.631   -12.108 -3.312  1.00 12.09 ? 213 ILE B N   1 
ATOM   1331 C CA  . ILE B 1 76 ? 4.378   -13.270 -3.780  1.00 13.51 ? 213 ILE B CA  1 
ATOM   1332 C C   . ILE B 1 76 ? 3.329   -14.322 -4.103  1.00 13.43 ? 213 ILE B C   1 
ATOM   1333 O O   . ILE B 1 76 ? 2.544   -14.710 -3.223  1.00 13.50 ? 213 ILE B O   1 
ATOM   1334 C CB  . ILE B 1 76 ? 5.370   -13.777 -2.736  1.00 13.39 ? 213 ILE B CB  1 
ATOM   1335 C CG1 . ILE B 1 76 ? 6.456   -12.785 -2.505  1.00 13.50 ? 213 ILE B CG1 1 
ATOM   1336 C CG2 . ILE B 1 76 ? 5.960   -15.123 -3.185  1.00 17.82 ? 213 ILE B CG2 1 
ATOM   1337 C CD1 . ILE B 1 76 ? 7.480   -13.274 -1.410  1.00 17.00 ? 213 ILE B CD1 1 
ATOM   1338 N N   . GLY B 1 77 ? 3.229   -14.691 -5.375  1.00 18.84 ? 214 GLY B N   1 
ATOM   1339 C CA  . GLY B 1 77 ? 2.084   -15.485 -5.788  1.00 19.75 ? 214 GLY B CA  1 
ATOM   1340 C C   . GLY B 1 77 ? 0.791   -14.743 -5.497  1.00 12.63 ? 214 GLY B C   1 
ATOM   1341 O O   . GLY B 1 77 ? 0.632   -13.559 -5.840  1.00 19.69 ? 214 GLY B O   1 
ATOM   1342 N N   . HIS B 1 78 ? -0.134  -15.426 -4.818  1.00 15.34 ? 215 HIS B N   1 
ATOM   1343 C CA  . HIS B 1 78 ? -1.423  -14.831 -4.505  1.00 12.25 ? 215 HIS B CA  1 
ATOM   1344 C C   . HIS B 1 78 ? -1.445  -14.229 -3.097  1.00 17.58 ? 215 HIS B C   1 
ATOM   1345 O O   . HIS B 1 78 ? -2.505  -13.782 -2.640  1.00 19.90 ? 215 HIS B O   1 
ATOM   1346 C CB  . HIS B 1 78 ? -2.561  -15.856 -4.660  1.00 17.03 ? 215 HIS B CB  1 
ATOM   1347 C CG  . HIS B 1 78 ? -2.488  -16.993 -3.688  1.00 16.21 ? 215 HIS B CG  1 
ATOM   1348 N ND1 . HIS B 1 78 ? -1.989  -18.229 -4.035  1.00 24.01 ? 215 HIS B ND1 1 
ATOM   1349 C CD2 . HIS B 1 78 ? -2.877  -17.087 -2.394  1.00 17.36 ? 215 HIS B CD2 1 
ATOM   1350 C CE1 . HIS B 1 78 ? -2.060  -19.034 -2.987  1.00 34.69 ? 215 HIS B CE1 1 
ATOM   1351 N NE2 . HIS B 1 78 ? -2.577  -18.357 -1.972  1.00 21.32 ? 215 HIS B NE2 1 
ATOM   1352 N N   . ARG B 1 79 ? -0.308  -14.191 -2.398  1.00 12.09 ? 216 ARG B N   1 
ATOM   1353 C CA  . ARG B 1 79 ? -0.264  -13.764 -0.993  1.00 11.87 ? 216 ARG B CA  1 
ATOM   1354 C C   . ARG B 1 79 ? 0.276   -12.340 -0.882  1.00 13.54 ? 216 ARG B C   1 
ATOM   1355 O O   . ARG B 1 79 ? 1.298   -12.011 -1.489  1.00 14.14 ? 216 ARG B O   1 
ATOM   1356 C CB  . ARG B 1 79 ? 0.631   -14.663 -0.125  1.00 10.65 ? 216 ARG B CB  1 
ATOM   1357 C CG  . ARG B 1 79 ? 0.150   -16.103 0.075   1.00 14.90 ? 216 ARG B CG  1 
ATOM   1358 C CD  . ARG B 1 79 ? -1.202  -16.217 0.815   1.00 13.64 ? 216 ARG B CD  1 
ATOM   1359 N NE  . ARG B 1 79 ? -1.032  -15.822 2.212   1.00 13.45 ? 216 ARG B NE  1 
ATOM   1360 C CZ  . ARG B 1 79 ? -1.959  -15.888 3.171   1.00 14.57 ? 216 ARG B CZ  1 
ATOM   1361 N NH1 . ARG B 1 79 ? -1.659  -15.492 4.420   1.00 16.79 ? 216 ARG B NH1 1 
ATOM   1362 N NH2 . ARG B 1 79 ? -3.175  -16.287 2.889   1.00 12.43 ? 216 ARG B NH2 1 
ATOM   1363 N N   . TYR B 1 80 ? -0.400  -11.506 -0.090  1.00 10.77 ? 217 TYR B N   1 
ATOM   1364 C CA  . TYR B 1 80 ? 0.090   -10.175 0.245   1.00 13.82 ? 217 TYR B CA  1 
ATOM   1365 C C   . TYR B 1 80 ? 1.075   -10.241 1.399   1.00 15.71 ? 217 TYR B C   1 
ATOM   1366 O O   . TYR B 1 80 ? 0.761   -10.761 2.468   1.00 16.21 ? 217 TYR B O   1 
ATOM   1367 C CB  . TYR B 1 80 ? -1.088  -9.274  0.639   1.00 14.86 ? 217 TYR B CB  1 
ATOM   1368 C CG  . TYR B 1 80 ? -2.009  -8.941  -0.516  1.00 15.33 ? 217 TYR B CG  1 
ATOM   1369 C CD1 . TYR B 1 80 ? -2.843  -9.899  -1.065  1.00 20.51 ? 217 TYR B CD1 1 
ATOM   1370 C CD2 . TYR B 1 80 ? -2.003  -7.675  -1.067  1.00 19.49 ? 217 TYR B CD2 1 
ATOM   1371 C CE1 . TYR B 1 80 ? -3.689  -9.575  -2.126  1.00 20.00 ? 217 TYR B CE1 1 
ATOM   1372 C CE2 . TYR B 1 80 ? -2.838  -7.338  -2.113  1.00 22.28 ? 217 TYR B CE2 1 
ATOM   1373 C CZ  . TYR B 1 80 ? -3.665  -8.311  -2.658  1.00 18.54 ? 217 TYR B CZ  1 
ATOM   1374 O OH  . TYR B 1 80 ? -4.517  -7.999  -3.707  1.00 30.38 ? 217 TYR B OH  1 
ATOM   1375 N N   . ILE B 1 81 ? 2.258   -9.686  1.202   1.00 14.42 ? 218 ILE B N   1 
ATOM   1376 C CA  . ILE B 1 81 ? 3.344   -9.874  2.159   1.00 10.28 ? 218 ILE B CA  1 
ATOM   1377 C C   . ILE B 1 81 ? 3.450   -8.644  3.055   1.00 13.99 ? 218 ILE B C   1 
ATOM   1378 O O   . ILE B 1 81 ? 3.623   -7.533  2.561   1.00 16.80 ? 218 ILE B O   1 
ATOM   1379 C CB  . ILE B 1 81 ? 4.662   -10.104 1.419   1.00 10.70 ? 218 ILE B CB  1 
ATOM   1380 C CG1 . ILE B 1 81 ? 4.498   -11.270 0.426   1.00 13.34 ? 218 ILE B CG1 1 
ATOM   1381 C CG2 . ILE B 1 81 ? 5.791   -10.372 2.397   1.00 11.68 ? 218 ILE B CG2 1 
ATOM   1382 C CD1 . ILE B 1 81 ? 3.901   -12.520 1.000   1.00 16.87 ? 218 ILE B CD1 1 
ATOM   1383 N N   . GLU B 1 82 ? 3.312   -8.839  4.359   1.00 13.52 ? 219 GLU B N   1 
ATOM   1384 C CA  . GLU B 1 82 ? 3.560   -7.777  5.336   1.00 12.51 ? 219 GLU B CA  1 
ATOM   1385 C C   . GLU B 1 82 ? 5.030   -7.739  5.712   1.00 17.24 ? 219 GLU B C   1 
ATOM   1386 O O   . GLU B 1 82 ? 5.650   -8.787  5.943   1.00 15.60 ? 219 GLU B O   1 
ATOM   1387 C CB  . GLU B 1 82 ? 2.711   -8.013  6.580   1.00 18.37 ? 219 GLU B CB  1 
ATOM   1388 C CG  . GLU B 1 82 ? 1.226   -8.068  6.282   1.00 23.64 ? 219 GLU B CG  1 
ATOM   1389 C CD  . GLU B 1 82 ? 0.444   -8.575  7.490   1.00 53.95 ? 219 GLU B CD  1 
ATOM   1390 O OE1 . GLU B 1 82 ? 0.331   -7.817  8.474   1.00 43.42 ? 219 GLU B OE1 1 
ATOM   1391 O OE2 . GLU B 1 82 ? -0.017  -9.742  7.471   1.00 59.33 ? 219 GLU B OE2 1 
ATOM   1392 N N   . ILE B 1 83 ? 5.588   -6.529  5.858   1.00 15.34 ? 220 ILE B N   1 
ATOM   1393 C CA  . ILE B 1 83 ? 7.021   -6.336  6.055   1.00 14.63 ? 220 ILE B CA  1 
ATOM   1394 C C   . ILE B 1 83 ? 7.210   -5.415  7.254   1.00 18.48 ? 220 ILE B C   1 
ATOM   1395 O O   . ILE B 1 83 ? 6.593   -4.346  7.312   1.00 21.15 ? 220 ILE B O   1 
ATOM   1396 C CB  . ILE B 1 83 ? 7.698   -5.722  4.812   1.00 13.01 ? 220 ILE B CB  1 
ATOM   1397 C CG1 . ILE B 1 83 ? 7.311   -6.505  3.538   1.00 14.43 ? 220 ILE B CG1 1 
ATOM   1398 C CG2 . ILE B 1 83 ? 9.200   -5.680  4.938   1.00 18.27 ? 220 ILE B CG2 1 
ATOM   1399 C CD1 . ILE B 1 83 ? 7.890   -5.918  2.283   1.00 13.56 ? 220 ILE B CD1 1 
ATOM   1400 N N   . PHE B 1 84 ? 8.028   -5.832  8.200   1.00 15.24 ? 221 PHE B N   1 
ATOM   1401 C CA  . PHE B 1 84 ? 8.275   -5.081  9.433   1.00 20.48 ? 221 PHE B CA  1 
ATOM   1402 C C   . PHE B 1 84 ? 9.759   -4.833  9.631   1.00 19.78 ? 221 PHE B C   1 
ATOM   1403 O O   . PHE B 1 84 ? 10.575  -5.724  9.423   1.00 15.33 ? 221 PHE B O   1 
ATOM   1404 C CB  . PHE B 1 84 ? 7.721   -5.845  10.656  1.00 18.36 ? 221 PHE B CB  1 
ATOM   1405 C CG  . PHE B 1 84 ? 6.272   -6.139  10.560  1.00 21.79 ? 221 PHE B CG  1 
ATOM   1406 C CD1 . PHE B 1 84 ? 5.335   -5.220  10.982  1.00 24.24 ? 221 PHE B CD1 1 
ATOM   1407 C CD2 . PHE B 1 84 ? 5.832   -7.321  9.991   1.00 20.39 ? 221 PHE B CD2 1 
ATOM   1408 C CE1 . PHE B 1 84 ? 3.974   -5.493  10.864  1.00 28.09 ? 221 PHE B CE1 1 
ATOM   1409 C CE2 . PHE B 1 84 ? 4.486   -7.594  9.871   1.00 26.56 ? 221 PHE B CE2 1 
ATOM   1410 C CZ  . PHE B 1 84 ? 3.556   -6.685  10.305  1.00 27.67 ? 221 PHE B CZ  1 
ATOM   1411 N N   . ARG B 1 85 ? 10.125  -3.661  10.146  1.00 18.26 ? 222 ARG B N   1 
ATOM   1412 C CA  . ARG B 1 85 ? 11.514  -3.474  10.522  1.00 17.78 ? 222 ARG B CA  1 
ATOM   1413 C C   . ARG B 1 85 ? 11.840  -4.405  11.684  1.00 16.95 ? 222 ARG B C   1 
ATOM   1414 O O   . ARG B 1 85 ? 11.001  -4.646  12.550  1.00 21.00 ? 222 ARG B O   1 
ATOM   1415 C CB  . ARG B 1 85 ? 11.778  -2.008  10.901  1.00 25.30 ? 222 ARG B CB  1 
ATOM   1416 C CG  . ARG B 1 85 ? 13.246  -1.586  10.777  1.00 32.75 ? 222 ARG B CG  1 
ATOM   1417 C CD  . ARG B 1 85 ? 13.476  -0.119  11.153  1.00 35.48 ? 222 ARG B CD  1 
ATOM   1418 N NE  . ARG B 1 85 ? 12.597  0.806   10.425  1.00 41.66 ? 222 ARG B NE  1 
ATOM   1419 C CZ  . ARG B 1 85 ? 12.946  1.510   9.347   1.00 40.84 ? 222 ARG B CZ  1 
ATOM   1420 N NH1 . ARG B 1 85 ? 14.170  1.404   8.837   1.00 40.05 ? 222 ARG B NH1 1 
ATOM   1421 N NH2 . ARG B 1 85 ? 12.062  2.324   8.777   1.00 37.97 ? 222 ARG B NH2 1 
ATOM   1422 N N   . SER B 1 86 ? 13.046  -4.967  11.680  1.00 17.39 ? 223 SER B N   1 
ATOM   1423 C CA  . SER B 1 86 ? 13.404  -5.954  12.691  1.00 18.39 ? 223 SER B CA  1 
ATOM   1424 C C   . SER B 1 86 ? 14.839  -5.744  13.141  1.00 20.50 ? 223 SER B C   1 
ATOM   1425 O O   . SER B 1 86 ? 15.321  -4.607  13.103  1.00 22.83 ? 223 SER B O   1 
ATOM   1426 C CB  . SER B 1 86 ? 13.171  -7.367  12.134  1.00 20.50 ? 223 SER B CB  1 
ATOM   1427 O OG  . SER B 1 86 ? 13.254  -8.350  13.159  1.00 23.31 ? 223 SER B OG  1 
ATOM   1428 N N   . SER B 1 87 ? 15.541  -6.801  13.546  1.00 17.96 ? 224 SER B N   1 
ATOM   1429 C CA  . SER B 1 87 ? 16.878  -6.646  14.092  1.00 21.88 ? 224 SER B CA  1 
ATOM   1430 C C   . SER B 1 87 ? 17.545  -8.004  14.092  1.00 22.80 ? 224 SER B C   1 
ATOM   1431 O O   . SER B 1 87 ? 16.870  -9.044  14.077  1.00 23.92 ? 224 SER B O   1 
ATOM   1432 C CB  . SER B 1 87 ? 16.840  -6.104  15.521  1.00 22.44 ? 224 SER B CB  1 
ATOM   1433 O OG  . SER B 1 87 ? 16.118  -7.022  16.343  1.00 24.94 ? 224 SER B OG  1 
ATOM   1434 N N   . ILE B 1 88 ? 18.886  -7.977  14.131  1.00 22.19 ? 225 ILE B N   1 
ATOM   1435 C CA  . ILE B 1 88 ? 19.664  -9.204  14.226  1.00 24.00 ? 225 ILE B CA  1 
ATOM   1436 C C   . ILE B 1 88 ? 19.268  -9.993  15.466  1.00 21.88 ? 225 ILE B C   1 
ATOM   1437 O O   . ILE B 1 88 ? 19.094  -11.216 15.408  1.00 22.89 ? 225 ILE B O   1 
ATOM   1438 C CB  . ILE B 1 88 ? 21.172  -8.891  14.201  1.00 26.75 ? 225 ILE B CB  1 
ATOM   1439 C CG1 . ILE B 1 88 ? 21.612  -8.636  12.755  1.00 28.16 ? 225 ILE B CG1 1 
ATOM   1440 C CG2 . ILE B 1 88 ? 21.949  -10.054 14.768  1.00 41.53 ? 225 ILE B CG2 1 
ATOM   1441 C CD1 . ILE B 1 88 ? 23.101  -8.536  12.564  1.00 45.15 ? 225 ILE B CD1 1 
ATOM   1442 N N   . ALA B 1 89 ? 19.065  -9.305  16.596  1.00 24.86 ? 226 ALA B N   1 
ATOM   1443 C CA  . ALA B 1 89 ? 18.649  -10.009 17.816  1.00 23.89 ? 226 ALA B CA  1 
ATOM   1444 C C   . ALA B 1 89 ? 17.307  -10.718 17.634  1.00 24.40 ? 226 ALA B C   1 
ATOM   1445 O O   . ALA B 1 89 ? 17.138  -11.860 18.079  1.00 27.91 ? 226 ALA B O   1 
ATOM   1446 C CB  . ALA B 1 89 ? 18.582  -9.045  18.999  1.00 25.25 ? 226 ALA B CB  1 
ATOM   1447 N N   . GLU B 1 90 ? 16.340  -10.068 16.981  1.00 26.23 ? 227 GLU B N   1 
ATOM   1448 C CA  . GLU B 1 90 ? 15.040  -10.710 16.813  1.00 22.80 ? 227 GLU B CA  1 
ATOM   1449 C C   . GLU B 1 90 ? 15.141  -11.888 15.867  1.00 23.53 ? 227 GLU B C   1 
ATOM   1450 O O   . GLU B 1 90 ? 14.518  -12.929 16.098  1.00 21.81 ? 227 GLU B O   1 
ATOM   1451 C CB  . GLU B 1 90 ? 13.995  -9.708  16.308  1.00 21.22 ? 227 GLU B CB  1 
ATOM   1452 C CG  . GLU B 1 90 ? 12.590  -10.290 16.347  1.00 25.16 ? 227 GLU B CG  1 
ATOM   1453 C CD  . GLU B 1 90 ? 11.515  -9.359  15.813  1.00 35.07 ? 227 GLU B CD  1 
ATOM   1454 O OE1 . GLU B 1 90 ? 10.365  -9.456  16.293  1.00 44.41 ? 227 GLU B OE1 1 
ATOM   1455 O OE2 . GLU B 1 90 ? 11.813  -8.519  14.934  1.00 26.66 ? 227 GLU B OE2 1 
ATOM   1456 N N   . MET B 1 91 ? 15.929  -11.742 14.800  1.00 21.29 ? 228 MET B N   1 
ATOM   1457 C CA  . MET B 1 91 ? 16.128  -12.843 13.866  1.00 21.82 ? 228 MET B CA  1 
ATOM   1458 C C   . MET B 1 91 ? 16.772  -14.039 14.555  1.00 26.71 ? 228 MET B C   1 
ATOM   1459 O O   . MET B 1 91 ? 16.324  -15.179 14.384  1.00 26.11 ? 228 MET B O   1 
ATOM   1460 C CB  . MET B 1 91 ? 16.960  -12.372 12.679  1.00 20.78 ? 228 MET B CB  1 
ATOM   1461 C CG  . MET B 1 91 ? 17.290  -13.437 11.660  1.00 21.55 ? 228 MET B CG  1 
ATOM   1462 S SD  . MET B 1 91 ? 18.355  -12.652 10.464  1.00 28.40 ? 228 MET B SD  1 
ATOM   1463 C CE  . MET B 1 91 ? 18.050  -13.560 8.939   1.00 38.05 ? 228 MET B CE  1 
ATOM   1464 N N   . LYS B 1 92 ? 17.811  -13.796 15.363  1.00 24.55 ? 229 LYS B N   1 
ATOM   1465 C CA  . LYS B 1 92 ? 18.472  -14.912 16.040  1.00 25.16 ? 229 LYS B CA  1 
ATOM   1466 C C   . LYS B 1 92 ? 17.575  -15.579 17.078  1.00 24.98 ? 229 LYS B C   1 
ATOM   1467 O O   . LYS B 1 92 ? 17.691  -16.788 17.300  1.00 31.72 ? 229 LYS B O   1 
ATOM   1468 C CB  . LYS B 1 92 ? 19.771  -14.434 16.671  1.00 24.63 ? 229 LYS B CB  1 
ATOM   1469 C CG  . LYS B 1 92 ? 20.864  -14.209 15.640  1.00 34.49 ? 229 LYS B CG  1 
ATOM   1470 C CD  . LYS B 1 92 ? 22.194  -13.899 16.304  1.00 47.49 ? 229 LYS B CD  1 
ATOM   1471 C CE  . LYS B 1 92 ? 23.289  -13.683 15.270  1.00 54.53 ? 229 LYS B CE  1 
ATOM   1472 N NZ  . LYS B 1 92 ? 23.431  -14.850 14.356  1.00 56.85 ? 229 LYS B NZ  1 
ATOM   1473 N N   . ARG B 1 93 ? 16.660  -14.839 17.710  1.00 23.09 ? 230 ARG B N   1 
ATOM   1474 C CA  . ARG B 1 93 ? 15.746  -15.486 18.653  1.00 24.98 ? 230 ARG B CA  1 
ATOM   1475 C C   . ARG B 1 93 ? 14.770  -16.413 17.943  1.00 33.32 ? 230 ARG B C   1 
ATOM   1476 O O   . ARG B 1 93 ? 14.291  -17.385 18.534  1.00 30.37 ? 230 ARG B O   1 
ATOM   1477 C CB  . ARG B 1 93 ? 14.951  -14.450 19.446  1.00 30.77 ? 230 ARG B CB  1 
ATOM   1478 C CG  . ARG B 1 93 ? 15.680  -13.877 20.634  1.00 38.54 ? 230 ARG B CG  1 
ATOM   1479 C CD  . ARG B 1 93 ? 14.705  -13.154 21.549  1.00 35.18 ? 230 ARG B CD  1 
ATOM   1480 N NE  . ARG B 1 93 ? 13.972  -12.075 20.889  1.00 37.83 ? 230 ARG B NE  1 
ATOM   1481 C CZ  . ARG B 1 93 ? 14.454  -10.850 20.710  1.00 36.59 ? 230 ARG B CZ  1 
ATOM   1482 N NH1 . ARG B 1 93 ? 15.678  -10.551 21.124  1.00 41.93 ? 230 ARG B NH1 1 
ATOM   1483 N NH2 . ARG B 1 93 ? 13.714  -9.925  20.116  1.00 34.54 ? 230 ARG B NH2 1 
ATOM   1484 N N   . ALA B 1 94 ? 14.436  -16.115 16.694  1.00 30.89 ? 231 ALA B N   1 
ATOM   1485 C CA  . ALA B 1 94 ? 13.424  -16.890 15.999  1.00 28.30 ? 231 ALA B CA  1 
ATOM   1486 C C   . ALA B 1 94 ? 14.002  -18.091 15.282  1.00 38.21 ? 231 ALA B C   1 
ATOM   1487 O O   . ALA B 1 94 ? 13.290  -19.082 15.074  1.00 45.88 ? 231 ALA B O   1 
ATOM   1488 C CB  . ALA B 1 94 ? 12.698  -16.002 14.984  1.00 26.24 ? 231 ALA B CB  1 
ATOM   1489 N N   . THR B 1 95 ? 15.272  -18.017 14.892  1.00 34.39 ? 232 THR B N   1 
ATOM   1490 C CA  . THR B 1 95 ? 15.875  -19.006 14.005  1.00 45.09 ? 232 THR B CA  1 
ATOM   1491 C C   . THR B 1 95 ? 16.893  -19.835 14.778  1.00 47.46 ? 232 THR B C   1 
ATOM   1492 O O   . THR B 1 95 ? 17.598  -19.307 15.636  1.00 50.51 ? 232 THR B O   1 
ATOM   1493 C CB  . THR B 1 95 ? 16.576  -18.337 12.777  1.00 49.39 ? 232 THR B CB  1 
ATOM   1494 O OG1 . THR B 1 95 ? 17.668  -17.518 13.220  1.00 47.22 ? 232 THR B OG1 1 
ATOM   1495 C CG2 . THR B 1 95 ? 15.595  -17.478 11.965  1.00 48.09 ? 232 THR B CG2 1 
HETATM 1496 O O   . HOH C 2 .  ? -17.021 22.269  -13.926 1.00 38.27 ? 301 HOH A O   1 
HETATM 1497 O O   . HOH C 2 .  ? -14.431 -5.235  10.572  1.00 29.77 ? 302 HOH A O   1 
HETATM 1498 O O   . HOH C 2 .  ? -5.964  3.187   -11.137 1.00 30.49 ? 303 HOH A O   1 
HETATM 1499 O O   . HOH C 2 .  ? -28.054 10.333  -16.381 1.00 27.09 ? 304 HOH A O   1 
HETATM 1500 O O   . HOH C 2 .  ? -24.423 15.360  1.130   1.00 36.46 ? 305 HOH A O   1 
HETATM 1501 O O   . HOH C 2 .  ? 2.340   15.681  -12.347 1.00 40.92 ? 306 HOH A O   1 
HETATM 1502 O O   . HOH C 2 .  ? -12.878 3.062   4.916   1.00 30.74 ? 307 HOH A O   1 
HETATM 1503 O O   . HOH C 2 .  ? -8.268  2.714   -4.548  1.00 35.06 ? 308 HOH A O   1 
HETATM 1504 O O   . HOH C 2 .  ? -1.456  5.132   -9.809  1.00 31.21 ? 309 HOH A O   1 
HETATM 1505 O O   . HOH C 2 .  ? -14.786 11.873  6.736   1.00 35.73 ? 310 HOH A O   1 
HETATM 1506 O O   . HOH C 2 .  ? -10.670 22.297  -14.484 1.00 25.98 ? 311 HOH A O   1 
HETATM 1507 O O   . HOH C 2 .  ? -20.164 22.621  -10.197 1.00 35.49 ? 312 HOH A O   1 
HETATM 1508 O O   . HOH C 2 .  ? -23.641 6.170   -3.759  1.00 19.50 ? 313 HOH A O   1 
HETATM 1509 O O   . HOH C 2 .  ? -14.690 16.942  3.991   1.00 41.61 ? 314 HOH A O   1 
HETATM 1510 O O   . HOH C 2 .  ? -17.129 4.046   -1.086  1.00 19.35 ? 315 HOH A O   1 
HETATM 1511 O O   . HOH C 2 .  ? -15.442 20.710  3.768   1.00 32.34 ? 316 HOH A O   1 
HETATM 1512 O O   . HOH C 2 .  ? -12.608 25.853  -5.849  1.00 35.32 ? 317 HOH A O   1 
HETATM 1513 O O   . HOH C 2 .  ? -7.012  12.278  12.988  1.00 50.68 ? 318 HOH A O   1 
HETATM 1514 O O   . HOH C 2 .  ? -5.444  26.910  -13.105 1.00 38.27 ? 319 HOH A O   1 
HETATM 1515 O O   . HOH C 2 .  ? -18.572 21.593  -1.538  1.00 41.48 ? 320 HOH A O   1 
HETATM 1516 O O   . HOH C 2 .  ? -28.453 10.090  -9.982  1.00 21.51 ? 321 HOH A O   1 
HETATM 1517 O O   . HOH C 2 .  ? -13.879 1.637   -15.275 1.00 33.05 ? 322 HOH A O   1 
HETATM 1518 O O   . HOH C 2 .  ? -25.315 10.630  -6.243  1.00 24.55 ? 323 HOH A O   1 
HETATM 1519 O O   . HOH C 2 .  ? -19.889 2.981   -4.509  1.00 25.75 ? 324 HOH A O   1 
HETATM 1520 O O   . HOH C 2 .  ? -17.971 -0.408  -4.997  1.00 39.32 ? 325 HOH A O   1 
HETATM 1521 O O   . HOH C 2 .  ? -3.193  17.005  -15.597 1.00 40.46 ? 326 HOH A O   1 
HETATM 1522 O O   . HOH C 2 .  ? -22.416 11.254  -17.202 1.00 21.24 ? 327 HOH A O   1 
HETATM 1523 O O   . HOH C 2 .  ? -16.039 8.926   -15.031 1.00 15.47 ? 328 HOH A O   1 
HETATM 1524 O O   . HOH C 2 .  ? -4.613  16.822  7.798   1.00 32.51 ? 329 HOH A O   1 
HETATM 1525 O O   . HOH C 2 .  ? -16.064 15.823  -14.651 1.00 16.53 ? 330 HOH A O   1 
HETATM 1526 O O   . HOH C 2 .  ? -12.971 22.177  -12.875 1.00 28.19 ? 331 HOH A O   1 
HETATM 1527 O O   . HOH C 2 .  ? -7.133  12.445  -13.590 1.00 27.74 ? 332 HOH A O   1 
HETATM 1528 O O   . HOH C 2 .  ? -23.110 0.142   5.434   1.00 37.26 ? 333 HOH A O   1 
HETATM 1529 O O   . HOH C 2 .  ? -22.476 -7.739  8.830   1.00 36.66 ? 334 HOH A O   1 
HETATM 1530 O O   . HOH C 2 .  ? -5.850  11.400  11.017  1.00 31.43 ? 335 HOH A O   1 
HETATM 1531 O O   . HOH C 2 .  ? -19.495 9.152   -16.803 1.00 22.14 ? 336 HOH A O   1 
HETATM 1532 O O   . HOH C 2 .  ? 2.217   11.247  -7.446  1.00 32.14 ? 337 HOH A O   1 
HETATM 1533 O O   . HOH C 2 .  ? -1.422  25.409  -6.509  1.00 26.48 ? 338 HOH A O   1 
HETATM 1534 O O   . HOH C 2 .  ? -16.911 -0.891  -7.351  1.00 33.30 ? 339 HOH A O   1 
HETATM 1535 O O   . HOH C 2 .  ? -0.878  20.427  -10.295 1.00 37.88 ? 340 HOH A O   1 
HETATM 1536 O O   . HOH C 2 .  ? 0.115   23.886  -4.347  1.00 26.19 ? 341 HOH A O   1 
HETATM 1537 O O   . HOH C 2 .  ? -17.458 11.203  -15.483 1.00 18.89 ? 342 HOH A O   1 
HETATM 1538 O O   . HOH C 2 .  ? -9.633  20.939  0.201   1.00 41.82 ? 343 HOH A O   1 
HETATM 1539 O O   . HOH C 2 .  ? -26.826 4.911   -16.587 1.00 37.44 ? 344 HOH A O   1 
HETATM 1540 O O   . HOH C 2 .  ? -9.800  2.099   -2.111  1.00 27.65 ? 345 HOH A O   1 
HETATM 1541 O O   . HOH C 2 .  ? -19.855 0.386   9.518   1.00 22.89 ? 346 HOH A O   1 
HETATM 1542 O O   . HOH C 2 .  ? -23.201 7.921   -1.652  1.00 25.19 ? 347 HOH A O   1 
HETATM 1543 O O   . HOH C 2 .  ? -21.039 4.508   -13.574 1.00 35.15 ? 348 HOH A O   1 
HETATM 1544 O O   . HOH C 2 .  ? -5.824  13.770  -15.505 1.00 28.17 ? 349 HOH A O   1 
HETATM 1545 O O   . HOH C 2 .  ? -17.984 25.323  -11.916 1.00 43.61 ? 350 HOH A O   1 
HETATM 1546 O O   . HOH C 2 .  ? -19.769 2.502   -12.172 1.00 45.65 ? 351 HOH A O   1 
HETATM 1547 O O   . HOH C 2 .  ? -5.177  4.732   -5.437  1.00 32.89 ? 352 HOH A O   1 
HETATM 1548 O O   . HOH C 2 .  ? -22.051 16.482  -15.363 1.00 26.45 ? 353 HOH A O   1 
HETATM 1549 O O   . HOH C 2 .  ? -23.751 5.752   -12.706 1.00 25.20 ? 354 HOH A O   1 
HETATM 1550 O O   . HOH C 2 .  ? -16.607 22.001  0.690   1.00 29.58 ? 355 HOH A O   1 
HETATM 1551 O O   . HOH C 2 .  ? -16.358 2.853   8.426   1.00 36.96 ? 356 HOH A O   1 
HETATM 1552 O O   . HOH C 2 .  ? -2.860  12.446  -12.493 1.00 32.80 ? 357 HOH A O   1 
HETATM 1553 O O   . HOH C 2 .  ? -27.400 11.136  -7.938  1.00 28.95 ? 358 HOH A O   1 
HETATM 1554 O O   . HOH C 2 .  ? -3.326  14.586  -15.221 1.00 35.36 ? 359 HOH A O   1 
HETATM 1555 O O   . HOH C 2 .  ? -26.040 11.041  -3.460  1.00 31.15 ? 360 HOH A O   1 
HETATM 1556 O O   . HOH C 2 .  ? -15.816 9.179   5.647   1.00 34.20 ? 361 HOH A O   1 
HETATM 1557 O O   . HOH C 2 .  ? -27.726 1.422   -14.198 1.00 44.86 ? 362 HOH A O   1 
HETATM 1558 O O   . HOH C 2 .  ? -17.308 3.386   -3.738  1.00 28.39 ? 363 HOH A O   1 
HETATM 1559 O O   . HOH D 2 .  ? 2.884   -18.736 9.389   1.00 32.07 ? 301 HOH B O   1 
HETATM 1560 O O   . HOH D 2 .  ? 21.627  -3.760  0.532   1.00 39.19 ? 302 HOH B O   1 
HETATM 1561 O O   . HOH D 2 .  ? 7.152   -0.516  -4.463  1.00 35.43 ? 303 HOH B O   1 
HETATM 1562 O O   . HOH D 2 .  ? 10.356  -26.809 19.939  1.00 46.38 ? 304 HOH B O   1 
HETATM 1563 O O   . HOH D 2 .  ? 18.507  -17.359 -6.949  1.00 46.99 ? 305 HOH B O   1 
HETATM 1564 O O   . HOH D 2 .  ? -0.666  -12.665 3.390   1.00 26.74 ? 306 HOH B O   1 
HETATM 1565 O O   . HOH D 2 .  ? -2.086  -1.810  0.716   1.00 42.03 ? 307 HOH B O   1 
HETATM 1566 O O   . HOH D 2 .  ? 8.943   -32.211 15.110  1.00 33.31 ? 308 HOH B O   1 
HETATM 1567 O O   . HOH D 2 .  ? -5.176  -5.488  -3.718  1.00 40.50 ? 309 HOH B O   1 
HETATM 1568 O O   . HOH D 2 .  ? 20.087  -17.649 2.678   1.00 35.29 ? 310 HOH B O   1 
HETATM 1569 O O   . HOH D 2 .  ? 12.850  -20.916 13.226  1.00 28.39 ? 311 HOH B O   1 
HETATM 1570 O O   . HOH D 2 .  ? 13.646  -22.230 -6.487  1.00 40.09 ? 312 HOH B O   1 
HETATM 1571 O O   . HOH D 2 .  ? 6.985   -21.759 -4.223  1.00 31.34 ? 313 HOH B O   1 
HETATM 1572 O O   . HOH D 2 .  ? -2.427  -6.690  4.810   1.00 45.82 ? 314 HOH B O   1 
HETATM 1573 O O   . HOH D 2 .  ? 12.724  -0.103  -4.794  1.00 30.17 ? 315 HOH B O   1 
HETATM 1574 O O   . HOH D 2 .  ? 11.169  -20.576 -6.915  1.00 27.89 ? 316 HOH B O   1 
HETATM 1575 O O   . HOH D 2 .  ? 0.810   -21.406 2.322   1.00 28.87 ? 317 HOH B O   1 
HETATM 1576 O O   . HOH D 2 .  ? -3.823  -13.852 -0.305  1.00 22.91 ? 318 HOH B O   1 
HETATM 1577 O O   . HOH D 2 .  ? 3.883   -0.622  -0.219  1.00 32.64 ? 319 HOH B O   1 
HETATM 1578 O O   . HOH D 2 .  ? 3.941   -0.856  -3.199  1.00 36.58 ? 320 HOH B O   1 
HETATM 1579 O O   . HOH D 2 .  ? 27.499  -18.730 4.206   1.00 38.14 ? 321 HOH B O   1 
HETATM 1580 O O   . HOH D 2 .  ? 14.391  -2.153  13.826  1.00 24.32 ? 322 HOH B O   1 
HETATM 1581 O O   . HOH D 2 .  ? 17.603  -3.984  11.752  1.00 32.16 ? 323 HOH B O   1 
HETATM 1582 O O   . HOH D 2 .  ? 9.972   0.797   -1.920  1.00 28.28 ? 324 HOH B O   1 
HETATM 1583 O O   . HOH D 2 .  ? 3.573   -23.802 11.145  1.00 28.65 ? 325 HOH B O   1 
HETATM 1584 O O   . HOH D 2 .  ? 23.792  1.250   5.348   1.00 35.97 ? 326 HOH B O   1 
HETATM 1585 O O   . HOH D 2 .  ? 4.970   -13.944 -7.412  1.00 28.24 ? 327 HOH B O   1 
HETATM 1586 O O   . HOH D 2 .  ? -3.018  -13.539 -7.358  1.00 31.64 ? 328 HOH B O   1 
HETATM 1587 O O   . HOH D 2 .  ? 8.735   -12.975 -8.878  1.00 22.89 ? 329 HOH B O   1 
HETATM 1588 O O   . HOH D 2 .  ? 7.878   -6.908  -5.244  1.00 16.91 ? 330 HOH B O   1 
HETATM 1589 O O   . HOH D 2 .  ? 0.880   -17.179 5.508   1.00 17.45 ? 331 HOH B O   1 
HETATM 1590 O O   . HOH D 2 .  ? 2.012   -11.747 -7.538  1.00 24.42 ? 332 HOH B O   1 
HETATM 1591 O O   . HOH D 2 .  ? 6.791   -11.541 -6.083  1.00 21.18 ? 333 HOH B O   1 
HETATM 1592 O O   . HOH D 2 .  ? 7.655   -25.600 2.765   1.00 30.04 ? 334 HOH B O   1 
HETATM 1593 O O   . HOH D 2 .  ? 1.454   -2.264  -1.658  1.00 35.37 ? 335 HOH B O   1 
HETATM 1594 O O   . HOH D 2 .  ? 12.049  -13.642 17.329  1.00 32.32 ? 336 HOH B O   1 
HETATM 1595 O O   . HOH D 2 .  ? 19.061  -12.777 19.976  1.00 35.13 ? 337 HOH B O   1 
HETATM 1596 O O   . HOH D 2 .  ? -0.178  -5.879  -4.055  1.00 24.83 ? 338 HOH B O   1 
HETATM 1597 O O   . HOH D 2 .  ? 10.662  -18.874 16.181  1.00 38.14 ? 339 HOH B O   1 
HETATM 1598 O O   . HOH D 2 .  ? 8.332   -13.591 -5.984  1.00 16.38 ? 340 HOH B O   1 
HETATM 1599 O O   . HOH D 2 .  ? 8.199   -1.544  10.358  1.00 27.08 ? 341 HOH B O   1 
HETATM 1600 O O   . HOH D 2 .  ? 8.733   -19.140 5.654   1.00 24.71 ? 342 HOH B O   1 
HETATM 1601 O O   . HOH D 2 .  ? 23.928  -11.448 10.824  1.00 43.19 ? 343 HOH B O   1 
HETATM 1602 O O   . HOH D 2 .  ? 1.345   -0.500  2.921   1.00 29.75 ? 344 HOH B O   1 
HETATM 1603 O O   . HOH D 2 .  ? 16.044  -20.982 6.768   1.00 30.88 ? 345 HOH B O   1 
HETATM 1604 O O   . HOH D 2 .  ? 17.020  -9.304  -4.242  1.00 24.44 ? 346 HOH B O   1 
HETATM 1605 O O   . HOH D 2 .  ? 25.529  -17.328 7.037   1.00 47.13 ? 347 HOH B O   1 
HETATM 1606 O O   . HOH D 2 .  ? 19.803  -5.180  13.873  1.00 41.02 ? 348 HOH B O   1 
HETATM 1607 O O   . HOH D 2 .  ? 2.589   -22.528 -0.395  1.00 30.31 ? 349 HOH B O   1 
HETATM 1608 O O   . HOH D 2 .  ? 6.777   -15.806 -7.049  1.00 33.26 ? 350 HOH B O   1 
HETATM 1609 O O   . HOH D 2 .  ? 3.392   -4.379  7.910   1.00 32.96 ? 351 HOH B O   1 
HETATM 1610 O O   . HOH D 2 .  ? 0.184   -4.083  6.181   1.00 35.20 ? 352 HOH B O   1 
HETATM 1611 O O   . HOH D 2 .  ? 9.823   -0.374  -4.559  1.00 42.56 ? 353 HOH B O   1 
HETATM 1612 O O   . HOH D 2 .  ? 21.542  -8.611  -4.937  1.00 40.80 ? 354 HOH B O   1 
HETATM 1613 O O   . HOH D 2 .  ? 1.778   -15.826 8.011   1.00 25.83 ? 355 HOH B O   1 
HETATM 1614 O O   . HOH D 2 .  ? 1.112   -17.757 -3.271  1.00 32.68 ? 356 HOH B O   1 
HETATM 1615 O O   . HOH D 2 .  ? 1.871   -6.760  -5.773  1.00 19.19 ? 357 HOH B O   1 
HETATM 1616 O O   . HOH D 2 .  ? 14.233  -1.584  -7.652  1.00 30.77 ? 358 HOH B O   1 
HETATM 1617 O O   . HOH D 2 .  ? 19.799  -6.350  17.141  1.00 34.13 ? 359 HOH B O   1 
HETATM 1618 O O   . HOH D 2 .  ? -2.816  -12.383 1.637   1.00 20.41 ? 360 HOH B O   1 
HETATM 1619 O O   . HOH D 2 .  ? 3.760   -19.034 -4.439  1.00 33.14 ? 361 HOH B O   1 
HETATM 1620 O O   . HOH D 2 .  ? 0.098   -19.035 2.586   1.00 31.26 ? 362 HOH B O   1 
HETATM 1621 O O   . HOH D 2 .  ? 19.654  -10.124 -3.540  1.00 43.91 ? 363 HOH B O   1 
HETATM 1622 O O   . HOH D 2 .  ? -2.470  -9.628  4.258   1.00 45.06 ? 364 HOH B O   1 
# 
loop_
_pdbx_poly_seq_scheme.asym_id 
_pdbx_poly_seq_scheme.entity_id 
_pdbx_poly_seq_scheme.seq_id 
_pdbx_poly_seq_scheme.mon_id 
_pdbx_poly_seq_scheme.ndb_seq_num 
_pdbx_poly_seq_scheme.pdb_seq_num 
_pdbx_poly_seq_scheme.auth_seq_num 
_pdbx_poly_seq_scheme.pdb_mon_id 
_pdbx_poly_seq_scheme.auth_mon_id 
_pdbx_poly_seq_scheme.pdb_strand_id 
_pdbx_poly_seq_scheme.pdb_ins_code 
_pdbx_poly_seq_scheme.hetero 
A 1 1  GLY 1  138 ?   ?   ?   A . n 
A 1 2  SER 2  139 ?   ?   ?   A . n 
A 1 3  HIS 3  140 ?   ?   ?   A . n 
A 1 4  MET 4  141 ?   ?   ?   A . n 
A 1 5  HIS 5  142 ?   ?   ?   A . n 
A 1 6  GLY 6  143 143 GLY GLY A . n 
A 1 7  THR 7  144 144 THR THR A . n 
A 1 8  ALA 8  145 145 ALA ALA A . n 
A 1 9  PHE 9  146 146 PHE PHE A . n 
A 1 10 VAL 10 147 147 VAL VAL A . n 
A 1 11 VAL 11 148 148 VAL VAL A . n 
A 1 12 LYS 12 149 149 LYS LYS A . n 
A 1 13 LEU 13 150 150 LEU LEU A . n 
A 1 14 ARG 14 151 151 ARG ARG A . n 
A 1 15 GLY 15 152 152 GLY GLY A . n 
A 1 16 LEU 16 153 153 LEU LEU A . n 
A 1 17 PRO 17 154 154 PRO PRO A . n 
A 1 18 TYR 18 155 155 TYR TYR A . n 
A 1 19 ALA 19 156 156 ALA ALA A . n 
A 1 20 VAL 20 157 157 VAL VAL A . n 
A 1 21 THR 21 158 158 THR THR A . n 
A 1 22 GLU 22 159 159 GLU GLU A . n 
A 1 23 GLN 23 160 160 GLN GLN A . n 
A 1 24 GLN 24 161 161 GLN GLN A . n 
A 1 25 ILE 25 162 162 ILE ILE A . n 
A 1 26 GLU 26 163 163 GLU GLU A . n 
A 1 27 GLU 27 164 164 GLU GLU A . n 
A 1 28 PHE 28 165 165 PHE PHE A . n 
A 1 29 PHE 29 166 166 PHE PHE A . n 
A 1 30 SER 30 167 167 SER SER A . n 
A 1 31 GLY 31 168 168 GLY GLY A . n 
A 1 32 LEU 32 169 169 LEU LEU A . n 
A 1 33 ASP 33 170 170 ASP ASP A . n 
A 1 34 ILE 34 171 171 ILE ILE A . n 
A 1 35 LYS 35 172 172 LYS LYS A . n 
A 1 36 THR 36 173 173 THR THR A . n 
A 1 37 ASP 37 174 174 ASP ASP A . n 
A 1 38 ARG 38 175 175 ARG ARG A . n 
A 1 39 GLU 39 176 176 GLU GLU A . n 
A 1 40 GLY 40 177 177 GLY GLY A . n 
A 1 41 ILE 41 178 178 ILE ILE A . n 
A 1 42 LEU 42 179 179 LEU LEU A . n 
A 1 43 PHE 43 180 180 PHE PHE A . n 
A 1 44 VAL 44 181 181 VAL VAL A . n 
A 1 45 MET 45 182 182 MET MET A . n 
A 1 46 ASP 46 183 183 ASP ASP A . n 
A 1 47 ARG 47 184 184 ARG ARG A . n 
A 1 48 ARG 48 185 185 ARG ARG A . n 
A 1 49 GLY 49 186 186 GLY GLY A . n 
A 1 50 ARG 50 187 187 ARG ARG A . n 
A 1 51 ALA 51 188 188 ALA ALA A . n 
A 1 52 THR 52 189 189 THR THR A . n 
A 1 53 GLY 53 190 190 GLY GLY A . n 
A 1 54 GLU 54 191 191 GLU GLU A . n 
A 1 55 ALA 55 192 192 ALA ALA A . n 
A 1 56 PHE 56 193 193 PHE PHE A . n 
A 1 57 VAL 57 194 194 VAL VAL A . n 
A 1 58 GLN 58 195 195 GLN GLN A . n 
A 1 59 PHE 59 196 196 PHE PHE A . n 
A 1 60 GLU 60 197 197 GLU GLU A . n 
A 1 61 SER 61 198 198 SER SER A . n 
A 1 62 GLN 62 199 199 GLN GLN A . n 
A 1 63 ASP 63 200 200 ASP ASP A . n 
A 1 64 ASP 64 201 201 ASP ASP A . n 
A 1 65 THR 65 202 202 THR THR A . n 
A 1 66 GLU 66 203 203 GLU GLU A . n 
A 1 67 GLN 67 204 204 GLN GLN A . n 
A 1 68 ALA 68 205 205 ALA ALA A . n 
A 1 69 LEU 69 206 206 LEU LEU A . n 
A 1 70 GLY 70 207 207 GLY GLY A . n 
A 1 71 ARG 71 208 208 ARG ARG A . n 
A 1 72 ASN 72 209 209 ASN ASN A . n 
A 1 73 ARG 73 210 210 ARG ARG A . n 
A 1 74 GLU 74 211 211 GLU GLU A . n 
A 1 75 LYS 75 212 212 LYS LYS A . n 
A 1 76 ILE 76 213 213 ILE ILE A . n 
A 1 77 GLY 77 214 214 GLY GLY A . n 
A 1 78 HIS 78 215 215 HIS HIS A . n 
A 1 79 ARG 79 216 216 ARG ARG A . n 
A 1 80 TYR 80 217 217 TYR TYR A . n 
A 1 81 ILE 81 218 218 ILE ILE A . n 
A 1 82 GLU 82 219 219 GLU GLU A . n 
A 1 83 ILE 83 220 220 ILE ILE A . n 
A 1 84 PHE 84 221 221 PHE PHE A . n 
A 1 85 ARG 85 222 222 ARG ARG A . n 
A 1 86 SER 86 223 223 SER SER A . n 
A 1 87 SER 87 224 224 SER SER A . n 
A 1 88 ILE 88 225 225 ILE ILE A . n 
A 1 89 ALA 89 226 226 ALA ALA A . n 
A 1 90 GLU 90 227 227 GLU GLU A . n 
A 1 91 MET 91 228 228 MET MET A . n 
A 1 92 LYS 92 229 229 LYS LYS A . n 
A 1 93 ARG 93 230 230 ARG ARG A . n 
A 1 94 ALA 94 231 231 ALA ALA A . n 
A 1 95 THR 95 232 232 THR THR A . n 
A 1 96 GLY 96 233 ?   ?   ?   A . n 
A 1 97 ALA 97 234 ?   ?   ?   A . n 
B 1 1  GLY 1  138 ?   ?   ?   B . n 
B 1 2  SER 2  139 ?   ?   ?   B . n 
B 1 3  HIS 3  140 ?   ?   ?   B . n 
B 1 4  MET 4  141 ?   ?   ?   B . n 
B 1 5  HIS 5  142 ?   ?   ?   B . n 
B 1 6  GLY 6  143 ?   ?   ?   B . n 
B 1 7  THR 7  144 144 THR THR B . n 
B 1 8  ALA 8  145 145 ALA ALA B . n 
B 1 9  PHE 9  146 146 PHE PHE B . n 
B 1 10 VAL 10 147 147 VAL VAL B . n 
B 1 11 VAL 11 148 148 VAL VAL B . n 
B 1 12 LYS 12 149 149 LYS LYS B . n 
B 1 13 LEU 13 150 150 LEU LEU B . n 
B 1 14 ARG 14 151 151 ARG ARG B . n 
B 1 15 GLY 15 152 152 GLY GLY B . n 
B 1 16 LEU 16 153 153 LEU LEU B . n 
B 1 17 PRO 17 154 154 PRO PRO B . n 
B 1 18 TYR 18 155 155 TYR TYR B . n 
B 1 19 ALA 19 156 156 ALA ALA B . n 
B 1 20 VAL 20 157 157 VAL VAL B . n 
B 1 21 THR 21 158 158 THR THR B . n 
B 1 22 GLU 22 159 159 GLU GLU B . n 
B 1 23 GLN 23 160 160 GLN GLN B . n 
B 1 24 GLN 24 161 161 GLN GLN B . n 
B 1 25 ILE 25 162 162 ILE ILE B . n 
B 1 26 GLU 26 163 163 GLU GLU B . n 
B 1 27 GLU 27 164 164 GLU GLU B . n 
B 1 28 PHE 28 165 165 PHE PHE B . n 
B 1 29 PHE 29 166 166 PHE PHE B . n 
B 1 30 SER 30 167 167 SER SER B . n 
B 1 31 GLY 31 168 168 GLY GLY B . n 
B 1 32 LEU 32 169 169 LEU LEU B . n 
B 1 33 ASP 33 170 170 ASP ASP B . n 
B 1 34 ILE 34 171 171 ILE ILE B . n 
B 1 35 LYS 35 172 172 LYS LYS B . n 
B 1 36 THR 36 173 173 THR THR B . n 
B 1 37 ASP 37 174 174 ASP ASP B . n 
B 1 38 ARG 38 175 175 ARG ARG B . n 
B 1 39 GLU 39 176 176 GLU GLU B . n 
B 1 40 GLY 40 177 177 GLY GLY B . n 
B 1 41 ILE 41 178 178 ILE ILE B . n 
B 1 42 LEU 42 179 179 LEU LEU B . n 
B 1 43 PHE 43 180 180 PHE PHE B . n 
B 1 44 VAL 44 181 181 VAL VAL B . n 
B 1 45 MET 45 182 182 MET MET B . n 
B 1 46 ASP 46 183 183 ASP ASP B . n 
B 1 47 ARG 47 184 184 ARG ARG B . n 
B 1 48 ARG 48 185 185 ARG ARG B . n 
B 1 49 GLY 49 186 186 GLY GLY B . n 
B 1 50 ARG 50 187 187 ARG ARG B . n 
B 1 51 ALA 51 188 188 ALA ALA B . n 
B 1 52 THR 52 189 189 THR THR B . n 
B 1 53 GLY 53 190 190 GLY GLY B . n 
B 1 54 GLU 54 191 191 GLU GLU B . n 
B 1 55 ALA 55 192 192 ALA ALA B . n 
B 1 56 PHE 56 193 193 PHE PHE B . n 
B 1 57 VAL 57 194 194 VAL VAL B . n 
B 1 58 GLN 58 195 195 GLN GLN B . n 
B 1 59 PHE 59 196 196 PHE PHE B . n 
B 1 60 GLU 60 197 197 GLU GLU B . n 
B 1 61 SER 61 198 198 SER SER B . n 
B 1 62 GLN 62 199 199 GLN GLN B . n 
B 1 63 ASP 63 200 200 ASP ASP B . n 
B 1 64 ASP 64 201 201 ASP ASP B . n 
B 1 65 THR 65 202 202 THR THR B . n 
B 1 66 GLU 66 203 203 GLU GLU B . n 
B 1 67 GLN 67 204 204 GLN GLN B . n 
B 1 68 ALA 68 205 205 ALA ALA B . n 
B 1 69 LEU 69 206 206 LEU LEU B . n 
B 1 70 GLY 70 207 207 GLY GLY B . n 
B 1 71 ARG 71 208 208 ARG ARG B . n 
B 1 72 ASN 72 209 209 ASN ASN B . n 
B 1 73 ARG 73 210 210 ARG ARG B . n 
B 1 74 GLU 74 211 211 GLU GLU B . n 
B 1 75 LYS 75 212 212 LYS LYS B . n 
B 1 76 ILE 76 213 213 ILE ILE B . n 
B 1 77 GLY 77 214 214 GLY GLY B . n 
B 1 78 HIS 78 215 215 HIS HIS B . n 
B 1 79 ARG 79 216 216 ARG ARG B . n 
B 1 80 TYR 80 217 217 TYR TYR B . n 
B 1 81 ILE 81 218 218 ILE ILE B . n 
B 1 82 GLU 82 219 219 GLU GLU B . n 
B 1 83 ILE 83 220 220 ILE ILE B . n 
B 1 84 PHE 84 221 221 PHE PHE B . n 
B 1 85 ARG 85 222 222 ARG ARG B . n 
B 1 86 SER 86 223 223 SER SER B . n 
B 1 87 SER 87 224 224 SER SER B . n 
B 1 88 ILE 88 225 225 ILE ILE B . n 
B 1 89 ALA 89 226 226 ALA ALA B . n 
B 1 90 GLU 90 227 227 GLU GLU B . n 
B 1 91 MET 91 228 228 MET MET B . n 
B 1 92 LYS 92 229 229 LYS LYS B . n 
B 1 93 ARG 93 230 230 ARG ARG B . n 
B 1 94 ALA 94 231 231 ALA ALA B . n 
B 1 95 THR 95 232 232 THR THR B . n 
B 1 96 GLY 96 233 ?   ?   ?   B . n 
B 1 97 ALA 97 234 ?   ?   ?   B . n 
# 
loop_
_pdbx_nonpoly_scheme.asym_id 
_pdbx_nonpoly_scheme.entity_id 
_pdbx_nonpoly_scheme.mon_id 
_pdbx_nonpoly_scheme.ndb_seq_num 
_pdbx_nonpoly_scheme.pdb_seq_num 
_pdbx_nonpoly_scheme.auth_seq_num 
_pdbx_nonpoly_scheme.pdb_mon_id 
_pdbx_nonpoly_scheme.auth_mon_id 
_pdbx_nonpoly_scheme.pdb_strand_id 
_pdbx_nonpoly_scheme.pdb_ins_code 
C 2 HOH 1  301 133 HOH HOH A . 
C 2 HOH 2  302 86  HOH HOH A . 
C 2 HOH 3  303 60  HOH HOH A . 
C 2 HOH 4  304 98  HOH HOH A . 
C 2 HOH 5  305 50  HOH HOH A . 
C 2 HOH 6  306 105 HOH HOH A . 
C 2 HOH 7  307 42  HOH HOH A . 
C 2 HOH 8  308 95  HOH HOH A . 
C 2 HOH 9  309 21  HOH HOH A . 
C 2 HOH 10 310 106 HOH HOH A . 
C 2 HOH 11 311 31  HOH HOH A . 
C 2 HOH 12 312 109 HOH HOH A . 
C 2 HOH 13 313 11  HOH HOH A . 
C 2 HOH 14 314 76  HOH HOH A . 
C 2 HOH 15 315 15  HOH HOH A . 
C 2 HOH 16 316 140 HOH HOH A . 
C 2 HOH 17 317 68  HOH HOH A . 
C 2 HOH 18 318 126 HOH HOH A . 
C 2 HOH 19 319 119 HOH HOH A . 
C 2 HOH 20 320 155 HOH HOH A . 
C 2 HOH 21 321 19  HOH HOH A . 
C 2 HOH 22 322 77  HOH HOH A . 
C 2 HOH 23 323 25  HOH HOH A . 
C 2 HOH 24 324 61  HOH HOH A . 
C 2 HOH 25 325 146 HOH HOH A . 
C 2 HOH 26 326 123 HOH HOH A . 
C 2 HOH 27 327 139 HOH HOH A . 
C 2 HOH 28 328 2   HOH HOH A . 
C 2 HOH 29 329 72  HOH HOH A . 
C 2 HOH 30 330 4   HOH HOH A . 
C 2 HOH 31 331 20  HOH HOH A . 
C 2 HOH 32 332 58  HOH HOH A . 
C 2 HOH 33 333 101 HOH HOH A . 
C 2 HOH 34 334 96  HOH HOH A . 
C 2 HOH 35 335 27  HOH HOH A . 
C 2 HOH 36 336 23  HOH HOH A . 
C 2 HOH 37 337 92  HOH HOH A . 
C 2 HOH 38 338 137 HOH HOH A . 
C 2 HOH 39 339 115 HOH HOH A . 
C 2 HOH 40 340 117 HOH HOH A . 
C 2 HOH 41 341 85  HOH HOH A . 
C 2 HOH 42 342 17  HOH HOH A . 
C 2 HOH 43 343 88  HOH HOH A . 
C 2 HOH 44 344 64  HOH HOH A . 
C 2 HOH 45 345 34  HOH HOH A . 
C 2 HOH 46 346 6   HOH HOH A . 
C 2 HOH 47 347 35  HOH HOH A . 
C 2 HOH 48 348 80  HOH HOH A . 
C 2 HOH 49 349 28  HOH HOH A . 
C 2 HOH 50 350 112 HOH HOH A . 
C 2 HOH 51 351 120 HOH HOH A . 
C 2 HOH 52 352 79  HOH HOH A . 
C 2 HOH 53 353 142 HOH HOH A . 
C 2 HOH 54 354 37  HOH HOH A . 
C 2 HOH 55 355 56  HOH HOH A . 
C 2 HOH 56 356 110 HOH HOH A . 
C 2 HOH 57 357 65  HOH HOH A . 
C 2 HOH 58 358 43  HOH HOH A . 
C 2 HOH 59 359 127 HOH HOH A . 
C 2 HOH 60 360 132 HOH HOH A . 
C 2 HOH 61 361 129 HOH HOH A . 
C 2 HOH 62 362 158 HOH HOH A . 
C 2 HOH 63 363 70  HOH HOH A . 
D 2 HOH 1  301 30  HOH HOH B . 
D 2 HOH 2  302 122 HOH HOH B . 
D 2 HOH 3  303 59  HOH HOH B . 
D 2 HOH 4  304 141 HOH HOH B . 
D 2 HOH 5  305 54  HOH HOH B . 
D 2 HOH 6  306 26  HOH HOH B . 
D 2 HOH 7  307 114 HOH HOH B . 
D 2 HOH 8  308 48  HOH HOH B . 
D 2 HOH 9  309 78  HOH HOH B . 
D 2 HOH 10 310 100 HOH HOH B . 
D 2 HOH 11 311 90  HOH HOH B . 
D 2 HOH 12 312 118 HOH HOH B . 
D 2 HOH 13 313 71  HOH HOH B . 
D 2 HOH 14 314 125 HOH HOH B . 
D 2 HOH 15 315 33  HOH HOH B . 
D 2 HOH 16 316 39  HOH HOH B . 
D 2 HOH 17 317 102 HOH HOH B . 
D 2 HOH 18 318 57  HOH HOH B . 
D 2 HOH 19 319 103 HOH HOH B . 
D 2 HOH 20 320 83  HOH HOH B . 
D 2 HOH 21 321 97  HOH HOH B . 
D 2 HOH 22 322 5   HOH HOH B . 
D 2 HOH 23 323 36  HOH HOH B . 
D 2 HOH 24 324 41  HOH HOH B . 
D 2 HOH 25 325 67  HOH HOH B . 
D 2 HOH 26 326 75  HOH HOH B . 
D 2 HOH 27 327 38  HOH HOH B . 
D 2 HOH 28 328 138 HOH HOH B . 
D 2 HOH 29 329 32  HOH HOH B . 
D 2 HOH 30 330 136 HOH HOH B . 
D 2 HOH 31 331 12  HOH HOH B . 
D 2 HOH 32 332 24  HOH HOH B . 
D 2 HOH 33 333 29  HOH HOH B . 
D 2 HOH 34 334 134 HOH HOH B . 
D 2 HOH 35 335 156 HOH HOH B . 
D 2 HOH 36 336 62  HOH HOH B . 
D 2 HOH 37 337 74  HOH HOH B . 
D 2 HOH 38 338 135 HOH HOH B . 
D 2 HOH 39 339 99  HOH HOH B . 
D 2 HOH 40 340 7   HOH HOH B . 
D 2 HOH 41 341 22  HOH HOH B . 
D 2 HOH 42 342 47  HOH HOH B . 
D 2 HOH 43 343 121 HOH HOH B . 
D 2 HOH 44 344 69  HOH HOH B . 
D 2 HOH 45 345 63  HOH HOH B . 
D 2 HOH 46 346 9   HOH HOH B . 
D 2 HOH 47 347 124 HOH HOH B . 
D 2 HOH 48 348 81  HOH HOH B . 
D 2 HOH 49 349 45  HOH HOH B . 
D 2 HOH 50 350 91  HOH HOH B . 
D 2 HOH 51 351 108 HOH HOH B . 
D 2 HOH 52 352 107 HOH HOH B . 
D 2 HOH 53 353 87  HOH HOH B . 
D 2 HOH 54 354 113 HOH HOH B . 
D 2 HOH 55 355 18  HOH HOH B . 
D 2 HOH 56 356 49  HOH HOH B . 
D 2 HOH 57 357 8   HOH HOH B . 
D 2 HOH 58 358 73  HOH HOH B . 
D 2 HOH 59 359 82  HOH HOH B . 
D 2 HOH 60 360 13  HOH HOH B . 
D 2 HOH 61 361 93  HOH HOH B . 
D 2 HOH 62 362 128 HOH HOH B . 
D 2 HOH 63 363 116 HOH HOH B . 
D 2 HOH 64 364 130 HOH HOH B . 
# 
loop_
_pdbx_struct_assembly.id 
_pdbx_struct_assembly.details 
_pdbx_struct_assembly.method_details 
_pdbx_struct_assembly.oligomeric_details 
_pdbx_struct_assembly.oligomeric_count 
1 author_and_software_defined_assembly PISA monomeric 1 
2 author_and_software_defined_assembly PISA monomeric 1 
# 
loop_
_pdbx_struct_assembly_gen.assembly_id 
_pdbx_struct_assembly_gen.oper_expression 
_pdbx_struct_assembly_gen.asym_id_list 
1 1 A,C 
2 1 B,D 
# 
_pdbx_struct_oper_list.id                   1 
_pdbx_struct_oper_list.type                 'identity operation' 
_pdbx_struct_oper_list.name                 1_555 
_pdbx_struct_oper_list.symmetry_operation   x,y,z 
_pdbx_struct_oper_list.matrix[1][1]         1.0000000000 
_pdbx_struct_oper_list.matrix[1][2]         0.0000000000 
_pdbx_struct_oper_list.matrix[1][3]         0.0000000000 
_pdbx_struct_oper_list.vector[1]            0.0000000000 
_pdbx_struct_oper_list.matrix[2][1]         0.0000000000 
_pdbx_struct_oper_list.matrix[2][2]         1.0000000000 
_pdbx_struct_oper_list.matrix[2][3]         0.0000000000 
_pdbx_struct_oper_list.vector[2]            0.0000000000 
_pdbx_struct_oper_list.matrix[3][1]         0.0000000000 
_pdbx_struct_oper_list.matrix[3][2]         0.0000000000 
_pdbx_struct_oper_list.matrix[3][3]         1.0000000000 
_pdbx_struct_oper_list.vector[3]            0.0000000000 
# 
loop_
_pdbx_audit_revision_history.ordinal 
_pdbx_audit_revision_history.data_content_type 
_pdbx_audit_revision_history.major_revision 
_pdbx_audit_revision_history.minor_revision 
_pdbx_audit_revision_history.revision_date 
1 'Structure model' 1 0 2017-03-22 
2 'Structure model' 1 1 2017-03-29 
3 'Structure model' 1 2 2017-04-19 
4 'Structure model' 1 3 2023-10-04 
# 
_pdbx_audit_revision_details.ordinal             1 
_pdbx_audit_revision_details.revision_ordinal    1 
_pdbx_audit_revision_details.data_content_type   'Structure model' 
_pdbx_audit_revision_details.provider            repository 
_pdbx_audit_revision_details.type                'Initial release' 
_pdbx_audit_revision_details.description         ? 
_pdbx_audit_revision_details.details             ? 
# 
loop_
_pdbx_audit_revision_group.ordinal 
_pdbx_audit_revision_group.revision_ordinal 
_pdbx_audit_revision_group.data_content_type 
_pdbx_audit_revision_group.group 
1 2 'Structure model' 'Database references'    
2 3 'Structure model' 'Database references'    
3 4 'Structure model' 'Data collection'        
4 4 'Structure model' 'Database references'    
5 4 'Structure model' 'Refinement description' 
# 
loop_
_pdbx_audit_revision_category.ordinal 
_pdbx_audit_revision_category.revision_ordinal 
_pdbx_audit_revision_category.data_content_type 
_pdbx_audit_revision_category.category 
1 4 'Structure model' chem_comp_atom                
2 4 'Structure model' chem_comp_bond                
3 4 'Structure model' database_2                    
4 4 'Structure model' pdbx_initial_refinement_model 
# 
loop_
_pdbx_audit_revision_item.ordinal 
_pdbx_audit_revision_item.revision_ordinal 
_pdbx_audit_revision_item.data_content_type 
_pdbx_audit_revision_item.item 
1 4 'Structure model' '_database_2.pdbx_DOI'                
2 4 'Structure model' '_database_2.pdbx_database_accession' 
# 
loop_
_software.citation_id 
_software.classification 
_software.compiler_name 
_software.compiler_version 
_software.contact_author 
_software.contact_author_email 
_software.date 
_software.description 
_software.dependencies 
_software.hardware 
_software.language 
_software.location 
_software.mods 
_software.name 
_software.os 
_software.os_version 
_software.type 
_software.version 
_software.pdbx_ordinal 
? refinement        ? ? ? ? ? ? ? ? ? ? ? PHENIX   ? ? ? '(1.10.1_2155)' 1 
? 'data collection' ? ? ? ? ? ? ? ? ? ? ? HKL-2000 ? ? ? .               2 
? 'data scaling'    ? ? ? ? ? ? ? ? ? ? ? HKL-2000 ? ? ? .               3 
? phasing           ? ? ? ? ? ? ? ? ? ? ? MOLREP   ? ? ? .               4 
? 'data reduction'  ? ? ? ? ? ? ? ? ? ? ? HKL-2000 ? ? ? .               5 
# 
loop_
_pdbx_validate_torsion.id 
_pdbx_validate_torsion.PDB_model_num 
_pdbx_validate_torsion.auth_comp_id 
_pdbx_validate_torsion.auth_asym_id 
_pdbx_validate_torsion.auth_seq_id 
_pdbx_validate_torsion.PDB_ins_code 
_pdbx_validate_torsion.label_alt_id 
_pdbx_validate_torsion.phi 
_pdbx_validate_torsion.psi 
1 1 PHE A 146 ? ? -84.23  47.30   
2 1 SER A 223 ? ? -143.93 -154.20 
3 1 SER B 223 ? ? -140.31 -149.85 
# 
loop_
_pdbx_unobs_or_zero_occ_residues.id 
_pdbx_unobs_or_zero_occ_residues.PDB_model_num 
_pdbx_unobs_or_zero_occ_residues.polymer_flag 
_pdbx_unobs_or_zero_occ_residues.occupancy_flag 
_pdbx_unobs_or_zero_occ_residues.auth_asym_id 
_pdbx_unobs_or_zero_occ_residues.auth_comp_id 
_pdbx_unobs_or_zero_occ_residues.auth_seq_id 
_pdbx_unobs_or_zero_occ_residues.PDB_ins_code 
_pdbx_unobs_or_zero_occ_residues.label_asym_id 
_pdbx_unobs_or_zero_occ_residues.label_comp_id 
_pdbx_unobs_or_zero_occ_residues.label_seq_id 
1  1 Y 1 A GLY 138 ? A GLY 1  
2  1 Y 1 A SER 139 ? A SER 2  
3  1 Y 1 A HIS 140 ? A HIS 3  
4  1 Y 1 A MET 141 ? A MET 4  
5  1 Y 1 A HIS 142 ? A HIS 5  
6  1 Y 1 A GLY 233 ? A GLY 96 
7  1 Y 1 A ALA 234 ? A ALA 97 
8  1 Y 1 B GLY 138 ? B GLY 1  
9  1 Y 1 B SER 139 ? B SER 2  
10 1 Y 1 B HIS 140 ? B HIS 3  
11 1 Y 1 B MET 141 ? B MET 4  
12 1 Y 1 B HIS 142 ? B HIS 5  
13 1 Y 1 B GLY 143 ? B GLY 6  
14 1 Y 1 B GLY 233 ? B GLY 96 
15 1 Y 1 B ALA 234 ? B ALA 97 
# 
loop_
_chem_comp_atom.comp_id 
_chem_comp_atom.atom_id 
_chem_comp_atom.type_symbol 
_chem_comp_atom.pdbx_aromatic_flag 
_chem_comp_atom.pdbx_stereo_config 
_chem_comp_atom.pdbx_ordinal 
ALA N    N N N 1   
ALA CA   C N S 2   
ALA C    C N N 3   
ALA O    O N N 4   
ALA CB   C N N 5   
ALA OXT  O N N 6   
ALA H    H N N 7   
ALA H2   H N N 8   
ALA HA   H N N 9   
ALA HB1  H N N 10  
ALA HB2  H N N 11  
ALA HB3  H N N 12  
ALA HXT  H N N 13  
ARG N    N N N 14  
ARG CA   C N S 15  
ARG C    C N N 16  
ARG O    O N N 17  
ARG CB   C N N 18  
ARG CG   C N N 19  
ARG CD   C N N 20  
ARG NE   N N N 21  
ARG CZ   C N N 22  
ARG NH1  N N N 23  
ARG NH2  N N N 24  
ARG OXT  O N N 25  
ARG H    H N N 26  
ARG H2   H N N 27  
ARG HA   H N N 28  
ARG HB2  H N N 29  
ARG HB3  H N N 30  
ARG HG2  H N N 31  
ARG HG3  H N N 32  
ARG HD2  H N N 33  
ARG HD3  H N N 34  
ARG HE   H N N 35  
ARG HH11 H N N 36  
ARG HH12 H N N 37  
ARG HH21 H N N 38  
ARG HH22 H N N 39  
ARG HXT  H N N 40  
ASN N    N N N 41  
ASN CA   C N S 42  
ASN C    C N N 43  
ASN O    O N N 44  
ASN CB   C N N 45  
ASN CG   C N N 46  
ASN OD1  O N N 47  
ASN ND2  N N N 48  
ASN OXT  O N N 49  
ASN H    H N N 50  
ASN H2   H N N 51  
ASN HA   H N N 52  
ASN HB2  H N N 53  
ASN HB3  H N N 54  
ASN HD21 H N N 55  
ASN HD22 H N N 56  
ASN HXT  H N N 57  
ASP N    N N N 58  
ASP CA   C N S 59  
ASP C    C N N 60  
ASP O    O N N 61  
ASP CB   C N N 62  
ASP CG   C N N 63  
ASP OD1  O N N 64  
ASP OD2  O N N 65  
ASP OXT  O N N 66  
ASP H    H N N 67  
ASP H2   H N N 68  
ASP HA   H N N 69  
ASP HB2  H N N 70  
ASP HB3  H N N 71  
ASP HD2  H N N 72  
ASP HXT  H N N 73  
GLN N    N N N 74  
GLN CA   C N S 75  
GLN C    C N N 76  
GLN O    O N N 77  
GLN CB   C N N 78  
GLN CG   C N N 79  
GLN CD   C N N 80  
GLN OE1  O N N 81  
GLN NE2  N N N 82  
GLN OXT  O N N 83  
GLN H    H N N 84  
GLN H2   H N N 85  
GLN HA   H N N 86  
GLN HB2  H N N 87  
GLN HB3  H N N 88  
GLN HG2  H N N 89  
GLN HG3  H N N 90  
GLN HE21 H N N 91  
GLN HE22 H N N 92  
GLN HXT  H N N 93  
GLU N    N N N 94  
GLU CA   C N S 95  
GLU C    C N N 96  
GLU O    O N N 97  
GLU CB   C N N 98  
GLU CG   C N N 99  
GLU CD   C N N 100 
GLU OE1  O N N 101 
GLU OE2  O N N 102 
GLU OXT  O N N 103 
GLU H    H N N 104 
GLU H2   H N N 105 
GLU HA   H N N 106 
GLU HB2  H N N 107 
GLU HB3  H N N 108 
GLU HG2  H N N 109 
GLU HG3  H N N 110 
GLU HE2  H N N 111 
GLU HXT  H N N 112 
GLY N    N N N 113 
GLY CA   C N N 114 
GLY C    C N N 115 
GLY O    O N N 116 
GLY OXT  O N N 117 
GLY H    H N N 118 
GLY H2   H N N 119 
GLY HA2  H N N 120 
GLY HA3  H N N 121 
GLY HXT  H N N 122 
HIS N    N N N 123 
HIS CA   C N S 124 
HIS C    C N N 125 
HIS O    O N N 126 
HIS CB   C N N 127 
HIS CG   C Y N 128 
HIS ND1  N Y N 129 
HIS CD2  C Y N 130 
HIS CE1  C Y N 131 
HIS NE2  N Y N 132 
HIS OXT  O N N 133 
HIS H    H N N 134 
HIS H2   H N N 135 
HIS HA   H N N 136 
HIS HB2  H N N 137 
HIS HB3  H N N 138 
HIS HD1  H N N 139 
HIS HD2  H N N 140 
HIS HE1  H N N 141 
HIS HE2  H N N 142 
HIS HXT  H N N 143 
HOH O    O N N 144 
HOH H1   H N N 145 
HOH H2   H N N 146 
ILE N    N N N 147 
ILE CA   C N S 148 
ILE C    C N N 149 
ILE O    O N N 150 
ILE CB   C N S 151 
ILE CG1  C N N 152 
ILE CG2  C N N 153 
ILE CD1  C N N 154 
ILE OXT  O N N 155 
ILE H    H N N 156 
ILE H2   H N N 157 
ILE HA   H N N 158 
ILE HB   H N N 159 
ILE HG12 H N N 160 
ILE HG13 H N N 161 
ILE HG21 H N N 162 
ILE HG22 H N N 163 
ILE HG23 H N N 164 
ILE HD11 H N N 165 
ILE HD12 H N N 166 
ILE HD13 H N N 167 
ILE HXT  H N N 168 
LEU N    N N N 169 
LEU CA   C N S 170 
LEU C    C N N 171 
LEU O    O N N 172 
LEU CB   C N N 173 
LEU CG   C N N 174 
LEU CD1  C N N 175 
LEU CD2  C N N 176 
LEU OXT  O N N 177 
LEU H    H N N 178 
LEU H2   H N N 179 
LEU HA   H N N 180 
LEU HB2  H N N 181 
LEU HB3  H N N 182 
LEU HG   H N N 183 
LEU HD11 H N N 184 
LEU HD12 H N N 185 
LEU HD13 H N N 186 
LEU HD21 H N N 187 
LEU HD22 H N N 188 
LEU HD23 H N N 189 
LEU HXT  H N N 190 
LYS N    N N N 191 
LYS CA   C N S 192 
LYS C    C N N 193 
LYS O    O N N 194 
LYS CB   C N N 195 
LYS CG   C N N 196 
LYS CD   C N N 197 
LYS CE   C N N 198 
LYS NZ   N N N 199 
LYS OXT  O N N 200 
LYS H    H N N 201 
LYS H2   H N N 202 
LYS HA   H N N 203 
LYS HB2  H N N 204 
LYS HB3  H N N 205 
LYS HG2  H N N 206 
LYS HG3  H N N 207 
LYS HD2  H N N 208 
LYS HD3  H N N 209 
LYS HE2  H N N 210 
LYS HE3  H N N 211 
LYS HZ1  H N N 212 
LYS HZ2  H N N 213 
LYS HZ3  H N N 214 
LYS HXT  H N N 215 
MET N    N N N 216 
MET CA   C N S 217 
MET C    C N N 218 
MET O    O N N 219 
MET CB   C N N 220 
MET CG   C N N 221 
MET SD   S N N 222 
MET CE   C N N 223 
MET OXT  O N N 224 
MET H    H N N 225 
MET H2   H N N 226 
MET HA   H N N 227 
MET HB2  H N N 228 
MET HB3  H N N 229 
MET HG2  H N N 230 
MET HG3  H N N 231 
MET HE1  H N N 232 
MET HE2  H N N 233 
MET HE3  H N N 234 
MET HXT  H N N 235 
PHE N    N N N 236 
PHE CA   C N S 237 
PHE C    C N N 238 
PHE O    O N N 239 
PHE CB   C N N 240 
PHE CG   C Y N 241 
PHE CD1  C Y N 242 
PHE CD2  C Y N 243 
PHE CE1  C Y N 244 
PHE CE2  C Y N 245 
PHE CZ   C Y N 246 
PHE OXT  O N N 247 
PHE H    H N N 248 
PHE H2   H N N 249 
PHE HA   H N N 250 
PHE HB2  H N N 251 
PHE HB3  H N N 252 
PHE HD1  H N N 253 
PHE HD2  H N N 254 
PHE HE1  H N N 255 
PHE HE2  H N N 256 
PHE HZ   H N N 257 
PHE HXT  H N N 258 
PRO N    N N N 259 
PRO CA   C N S 260 
PRO C    C N N 261 
PRO O    O N N 262 
PRO CB   C N N 263 
PRO CG   C N N 264 
PRO CD   C N N 265 
PRO OXT  O N N 266 
PRO H    H N N 267 
PRO HA   H N N 268 
PRO HB2  H N N 269 
PRO HB3  H N N 270 
PRO HG2  H N N 271 
PRO HG3  H N N 272 
PRO HD2  H N N 273 
PRO HD3  H N N 274 
PRO HXT  H N N 275 
SER N    N N N 276 
SER CA   C N S 277 
SER C    C N N 278 
SER O    O N N 279 
SER CB   C N N 280 
SER OG   O N N 281 
SER OXT  O N N 282 
SER H    H N N 283 
SER H2   H N N 284 
SER HA   H N N 285 
SER HB2  H N N 286 
SER HB3  H N N 287 
SER HG   H N N 288 
SER HXT  H N N 289 
THR N    N N N 290 
THR CA   C N S 291 
THR C    C N N 292 
THR O    O N N 293 
THR CB   C N R 294 
THR OG1  O N N 295 
THR CG2  C N N 296 
THR OXT  O N N 297 
THR H    H N N 298 
THR H2   H N N 299 
THR HA   H N N 300 
THR HB   H N N 301 
THR HG1  H N N 302 
THR HG21 H N N 303 
THR HG22 H N N 304 
THR HG23 H N N 305 
THR HXT  H N N 306 
TYR N    N N N 307 
TYR CA   C N S 308 
TYR C    C N N 309 
TYR O    O N N 310 
TYR CB   C N N 311 
TYR CG   C Y N 312 
TYR CD1  C Y N 313 
TYR CD2  C Y N 314 
TYR CE1  C Y N 315 
TYR CE2  C Y N 316 
TYR CZ   C Y N 317 
TYR OH   O N N 318 
TYR OXT  O N N 319 
TYR H    H N N 320 
TYR H2   H N N 321 
TYR HA   H N N 322 
TYR HB2  H N N 323 
TYR HB3  H N N 324 
TYR HD1  H N N 325 
TYR HD2  H N N 326 
TYR HE1  H N N 327 
TYR HE2  H N N 328 
TYR HH   H N N 329 
TYR HXT  H N N 330 
VAL N    N N N 331 
VAL CA   C N S 332 
VAL C    C N N 333 
VAL O    O N N 334 
VAL CB   C N N 335 
VAL CG1  C N N 336 
VAL CG2  C N N 337 
VAL OXT  O N N 338 
VAL H    H N N 339 
VAL H2   H N N 340 
VAL HA   H N N 341 
VAL HB   H N N 342 
VAL HG11 H N N 343 
VAL HG12 H N N 344 
VAL HG13 H N N 345 
VAL HG21 H N N 346 
VAL HG22 H N N 347 
VAL HG23 H N N 348 
VAL HXT  H N N 349 
# 
loop_
_chem_comp_bond.comp_id 
_chem_comp_bond.atom_id_1 
_chem_comp_bond.atom_id_2 
_chem_comp_bond.value_order 
_chem_comp_bond.pdbx_aromatic_flag 
_chem_comp_bond.pdbx_stereo_config 
_chem_comp_bond.pdbx_ordinal 
ALA N   CA   sing N N 1   
ALA N   H    sing N N 2   
ALA N   H2   sing N N 3   
ALA CA  C    sing N N 4   
ALA CA  CB   sing N N 5   
ALA CA  HA   sing N N 6   
ALA C   O    doub N N 7   
ALA C   OXT  sing N N 8   
ALA CB  HB1  sing N N 9   
ALA CB  HB2  sing N N 10  
ALA CB  HB3  sing N N 11  
ALA OXT HXT  sing N N 12  
ARG N   CA   sing N N 13  
ARG N   H    sing N N 14  
ARG N   H2   sing N N 15  
ARG CA  C    sing N N 16  
ARG CA  CB   sing N N 17  
ARG CA  HA   sing N N 18  
ARG C   O    doub N N 19  
ARG C   OXT  sing N N 20  
ARG CB  CG   sing N N 21  
ARG CB  HB2  sing N N 22  
ARG CB  HB3  sing N N 23  
ARG CG  CD   sing N N 24  
ARG CG  HG2  sing N N 25  
ARG CG  HG3  sing N N 26  
ARG CD  NE   sing N N 27  
ARG CD  HD2  sing N N 28  
ARG CD  HD3  sing N N 29  
ARG NE  CZ   sing N N 30  
ARG NE  HE   sing N N 31  
ARG CZ  NH1  sing N N 32  
ARG CZ  NH2  doub N N 33  
ARG NH1 HH11 sing N N 34  
ARG NH1 HH12 sing N N 35  
ARG NH2 HH21 sing N N 36  
ARG NH2 HH22 sing N N 37  
ARG OXT HXT  sing N N 38  
ASN N   CA   sing N N 39  
ASN N   H    sing N N 40  
ASN N   H2   sing N N 41  
ASN CA  C    sing N N 42  
ASN CA  CB   sing N N 43  
ASN CA  HA   sing N N 44  
ASN C   O    doub N N 45  
ASN C   OXT  sing N N 46  
ASN CB  CG   sing N N 47  
ASN CB  HB2  sing N N 48  
ASN CB  HB3  sing N N 49  
ASN CG  OD1  doub N N 50  
ASN CG  ND2  sing N N 51  
ASN ND2 HD21 sing N N 52  
ASN ND2 HD22 sing N N 53  
ASN OXT HXT  sing N N 54  
ASP N   CA   sing N N 55  
ASP N   H    sing N N 56  
ASP N   H2   sing N N 57  
ASP CA  C    sing N N 58  
ASP CA  CB   sing N N 59  
ASP CA  HA   sing N N 60  
ASP C   O    doub N N 61  
ASP C   OXT  sing N N 62  
ASP CB  CG   sing N N 63  
ASP CB  HB2  sing N N 64  
ASP CB  HB3  sing N N 65  
ASP CG  OD1  doub N N 66  
ASP CG  OD2  sing N N 67  
ASP OD2 HD2  sing N N 68  
ASP OXT HXT  sing N N 69  
GLN N   CA   sing N N 70  
GLN N   H    sing N N 71  
GLN N   H2   sing N N 72  
GLN CA  C    sing N N 73  
GLN CA  CB   sing N N 74  
GLN CA  HA   sing N N 75  
GLN C   O    doub N N 76  
GLN C   OXT  sing N N 77  
GLN CB  CG   sing N N 78  
GLN CB  HB2  sing N N 79  
GLN CB  HB3  sing N N 80  
GLN CG  CD   sing N N 81  
GLN CG  HG2  sing N N 82  
GLN CG  HG3  sing N N 83  
GLN CD  OE1  doub N N 84  
GLN CD  NE2  sing N N 85  
GLN NE2 HE21 sing N N 86  
GLN NE2 HE22 sing N N 87  
GLN OXT HXT  sing N N 88  
GLU N   CA   sing N N 89  
GLU N   H    sing N N 90  
GLU N   H2   sing N N 91  
GLU CA  C    sing N N 92  
GLU CA  CB   sing N N 93  
GLU CA  HA   sing N N 94  
GLU C   O    doub N N 95  
GLU C   OXT  sing N N 96  
GLU CB  CG   sing N N 97  
GLU CB  HB2  sing N N 98  
GLU CB  HB3  sing N N 99  
GLU CG  CD   sing N N 100 
GLU CG  HG2  sing N N 101 
GLU CG  HG3  sing N N 102 
GLU CD  OE1  doub N N 103 
GLU CD  OE2  sing N N 104 
GLU OE2 HE2  sing N N 105 
GLU OXT HXT  sing N N 106 
GLY N   CA   sing N N 107 
GLY N   H    sing N N 108 
GLY N   H2   sing N N 109 
GLY CA  C    sing N N 110 
GLY CA  HA2  sing N N 111 
GLY CA  HA3  sing N N 112 
GLY C   O    doub N N 113 
GLY C   OXT  sing N N 114 
GLY OXT HXT  sing N N 115 
HIS N   CA   sing N N 116 
HIS N   H    sing N N 117 
HIS N   H2   sing N N 118 
HIS CA  C    sing N N 119 
HIS CA  CB   sing N N 120 
HIS CA  HA   sing N N 121 
HIS C   O    doub N N 122 
HIS C   OXT  sing N N 123 
HIS CB  CG   sing N N 124 
HIS CB  HB2  sing N N 125 
HIS CB  HB3  sing N N 126 
HIS CG  ND1  sing Y N 127 
HIS CG  CD2  doub Y N 128 
HIS ND1 CE1  doub Y N 129 
HIS ND1 HD1  sing N N 130 
HIS CD2 NE2  sing Y N 131 
HIS CD2 HD2  sing N N 132 
HIS CE1 NE2  sing Y N 133 
HIS CE1 HE1  sing N N 134 
HIS NE2 HE2  sing N N 135 
HIS OXT HXT  sing N N 136 
HOH O   H1   sing N N 137 
HOH O   H2   sing N N 138 
ILE N   CA   sing N N 139 
ILE N   H    sing N N 140 
ILE N   H2   sing N N 141 
ILE CA  C    sing N N 142 
ILE CA  CB   sing N N 143 
ILE CA  HA   sing N N 144 
ILE C   O    doub N N 145 
ILE C   OXT  sing N N 146 
ILE CB  CG1  sing N N 147 
ILE CB  CG2  sing N N 148 
ILE CB  HB   sing N N 149 
ILE CG1 CD1  sing N N 150 
ILE CG1 HG12 sing N N 151 
ILE CG1 HG13 sing N N 152 
ILE CG2 HG21 sing N N 153 
ILE CG2 HG22 sing N N 154 
ILE CG2 HG23 sing N N 155 
ILE CD1 HD11 sing N N 156 
ILE CD1 HD12 sing N N 157 
ILE CD1 HD13 sing N N 158 
ILE OXT HXT  sing N N 159 
LEU N   CA   sing N N 160 
LEU N   H    sing N N 161 
LEU N   H2   sing N N 162 
LEU CA  C    sing N N 163 
LEU CA  CB   sing N N 164 
LEU CA  HA   sing N N 165 
LEU C   O    doub N N 166 
LEU C   OXT  sing N N 167 
LEU CB  CG   sing N N 168 
LEU CB  HB2  sing N N 169 
LEU CB  HB3  sing N N 170 
LEU CG  CD1  sing N N 171 
LEU CG  CD2  sing N N 172 
LEU CG  HG   sing N N 173 
LEU CD1 HD11 sing N N 174 
LEU CD1 HD12 sing N N 175 
LEU CD1 HD13 sing N N 176 
LEU CD2 HD21 sing N N 177 
LEU CD2 HD22 sing N N 178 
LEU CD2 HD23 sing N N 179 
LEU OXT HXT  sing N N 180 
LYS N   CA   sing N N 181 
LYS N   H    sing N N 182 
LYS N   H2   sing N N 183 
LYS CA  C    sing N N 184 
LYS CA  CB   sing N N 185 
LYS CA  HA   sing N N 186 
LYS C   O    doub N N 187 
LYS C   OXT  sing N N 188 
LYS CB  CG   sing N N 189 
LYS CB  HB2  sing N N 190 
LYS CB  HB3  sing N N 191 
LYS CG  CD   sing N N 192 
LYS CG  HG2  sing N N 193 
LYS CG  HG3  sing N N 194 
LYS CD  CE   sing N N 195 
LYS CD  HD2  sing N N 196 
LYS CD  HD3  sing N N 197 
LYS CE  NZ   sing N N 198 
LYS CE  HE2  sing N N 199 
LYS CE  HE3  sing N N 200 
LYS NZ  HZ1  sing N N 201 
LYS NZ  HZ2  sing N N 202 
LYS NZ  HZ3  sing N N 203 
LYS OXT HXT  sing N N 204 
MET N   CA   sing N N 205 
MET N   H    sing N N 206 
MET N   H2   sing N N 207 
MET CA  C    sing N N 208 
MET CA  CB   sing N N 209 
MET CA  HA   sing N N 210 
MET C   O    doub N N 211 
MET C   OXT  sing N N 212 
MET CB  CG   sing N N 213 
MET CB  HB2  sing N N 214 
MET CB  HB3  sing N N 215 
MET CG  SD   sing N N 216 
MET CG  HG2  sing N N 217 
MET CG  HG3  sing N N 218 
MET SD  CE   sing N N 219 
MET CE  HE1  sing N N 220 
MET CE  HE2  sing N N 221 
MET CE  HE3  sing N N 222 
MET OXT HXT  sing N N 223 
PHE N   CA   sing N N 224 
PHE N   H    sing N N 225 
PHE N   H2   sing N N 226 
PHE CA  C    sing N N 227 
PHE CA  CB   sing N N 228 
PHE CA  HA   sing N N 229 
PHE C   O    doub N N 230 
PHE C   OXT  sing N N 231 
PHE CB  CG   sing N N 232 
PHE CB  HB2  sing N N 233 
PHE CB  HB3  sing N N 234 
PHE CG  CD1  doub Y N 235 
PHE CG  CD2  sing Y N 236 
PHE CD1 CE1  sing Y N 237 
PHE CD1 HD1  sing N N 238 
PHE CD2 CE2  doub Y N 239 
PHE CD2 HD2  sing N N 240 
PHE CE1 CZ   doub Y N 241 
PHE CE1 HE1  sing N N 242 
PHE CE2 CZ   sing Y N 243 
PHE CE2 HE2  sing N N 244 
PHE CZ  HZ   sing N N 245 
PHE OXT HXT  sing N N 246 
PRO N   CA   sing N N 247 
PRO N   CD   sing N N 248 
PRO N   H    sing N N 249 
PRO CA  C    sing N N 250 
PRO CA  CB   sing N N 251 
PRO CA  HA   sing N N 252 
PRO C   O    doub N N 253 
PRO C   OXT  sing N N 254 
PRO CB  CG   sing N N 255 
PRO CB  HB2  sing N N 256 
PRO CB  HB3  sing N N 257 
PRO CG  CD   sing N N 258 
PRO CG  HG2  sing N N 259 
PRO CG  HG3  sing N N 260 
PRO CD  HD2  sing N N 261 
PRO CD  HD3  sing N N 262 
PRO OXT HXT  sing N N 263 
SER N   CA   sing N N 264 
SER N   H    sing N N 265 
SER N   H2   sing N N 266 
SER CA  C    sing N N 267 
SER CA  CB   sing N N 268 
SER CA  HA   sing N N 269 
SER C   O    doub N N 270 
SER C   OXT  sing N N 271 
SER CB  OG   sing N N 272 
SER CB  HB2  sing N N 273 
SER CB  HB3  sing N N 274 
SER OG  HG   sing N N 275 
SER OXT HXT  sing N N 276 
THR N   CA   sing N N 277 
THR N   H    sing N N 278 
THR N   H2   sing N N 279 
THR CA  C    sing N N 280 
THR CA  CB   sing N N 281 
THR CA  HA   sing N N 282 
THR C   O    doub N N 283 
THR C   OXT  sing N N 284 
THR CB  OG1  sing N N 285 
THR CB  CG2  sing N N 286 
THR CB  HB   sing N N 287 
THR OG1 HG1  sing N N 288 
THR CG2 HG21 sing N N 289 
THR CG2 HG22 sing N N 290 
THR CG2 HG23 sing N N 291 
THR OXT HXT  sing N N 292 
TYR N   CA   sing N N 293 
TYR N   H    sing N N 294 
TYR N   H2   sing N N 295 
TYR CA  C    sing N N 296 
TYR CA  CB   sing N N 297 
TYR CA  HA   sing N N 298 
TYR C   O    doub N N 299 
TYR C   OXT  sing N N 300 
TYR CB  CG   sing N N 301 
TYR CB  HB2  sing N N 302 
TYR CB  HB3  sing N N 303 
TYR CG  CD1  doub Y N 304 
TYR CG  CD2  sing Y N 305 
TYR CD1 CE1  sing Y N 306 
TYR CD1 HD1  sing N N 307 
TYR CD2 CE2  doub Y N 308 
TYR CD2 HD2  sing N N 309 
TYR CE1 CZ   doub Y N 310 
TYR CE1 HE1  sing N N 311 
TYR CE2 CZ   sing Y N 312 
TYR CE2 HE2  sing N N 313 
TYR CZ  OH   sing N N 314 
TYR OH  HH   sing N N 315 
TYR OXT HXT  sing N N 316 
VAL N   CA   sing N N 317 
VAL N   H    sing N N 318 
VAL N   H2   sing N N 319 
VAL CA  C    sing N N 320 
VAL CA  CB   sing N N 321 
VAL CA  HA   sing N N 322 
VAL C   O    doub N N 323 
VAL C   OXT  sing N N 324 
VAL CB  CG1  sing N N 325 
VAL CB  CG2  sing N N 326 
VAL CB  HB   sing N N 327 
VAL CG1 HG11 sing N N 328 
VAL CG1 HG12 sing N N 329 
VAL CG1 HG13 sing N N 330 
VAL CG2 HG21 sing N N 331 
VAL CG2 HG22 sing N N 332 
VAL CG2 HG23 sing N N 333 
VAL OXT HXT  sing N N 334 
# 
_pdbx_entity_nonpoly.entity_id   2 
_pdbx_entity_nonpoly.name        water 
_pdbx_entity_nonpoly.comp_id     HOH 
# 
_pdbx_initial_refinement_model.id               1 
_pdbx_initial_refinement_model.entity_id_list   ? 
_pdbx_initial_refinement_model.type             'experimental model' 
_pdbx_initial_refinement_model.source_name      PDB 
_pdbx_initial_refinement_model.accession_code   2KG0 
_pdbx_initial_refinement_model.details          ? 
# 
_pdbx_struct_assembly_auth_evidence.id                     1 
_pdbx_struct_assembly_auth_evidence.assembly_id            1 
_pdbx_struct_assembly_auth_evidence.experimental_support   none 
_pdbx_struct_assembly_auth_evidence.details                ? 
# 
